data_2CR5
#
_entry.id   2CR5
#
_entity_poly.entity_id   1
_entity_poly.type   'polypeptide(L)'
_entity_poly.pdbx_seq_one_letter_code
;GSSGSSGEVPDLPEEPSETAEEVVTVALRCPNGRVLRRRFFKSWNSQVLLDWMMKVGYHKSLYRLSTSFPRRALEVEGGS
SLEDIGITVDTVLNVEEKEQSSQSGPSSG
;
_entity_poly.pdbx_strand_id   A
#
# COMPACT_ATOMS: atom_id res chain seq x y z
N GLY A 1 27.75 7.92 -22.37
CA GLY A 1 26.73 7.23 -21.60
C GLY A 1 25.43 7.08 -22.37
N SER A 2 25.51 6.51 -23.58
CA SER A 2 24.34 6.32 -24.42
C SER A 2 23.99 4.84 -24.51
N SER A 3 23.21 4.36 -23.54
CA SER A 3 22.80 2.96 -23.51
C SER A 3 21.65 2.71 -24.48
N GLY A 4 21.50 1.45 -24.90
CA GLY A 4 20.43 1.11 -25.82
C GLY A 4 19.06 1.26 -25.21
N SER A 5 18.08 0.58 -25.79
CA SER A 5 16.70 0.64 -25.30
C SER A 5 16.50 -0.33 -24.15
N SER A 6 16.53 0.20 -22.92
CA SER A 6 16.35 -0.62 -21.72
C SER A 6 14.88 -0.87 -21.46
N GLY A 7 14.59 -1.67 -20.42
CA GLY A 7 13.22 -1.97 -20.08
C GLY A 7 12.57 -0.86 -19.27
N GLU A 8 11.25 -0.93 -19.13
CA GLU A 8 10.51 0.06 -18.38
C GLU A 8 10.09 -0.47 -17.01
N VAL A 9 10.37 0.31 -15.96
CA VAL A 9 10.04 -0.10 -14.60
C VAL A 9 9.67 1.12 -13.75
N PRO A 10 8.63 0.95 -12.92
CA PRO A 10 8.17 2.03 -12.03
C PRO A 10 9.15 2.32 -10.90
N ASP A 11 9.06 3.52 -10.35
CA ASP A 11 9.94 3.93 -9.26
C ASP A 11 9.17 4.70 -8.19
N LEU A 12 9.44 4.38 -6.93
CA LEU A 12 8.77 5.06 -5.82
C LEU A 12 9.50 6.33 -5.43
N PRO A 13 8.76 7.32 -4.91
CA PRO A 13 9.31 8.60 -4.49
C PRO A 13 10.18 8.48 -3.24
N GLU A 14 11.41 8.98 -3.31
CA GLU A 14 12.33 8.93 -2.19
C GLU A 14 11.58 9.06 -0.86
N GLU A 15 11.71 8.04 -0.02
CA GLU A 15 11.05 8.04 1.28
C GLU A 15 11.41 9.28 2.08
N PRO A 16 10.45 9.82 2.83
CA PRO A 16 10.65 11.01 3.66
C PRO A 16 11.55 10.74 4.86
N SER A 17 11.92 11.80 5.56
CA SER A 17 12.80 11.69 6.72
C SER A 17 11.98 11.46 7.99
N GLU A 18 12.67 11.33 9.12
CA GLU A 18 12.01 11.11 10.40
C GLU A 18 11.58 12.44 11.02
N THR A 19 12.16 13.53 10.53
CA THR A 19 11.84 14.85 11.04
C THR A 19 10.78 15.53 10.17
N ALA A 20 10.74 15.17 8.89
CA ALA A 20 9.78 15.74 7.96
C ALA A 20 8.38 15.76 8.55
N GLU A 21 7.74 16.93 8.53
CA GLU A 21 6.41 17.08 9.07
C GLU A 21 5.39 16.32 8.23
N GLU A 22 4.16 16.21 8.74
CA GLU A 22 3.10 15.50 8.03
C GLU A 22 3.61 14.18 7.45
N VAL A 23 4.34 13.44 8.27
CA VAL A 23 4.90 12.16 7.83
C VAL A 23 4.67 11.08 8.89
N VAL A 24 4.08 9.97 8.48
CA VAL A 24 3.80 8.86 9.38
C VAL A 24 4.72 7.67 9.09
N THR A 25 4.68 6.67 9.96
CA THR A 25 5.50 5.48 9.80
C THR A 25 4.63 4.25 9.55
N VAL A 26 4.56 3.83 8.29
CA VAL A 26 3.77 2.66 7.93
C VAL A 26 4.67 1.44 7.70
N ALA A 27 4.20 0.28 8.14
CA ALA A 27 4.95 -0.95 7.99
C ALA A 27 4.08 -2.05 7.37
N LEU A 28 4.59 -2.67 6.32
CA LEU A 28 3.86 -3.74 5.64
C LEU A 28 4.26 -5.11 6.19
N ARG A 29 3.25 -5.91 6.52
CA ARG A 29 3.49 -7.24 7.06
C ARG A 29 3.20 -8.31 6.00
N CYS A 30 4.26 -9.02 5.59
CA CYS A 30 4.13 -10.07 4.58
C CYS A 30 3.65 -11.37 5.22
N PRO A 31 2.93 -12.19 4.43
CA PRO A 31 2.40 -13.48 4.90
C PRO A 31 3.50 -14.50 5.13
N ASN A 32 4.74 -14.11 4.85
CA ASN A 32 5.89 -15.00 5.02
C ASN A 32 6.44 -14.88 6.44
N GLY A 33 6.24 -13.72 7.05
CA GLY A 33 6.74 -13.50 8.40
C GLY A 33 7.55 -12.23 8.52
N ARG A 34 8.18 -11.82 7.43
CA ARG A 34 8.99 -10.61 7.41
C ARG A 34 8.12 -9.37 7.49
N VAL A 35 8.71 -8.25 7.90
CA VAL A 35 7.98 -7.00 8.01
C VAL A 35 8.86 -5.82 7.60
N LEU A 36 8.36 -5.01 6.67
CA LEU A 36 9.10 -3.85 6.18
C LEU A 36 8.46 -2.56 6.69
N ARG A 37 9.29 -1.67 7.23
CA ARG A 37 8.82 -0.40 7.75
C ARG A 37 9.34 0.76 6.91
N ARG A 38 8.46 1.72 6.61
CA ARG A 38 8.84 2.88 5.81
C ARG A 38 7.94 4.07 6.14
N ARG A 39 8.47 5.27 5.91
CA ARG A 39 7.71 6.49 6.19
C ARG A 39 6.93 6.93 4.96
N PHE A 40 5.84 7.66 5.19
CA PHE A 40 5.00 8.14 4.10
C PHE A 40 4.25 9.40 4.52
N PHE A 41 4.39 10.47 3.72
CA PHE A 41 3.71 11.72 4.01
C PHE A 41 2.22 11.51 4.27
N LYS A 42 1.59 12.50 4.87
CA LYS A 42 0.17 12.43 5.19
C LYS A 42 -0.67 13.05 4.08
N SER A 43 0.01 13.61 3.08
CA SER A 43 -0.68 14.25 1.96
C SER A 43 -0.86 13.26 0.81
N TRP A 44 0.06 12.32 0.69
CA TRP A 44 -0.01 11.31 -0.37
C TRP A 44 -1.35 10.60 -0.37
N ASN A 45 -1.64 9.87 -1.44
CA ASN A 45 -2.89 9.15 -1.56
C ASN A 45 -2.65 7.64 -1.49
N SER A 46 -3.51 6.94 -0.75
CA SER A 46 -3.39 5.50 -0.59
C SER A 46 -2.88 4.85 -1.89
N GLN A 47 -3.29 5.41 -3.02
CA GLN A 47 -2.88 4.89 -4.31
C GLN A 47 -1.39 4.57 -4.32
N VAL A 48 -0.58 5.52 -3.87
CA VAL A 48 0.86 5.34 -3.83
C VAL A 48 1.22 4.00 -3.22
N LEU A 49 0.44 3.56 -2.25
CA LEU A 49 0.68 2.28 -1.59
C LEU A 49 0.73 1.14 -2.60
N LEU A 50 -0.31 1.05 -3.43
CA LEU A 50 -0.38 0.01 -4.45
C LEU A 50 0.95 -0.13 -5.19
N ASP A 51 1.56 1.00 -5.50
CA ASP A 51 2.84 1.02 -6.20
C ASP A 51 3.94 0.38 -5.34
N TRP A 52 3.99 0.78 -4.07
CA TRP A 52 4.99 0.25 -3.15
C TRP A 52 4.88 -1.26 -3.02
N MET A 53 3.65 -1.76 -3.14
CA MET A 53 3.40 -3.19 -3.04
C MET A 53 3.99 -3.94 -4.24
N MET A 54 3.79 -3.38 -5.43
CA MET A 54 4.29 -3.99 -6.65
C MET A 54 5.82 -4.02 -6.65
N LYS A 55 6.43 -3.18 -5.81
CA LYS A 55 7.88 -3.12 -5.72
C LYS A 55 8.42 -4.27 -4.89
N VAL A 56 7.82 -4.49 -3.72
CA VAL A 56 8.24 -5.57 -2.83
C VAL A 56 8.12 -6.93 -3.52
N GLY A 57 7.18 -7.03 -4.45
CA GLY A 57 6.97 -8.27 -5.17
C GLY A 57 5.56 -8.80 -5.02
N TYR A 58 4.63 -7.91 -4.70
CA TYR A 58 3.24 -8.30 -4.52
C TYR A 58 2.32 -7.41 -5.36
N HIS A 59 1.31 -8.03 -5.96
CA HIS A 59 0.36 -7.30 -6.80
C HIS A 59 -0.89 -6.93 -6.00
N LYS A 60 -1.58 -5.88 -6.44
CA LYS A 60 -2.78 -5.42 -5.77
C LYS A 60 -3.95 -6.36 -6.05
N SER A 61 -4.05 -6.83 -7.29
CA SER A 61 -5.11 -7.74 -7.69
C SER A 61 -4.93 -9.11 -7.05
N LEU A 62 -3.87 -9.25 -6.28
CA LEU A 62 -3.58 -10.51 -5.61
C LEU A 62 -3.64 -10.36 -4.09
N TYR A 63 -3.33 -9.14 -3.62
CA TYR A 63 -3.35 -8.86 -2.19
C TYR A 63 -3.97 -7.49 -1.92
N ARG A 64 -4.29 -7.23 -0.65
CA ARG A 64 -4.89 -5.96 -0.26
C ARG A 64 -4.27 -5.44 1.03
N LEU A 65 -4.48 -4.17 1.30
CA LEU A 65 -3.93 -3.53 2.51
C LEU A 65 -4.99 -3.47 3.61
N SER A 66 -4.66 -4.00 4.77
CA SER A 66 -5.58 -3.99 5.91
C SER A 66 -4.99 -3.22 7.09
N THR A 67 -5.84 -2.88 8.04
CA THR A 67 -5.41 -2.13 9.21
C THR A 67 -5.04 -3.07 10.36
N SER A 68 -4.53 -2.51 11.45
CA SER A 68 -4.14 -3.30 12.60
C SER A 68 -5.33 -3.57 13.52
N PHE A 69 -5.14 -4.45 14.48
CA PHE A 69 -6.20 -4.80 15.43
C PHE A 69 -6.87 -3.54 15.98
N PRO A 70 -8.19 -3.45 15.81
CA PRO A 70 -8.97 -4.48 15.11
C PRO A 70 -8.68 -4.53 13.62
N ARG A 71 -8.32 -5.72 13.13
CA ARG A 71 -8.00 -5.90 11.72
C ARG A 71 -9.27 -5.77 10.87
N ARG A 72 -9.15 -5.09 9.74
CA ARG A 72 -10.27 -4.91 8.84
C ARG A 72 -9.80 -4.71 7.39
N ALA A 73 -10.52 -5.32 6.46
CA ALA A 73 -10.17 -5.22 5.04
C ALA A 73 -10.40 -3.81 4.52
N LEU A 74 -9.32 -3.06 4.34
CA LEU A 74 -9.41 -1.70 3.84
C LEU A 74 -9.32 -1.66 2.32
N GLU A 75 -9.92 -0.63 1.73
CA GLU A 75 -9.90 -0.48 0.27
C GLU A 75 -9.51 0.94 -0.13
N VAL A 76 -8.31 1.09 -0.66
CA VAL A 76 -7.82 2.40 -1.08
C VAL A 76 -8.94 3.23 -1.68
N GLU A 77 -8.79 4.56 -1.61
CA GLU A 77 -9.80 5.47 -2.14
C GLU A 77 -9.17 6.45 -3.11
N GLY A 78 -9.61 6.40 -4.37
CA GLY A 78 -9.08 7.29 -5.39
C GLY A 78 -9.50 8.73 -5.17
N GLY A 79 -8.92 9.36 -4.15
CA GLY A 79 -9.25 10.75 -3.86
C GLY A 79 -8.93 11.12 -2.42
N SER A 80 -9.16 10.20 -1.50
CA SER A 80 -8.90 10.44 -0.09
C SER A 80 -7.42 10.24 0.23
N SER A 81 -6.87 11.13 1.05
CA SER A 81 -5.46 11.06 1.43
C SER A 81 -5.24 9.97 2.48
N LEU A 82 -3.98 9.62 2.70
CA LEU A 82 -3.63 8.59 3.68
C LEU A 82 -4.20 8.94 5.05
N GLU A 83 -4.04 10.19 5.45
CA GLU A 83 -4.54 10.65 6.75
C GLU A 83 -6.06 10.83 6.71
N ASP A 84 -6.60 11.02 5.52
CA ASP A 84 -8.04 11.20 5.34
C ASP A 84 -8.77 9.88 5.57
N ILE A 85 -8.18 8.79 5.11
CA ILE A 85 -8.78 7.46 5.26
C ILE A 85 -8.61 6.95 6.69
N GLY A 86 -7.52 7.33 7.33
CA GLY A 86 -7.27 6.90 8.69
C GLY A 86 -5.80 6.59 8.94
N ILE A 87 -4.92 7.35 8.30
CA ILE A 87 -3.48 7.14 8.45
C ILE A 87 -2.80 8.41 8.94
N THR A 88 -3.45 9.12 9.86
CA THR A 88 -2.90 10.35 10.41
C THR A 88 -1.77 10.07 11.39
N VAL A 89 -1.77 8.86 11.94
CA VAL A 89 -0.75 8.45 12.91
C VAL A 89 -0.14 7.11 12.53
N ASP A 90 1.07 6.85 13.00
CA ASP A 90 1.77 5.61 12.71
C ASP A 90 0.80 4.43 12.78
N THR A 91 0.77 3.64 11.71
CA THR A 91 -0.11 2.47 11.64
C THR A 91 0.60 1.28 11.00
N VAL A 92 0.06 0.09 11.22
CA VAL A 92 0.63 -1.13 10.66
C VAL A 92 -0.32 -1.79 9.67
N LEU A 93 0.20 -2.10 8.49
CA LEU A 93 -0.61 -2.75 7.45
C LEU A 93 -0.26 -4.22 7.32
N ASN A 94 -1.22 -5.02 6.88
CA ASN A 94 -1.01 -6.44 6.72
C ASN A 94 -1.49 -6.91 5.34
N VAL A 95 -0.54 -7.25 4.47
CA VAL A 95 -0.86 -7.71 3.13
C VAL A 95 -1.59 -9.05 3.16
N GLU A 96 -2.90 -9.01 2.91
CA GLU A 96 -3.70 -10.23 2.91
C GLU A 96 -4.08 -10.64 1.49
N GLU A 97 -4.41 -11.91 1.31
CA GLU A 97 -4.78 -12.43 0.00
C GLU A 97 -6.20 -11.99 -0.37
N LYS A 98 -6.33 -11.30 -1.50
CA LYS A 98 -7.62 -10.83 -1.97
C LYS A 98 -8.59 -12.00 -2.17
N GLU A 99 -9.87 -11.73 -1.98
CA GLU A 99 -10.90 -12.75 -2.13
C GLU A 99 -11.21 -12.99 -3.61
N GLN A 100 -10.65 -14.05 -4.17
CA GLN A 100 -10.87 -14.39 -5.57
C GLN A 100 -11.37 -15.82 -5.71
N SER A 101 -11.78 -16.18 -6.93
CA SER A 101 -12.28 -17.53 -7.20
C SER A 101 -12.07 -17.90 -8.66
N SER A 102 -11.46 -19.06 -8.89
CA SER A 102 -11.19 -19.53 -10.23
C SER A 102 -12.20 -20.60 -10.64
N GLN A 103 -13.46 -20.39 -10.28
CA GLN A 103 -14.52 -21.33 -10.61
C GLN A 103 -15.88 -20.66 -10.59
N SER A 104 -16.92 -21.42 -10.94
CA SER A 104 -18.28 -20.88 -10.97
C SER A 104 -19.30 -22.01 -11.12
N GLY A 105 -20.57 -21.65 -11.05
CA GLY A 105 -21.63 -22.63 -11.19
C GLY A 105 -22.91 -22.22 -10.48
N PRO A 106 -22.85 -22.12 -9.15
CA PRO A 106 -24.00 -21.73 -8.34
C PRO A 106 -24.38 -20.26 -8.52
N SER A 107 -25.67 -19.99 -8.54
CA SER A 107 -26.16 -18.62 -8.71
C SER A 107 -27.28 -18.31 -7.71
N SER A 108 -27.10 -17.23 -6.96
CA SER A 108 -28.09 -16.82 -5.97
C SER A 108 -28.91 -15.64 -6.47
N GLY A 109 -30.19 -15.61 -6.10
CA GLY A 109 -31.07 -14.53 -6.53
C GLY A 109 -31.37 -13.57 -5.40
N GLY A 1 -1.48 -10.53 -26.44
CA GLY A 1 -2.78 -10.03 -26.02
C GLY A 1 -2.68 -8.73 -25.26
N SER A 2 -2.76 -8.82 -23.93
CA SER A 2 -2.68 -7.62 -23.09
C SER A 2 -1.56 -7.76 -22.08
N SER A 3 -0.52 -6.94 -22.25
CA SER A 3 0.62 -6.97 -21.35
C SER A 3 0.60 -5.77 -20.40
N GLY A 4 1.29 -5.90 -19.27
CA GLY A 4 1.33 -4.82 -18.29
C GLY A 4 2.52 -3.91 -18.50
N SER A 5 3.56 -4.10 -17.70
CA SER A 5 4.76 -3.28 -17.80
C SER A 5 5.77 -3.90 -18.75
N SER A 6 5.59 -3.66 -20.04
CA SER A 6 6.49 -4.21 -21.05
C SER A 6 7.90 -3.64 -20.89
N GLY A 7 8.77 -4.41 -20.23
CA GLY A 7 10.13 -3.97 -20.01
C GLY A 7 10.22 -2.82 -19.03
N GLU A 8 9.76 -1.65 -19.46
CA GLU A 8 9.79 -0.46 -18.61
C GLU A 8 9.14 -0.74 -17.26
N VAL A 9 9.66 -0.11 -16.21
CA VAL A 9 9.12 -0.28 -14.87
C VAL A 9 9.17 1.02 -14.09
N PRO A 10 8.10 1.30 -13.33
CA PRO A 10 7.99 2.51 -12.51
C PRO A 10 8.95 2.49 -11.33
N ASP A 11 9.07 3.64 -10.66
CA ASP A 11 9.95 3.76 -9.51
C ASP A 11 9.23 4.45 -8.35
N LEU A 12 9.80 4.33 -7.15
CA LEU A 12 9.21 4.93 -5.96
C LEU A 12 9.88 6.28 -5.66
N PRO A 13 9.10 7.20 -5.05
CA PRO A 13 9.60 8.53 -4.69
C PRO A 13 10.62 8.49 -3.57
N GLU A 14 11.21 9.64 -3.26
CA GLU A 14 12.20 9.74 -2.21
C GLU A 14 11.54 9.63 -0.82
N GLU A 15 11.95 8.63 -0.06
CA GLU A 15 11.39 8.43 1.28
C GLU A 15 11.66 9.63 2.17
N PRO A 16 10.65 10.04 2.95
CA PRO A 16 10.74 11.18 3.86
C PRO A 16 11.66 10.89 5.04
N SER A 17 12.40 11.91 5.47
CA SER A 17 13.32 11.76 6.59
C SER A 17 12.55 11.70 7.92
N GLU A 18 13.07 10.92 8.86
CA GLU A 18 12.44 10.78 10.17
C GLU A 18 11.99 12.13 10.71
N THR A 19 12.85 13.14 10.55
CA THR A 19 12.54 14.49 11.02
C THR A 19 11.50 15.16 10.13
N ALA A 20 11.43 14.73 8.88
CA ALA A 20 10.47 15.28 7.94
C ALA A 20 9.12 15.53 8.60
N GLU A 21 8.51 16.67 8.27
CA GLU A 21 7.22 17.03 8.84
C GLU A 21 6.08 16.42 8.03
N GLU A 22 4.94 16.21 8.69
CA GLU A 22 3.78 15.62 8.03
C GLU A 22 4.11 14.26 7.43
N VAL A 23 4.83 13.45 8.21
CA VAL A 23 5.21 12.11 7.77
C VAL A 23 4.91 11.06 8.83
N VAL A 24 4.30 9.96 8.41
CA VAL A 24 3.95 8.88 9.32
C VAL A 24 4.74 7.62 9.00
N THR A 25 4.67 6.63 9.90
CA THR A 25 5.37 5.37 9.72
C THR A 25 4.42 4.26 9.32
N VAL A 26 4.39 3.94 8.03
CA VAL A 26 3.52 2.89 7.52
C VAL A 26 4.29 1.59 7.30
N ALA A 27 4.12 0.65 8.21
CA ALA A 27 4.80 -0.64 8.11
C ALA A 27 3.97 -1.65 7.32
N LEU A 28 4.64 -2.57 6.65
CA LEU A 28 3.96 -3.59 5.86
C LEU A 28 4.34 -4.99 6.33
N ARG A 29 3.34 -5.80 6.67
CA ARG A 29 3.57 -7.16 7.13
C ARG A 29 3.43 -8.15 5.97
N CYS A 30 4.52 -8.88 5.70
CA CYS A 30 4.51 -9.87 4.62
C CYS A 30 3.91 -11.18 5.10
N PRO A 31 3.33 -11.93 4.16
CA PRO A 31 2.70 -13.23 4.45
C PRO A 31 3.74 -14.30 4.80
N ASN A 32 5.01 -13.91 4.80
CA ASN A 32 6.09 -14.85 5.12
C ASN A 32 6.51 -14.70 6.58
N GLY A 33 6.30 -13.51 7.14
CA GLY A 33 6.67 -13.27 8.52
C GLY A 33 7.49 -12.01 8.69
N ARG A 34 8.21 -11.63 7.65
CA ARG A 34 9.05 -10.44 7.68
C ARG A 34 8.19 -9.18 7.75
N VAL A 35 8.80 -8.08 8.17
CA VAL A 35 8.10 -6.81 8.28
C VAL A 35 8.94 -5.66 7.74
N LEU A 36 8.43 -5.01 6.70
CA LEU A 36 9.13 -3.89 6.08
C LEU A 36 8.57 -2.56 6.56
N ARG A 37 9.43 -1.73 7.15
CA ARG A 37 9.02 -0.43 7.64
C ARG A 37 9.47 0.69 6.70
N ARG A 38 8.64 1.71 6.57
CA ARG A 38 8.93 2.85 5.69
C ARG A 38 8.05 4.05 6.03
N ARG A 39 8.61 5.24 5.86
CA ARG A 39 7.88 6.47 6.14
C ARG A 39 7.10 6.94 4.92
N PHE A 40 6.03 7.70 5.15
CA PHE A 40 5.20 8.20 4.06
C PHE A 40 4.49 9.48 4.48
N PHE A 41 4.64 10.53 3.68
CA PHE A 41 4.02 11.82 3.97
C PHE A 41 2.52 11.66 4.15
N LYS A 42 1.88 12.67 4.74
CA LYS A 42 0.45 12.64 4.98
C LYS A 42 -0.31 13.32 3.83
N SER A 43 0.44 13.81 2.85
CA SER A 43 -0.15 14.48 1.69
C SER A 43 -0.34 13.50 0.54
N TRP A 44 0.48 12.46 0.52
CA TRP A 44 0.41 11.45 -0.54
C TRP A 44 -0.96 10.78 -0.56
N ASN A 45 -1.31 10.19 -1.70
CA ASN A 45 -2.59 9.51 -1.85
C ASN A 45 -2.44 8.01 -1.64
N SER A 46 -3.36 7.43 -0.87
CA SER A 46 -3.33 6.01 -0.58
C SER A 46 -2.82 5.22 -1.79
N GLN A 47 -3.12 5.72 -2.98
CA GLN A 47 -2.68 5.06 -4.21
C GLN A 47 -1.21 4.67 -4.13
N VAL A 48 -0.36 5.62 -3.78
CA VAL A 48 1.08 5.36 -3.67
C VAL A 48 1.33 4.02 -2.99
N LEU A 49 0.48 3.67 -2.04
CA LEU A 49 0.62 2.41 -1.31
C LEU A 49 0.61 1.22 -2.27
N LEU A 50 -0.46 1.11 -3.05
CA LEU A 50 -0.59 0.01 -4.02
C LEU A 50 0.67 -0.10 -4.87
N ASP A 51 1.31 1.03 -5.13
CA ASP A 51 2.53 1.06 -5.94
C ASP A 51 3.70 0.45 -5.16
N TRP A 52 3.87 0.88 -3.92
CA TRP A 52 4.95 0.39 -3.08
C TRP A 52 4.79 -1.11 -2.82
N MET A 53 3.56 -1.57 -2.76
CA MET A 53 3.28 -2.98 -2.52
C MET A 53 3.72 -3.83 -3.72
N MET A 54 3.60 -3.26 -4.91
CA MET A 54 3.99 -3.96 -6.13
C MET A 54 5.51 -4.05 -6.26
N LYS A 55 6.21 -3.20 -5.49
CA LYS A 55 7.67 -3.17 -5.53
C LYS A 55 8.25 -4.26 -4.62
N VAL A 56 7.64 -4.43 -3.45
CA VAL A 56 8.09 -5.44 -2.50
C VAL A 56 7.96 -6.84 -3.07
N GLY A 57 7.04 -7.01 -4.01
CA GLY A 57 6.83 -8.31 -4.63
C GLY A 57 5.41 -8.81 -4.45
N TYR A 58 4.46 -7.89 -4.38
CA TYR A 58 3.06 -8.25 -4.20
C TYR A 58 2.15 -7.31 -4.99
N HIS A 59 1.34 -7.88 -5.88
CA HIS A 59 0.42 -7.10 -6.70
C HIS A 59 -0.85 -6.77 -5.93
N LYS A 60 -1.57 -5.76 -6.40
CA LYS A 60 -2.82 -5.35 -5.76
C LYS A 60 -3.96 -6.26 -6.15
N SER A 61 -4.13 -6.48 -7.45
CA SER A 61 -5.19 -7.35 -7.95
C SER A 61 -5.00 -8.78 -7.47
N LEU A 62 -3.87 -9.04 -6.83
CA LEU A 62 -3.57 -10.38 -6.32
C LEU A 62 -3.50 -10.37 -4.80
N TYR A 63 -3.34 -9.17 -4.23
CA TYR A 63 -3.26 -9.03 -2.78
C TYR A 63 -3.99 -7.77 -2.31
N ARG A 64 -4.62 -7.84 -1.14
CA ARG A 64 -5.34 -6.71 -0.59
C ARG A 64 -4.62 -6.16 0.65
N LEU A 65 -5.06 -4.98 1.10
CA LEU A 65 -4.47 -4.35 2.27
C LEU A 65 -5.46 -4.29 3.42
N SER A 66 -4.94 -4.16 4.64
CA SER A 66 -5.77 -4.09 5.83
C SER A 66 -5.04 -3.43 6.98
N THR A 67 -5.75 -3.21 8.09
CA THR A 67 -5.15 -2.58 9.26
C THR A 67 -5.09 -3.56 10.44
N SER A 68 -3.95 -3.57 11.13
CA SER A 68 -3.77 -4.46 12.26
C SER A 68 -5.02 -4.52 13.12
N PHE A 69 -5.10 -5.54 13.98
CA PHE A 69 -6.26 -5.71 14.86
C PHE A 69 -6.78 -4.35 15.34
N PRO A 70 -8.06 -4.10 15.08
CA PRO A 70 -8.94 -5.03 14.38
C PRO A 70 -8.57 -5.17 12.91
N ARG A 71 -8.58 -6.41 12.41
CA ARG A 71 -8.26 -6.68 11.02
C ARG A 71 -9.46 -6.44 10.12
N ARG A 72 -9.36 -5.45 9.24
CA ARG A 72 -10.44 -5.12 8.32
C ARG A 72 -9.90 -4.70 6.96
N ALA A 73 -10.61 -5.07 5.91
CA ALA A 73 -10.18 -4.74 4.54
C ALA A 73 -10.39 -3.25 4.26
N LEU A 74 -9.30 -2.52 4.16
CA LEU A 74 -9.36 -1.07 3.90
C LEU A 74 -9.54 -0.81 2.40
N GLU A 75 -10.08 0.37 2.08
CA GLU A 75 -10.31 0.74 0.69
C GLU A 75 -9.36 1.85 0.27
N VAL A 76 -8.91 1.80 -0.99
CA VAL A 76 -8.00 2.82 -1.51
C VAL A 76 -8.76 3.93 -2.23
N GLU A 77 -8.87 5.07 -1.57
CA GLU A 77 -9.56 6.22 -2.14
C GLU A 77 -8.61 7.11 -2.93
N GLY A 78 -8.91 7.29 -4.21
CA GLY A 78 -8.06 8.12 -5.06
C GLY A 78 -8.24 9.61 -4.77
N GLY A 79 -9.39 9.96 -4.21
CA GLY A 79 -9.66 11.36 -3.90
C GLY A 79 -9.17 11.75 -2.52
N SER A 80 -9.40 10.88 -1.55
CA SER A 80 -8.98 11.15 -0.17
C SER A 80 -7.55 10.69 0.06
N SER A 81 -6.70 11.62 0.49
CA SER A 81 -5.29 11.32 0.74
C SER A 81 -5.16 10.35 1.92
N LEU A 82 -3.91 10.01 2.24
CA LEU A 82 -3.64 9.09 3.34
C LEU A 82 -4.29 9.58 4.63
N GLU A 83 -4.14 10.87 4.91
CA GLU A 83 -4.71 11.46 6.11
C GLU A 83 -6.23 11.54 6.02
N ASP A 84 -6.73 11.75 4.80
CA ASP A 84 -8.16 11.83 4.57
C ASP A 84 -8.86 10.54 4.96
N ILE A 85 -8.23 9.42 4.65
CA ILE A 85 -8.78 8.11 4.97
C ILE A 85 -8.60 7.78 6.44
N GLY A 86 -7.52 8.29 7.04
CA GLY A 86 -7.25 8.04 8.44
C GLY A 86 -5.85 7.53 8.68
N ILE A 87 -4.87 8.22 8.12
CA ILE A 87 -3.47 7.83 8.28
C ILE A 87 -2.61 9.02 8.69
N THR A 88 -2.89 9.56 9.88
CA THR A 88 -2.14 10.69 10.40
C THR A 88 -1.16 10.25 11.48
N VAL A 89 -1.33 9.03 11.97
CA VAL A 89 -0.46 8.48 13.00
C VAL A 89 0.08 7.11 12.61
N ASP A 90 1.29 6.80 13.07
CA ASP A 90 1.91 5.51 12.77
C ASP A 90 0.87 4.41 12.70
N THR A 91 0.86 3.67 11.60
CA THR A 91 -0.09 2.59 11.40
C THR A 91 0.55 1.42 10.67
N VAL A 92 0.30 0.20 11.15
CA VAL A 92 0.85 -1.00 10.54
C VAL A 92 -0.19 -1.68 9.64
N LEU A 93 0.24 -2.04 8.43
CA LEU A 93 -0.65 -2.71 7.49
C LEU A 93 -0.33 -4.20 7.39
N ASN A 94 -1.20 -4.94 6.72
CA ASN A 94 -1.03 -6.38 6.57
C ASN A 94 -1.37 -6.82 5.15
N VAL A 95 -0.52 -7.66 4.57
CA VAL A 95 -0.74 -8.16 3.22
C VAL A 95 -1.27 -9.59 3.24
N GLU A 96 -2.55 -9.74 2.93
CA GLU A 96 -3.18 -11.05 2.90
C GLU A 96 -3.64 -11.42 1.50
N GLU A 97 -3.99 -12.69 1.31
CA GLU A 97 -4.44 -13.16 0.00
C GLU A 97 -5.91 -12.81 -0.24
N LYS A 98 -6.22 -12.37 -1.44
CA LYS A 98 -7.59 -12.00 -1.80
C LYS A 98 -8.48 -13.23 -1.87
N GLU A 99 -9.79 -13.01 -1.78
CA GLU A 99 -10.75 -14.10 -1.84
C GLU A 99 -11.71 -13.92 -3.01
N GLN A 100 -11.50 -14.71 -4.06
CA GLN A 100 -12.34 -14.64 -5.25
C GLN A 100 -13.23 -15.88 -5.36
N SER A 101 -14.26 -15.79 -6.20
CA SER A 101 -15.18 -16.90 -6.39
C SER A 101 -14.96 -17.56 -7.74
N SER A 102 -15.30 -16.84 -8.81
CA SER A 102 -15.13 -17.36 -10.17
C SER A 102 -14.60 -16.28 -11.10
N GLN A 103 -13.86 -16.71 -12.12
CA GLN A 103 -13.28 -15.76 -13.08
C GLN A 103 -13.60 -16.20 -14.51
N SER A 104 -14.83 -16.66 -14.72
CA SER A 104 -15.26 -17.10 -16.04
C SER A 104 -16.16 -16.06 -16.71
N GLY A 105 -16.23 -16.09 -18.03
CA GLY A 105 -17.05 -15.15 -18.76
C GLY A 105 -16.22 -14.15 -19.55
N PRO A 106 -16.91 -13.21 -20.20
CA PRO A 106 -16.25 -12.18 -21.01
C PRO A 106 -15.50 -11.16 -20.15
N SER A 107 -16.02 -10.91 -18.96
CA SER A 107 -15.40 -9.95 -18.04
C SER A 107 -14.48 -10.67 -17.06
N SER A 108 -13.18 -10.42 -17.18
CA SER A 108 -12.19 -11.05 -16.30
C SER A 108 -11.06 -10.07 -15.99
N GLY A 109 -11.02 -9.62 -14.73
CA GLY A 109 -9.98 -8.69 -14.32
C GLY A 109 -10.52 -7.31 -14.02
N GLY A 1 12.64 9.45 -30.13
CA GLY A 1 13.61 9.16 -29.09
C GLY A 1 13.04 8.29 -27.98
N SER A 2 12.86 7.00 -28.28
CA SER A 2 12.31 6.07 -27.31
C SER A 2 12.78 4.65 -27.61
N SER A 3 13.61 4.10 -26.72
CA SER A 3 14.13 2.76 -26.90
C SER A 3 13.03 1.80 -27.31
N GLY A 4 13.40 0.71 -27.98
CA GLY A 4 12.43 -0.27 -28.43
C GLY A 4 12.03 -1.23 -27.32
N SER A 5 11.05 -0.83 -26.51
CA SER A 5 10.57 -1.65 -25.42
C SER A 5 9.33 -1.03 -24.77
N SER A 6 8.66 -1.81 -23.92
CA SER A 6 7.46 -1.35 -23.25
C SER A 6 7.29 -2.05 -21.90
N GLY A 7 6.38 -1.53 -21.09
CA GLY A 7 6.13 -2.12 -19.78
C GLY A 7 7.40 -2.27 -18.96
N GLU A 8 7.83 -1.18 -18.34
CA GLU A 8 9.04 -1.19 -17.53
C GLU A 8 8.71 -0.96 -16.05
N VAL A 9 9.53 -1.53 -15.18
CA VAL A 9 9.32 -1.40 -13.74
C VAL A 9 9.00 0.05 -13.36
N PRO A 10 8.04 0.23 -12.45
CA PRO A 10 7.62 1.55 -11.99
C PRO A 10 8.68 2.23 -11.14
N ASP A 11 8.33 3.38 -10.54
CA ASP A 11 9.25 4.12 -9.71
C ASP A 11 8.55 4.68 -8.48
N LEU A 12 9.27 4.73 -7.36
CA LEU A 12 8.71 5.24 -6.12
C LEU A 12 9.18 6.66 -5.85
N PRO A 13 8.37 7.43 -5.11
CA PRO A 13 8.69 8.82 -4.77
C PRO A 13 9.83 8.92 -3.78
N GLU A 14 10.12 10.15 -3.34
CA GLU A 14 11.21 10.38 -2.39
C GLU A 14 10.76 10.08 -0.97
N GLU A 15 11.55 9.27 -0.26
CA GLU A 15 11.23 8.91 1.12
C GLU A 15 11.34 10.11 2.04
N PRO A 16 10.28 10.36 2.83
CA PRO A 16 10.23 11.48 3.76
C PRO A 16 11.17 11.28 4.94
N SER A 17 11.80 12.38 5.38
CA SER A 17 12.73 12.33 6.50
C SER A 17 12.00 12.02 7.80
N GLU A 18 12.72 11.40 8.74
CA GLU A 18 12.14 11.04 10.02
C GLU A 18 11.84 12.29 10.85
N THR A 19 12.42 13.41 10.46
CA THR A 19 12.21 14.68 11.15
C THR A 19 11.12 15.50 10.49
N ALA A 20 10.85 15.21 9.22
CA ALA A 20 9.82 15.92 8.47
C ALA A 20 8.43 15.67 9.06
N GLU A 21 7.73 16.74 9.39
CA GLU A 21 6.40 16.63 9.96
C GLU A 21 5.42 16.07 8.94
N GLU A 22 4.17 15.85 9.37
CA GLU A 22 3.13 15.32 8.49
C GLU A 22 3.60 14.01 7.85
N VAL A 23 4.31 13.20 8.62
CA VAL A 23 4.82 11.92 8.14
C VAL A 23 4.48 10.80 9.11
N VAL A 24 3.91 9.71 8.58
CA VAL A 24 3.53 8.56 9.39
C VAL A 24 4.42 7.36 9.08
N THR A 25 4.31 6.33 9.90
CA THR A 25 5.10 5.12 9.72
C THR A 25 4.21 3.95 9.29
N VAL A 26 4.31 3.57 8.02
CA VAL A 26 3.51 2.47 7.49
C VAL A 26 4.38 1.23 7.26
N ALA A 27 4.17 0.21 8.08
CA ALA A 27 4.93 -1.03 7.97
C ALA A 27 4.09 -2.13 7.33
N LEU A 28 4.60 -2.71 6.26
CA LEU A 28 3.90 -3.78 5.56
C LEU A 28 4.31 -5.16 6.09
N ARG A 29 3.33 -5.94 6.49
CA ARG A 29 3.59 -7.28 7.02
C ARG A 29 3.43 -8.34 5.93
N CYS A 30 4.53 -8.98 5.57
CA CYS A 30 4.51 -10.02 4.54
C CYS A 30 3.94 -11.31 5.08
N PRO A 31 3.30 -12.09 4.20
CA PRO A 31 2.68 -13.37 4.57
C PRO A 31 3.73 -14.44 4.89
N ASN A 32 5.00 -14.06 4.82
CA ASN A 32 6.09 -14.98 5.10
C ASN A 32 6.64 -14.75 6.50
N GLY A 33 6.40 -13.55 7.04
CA GLY A 33 6.89 -13.22 8.36
C GLY A 33 7.69 -11.94 8.38
N ARG A 34 8.34 -11.64 7.26
CA ARG A 34 9.16 -10.43 7.15
C ARG A 34 8.31 -9.18 7.33
N VAL A 35 8.93 -8.12 7.85
CA VAL A 35 8.23 -6.87 8.08
C VAL A 35 9.00 -5.69 7.50
N LEU A 36 8.39 -5.00 6.53
CA LEU A 36 9.03 -3.86 5.89
C LEU A 36 8.44 -2.55 6.41
N ARG A 37 9.30 -1.73 7.02
CA ARG A 37 8.87 -0.44 7.56
C ARG A 37 9.30 0.71 6.65
N ARG A 38 8.45 1.72 6.55
CA ARG A 38 8.74 2.88 5.70
C ARG A 38 7.82 4.05 6.05
N ARG A 39 8.36 5.25 5.98
CA ARG A 39 7.59 6.46 6.29
C ARG A 39 6.86 6.96 5.05
N PHE A 40 5.74 7.64 5.28
CA PHE A 40 4.95 8.18 4.17
C PHE A 40 4.15 9.40 4.62
N PHE A 41 4.30 10.51 3.91
CA PHE A 41 3.60 11.74 4.23
C PHE A 41 2.10 11.48 4.41
N LYS A 42 1.41 12.43 5.03
CA LYS A 42 -0.02 12.31 5.26
C LYS A 42 -0.81 12.97 4.14
N SER A 43 -0.10 13.59 3.20
CA SER A 43 -0.73 14.26 2.07
C SER A 43 -0.89 13.31 0.90
N TRP A 44 0.02 12.35 0.80
CA TRP A 44 -0.01 11.37 -0.29
C TRP A 44 -1.34 10.63 -0.31
N ASN A 45 -1.62 9.95 -1.42
CA ASN A 45 -2.85 9.20 -1.57
C ASN A 45 -2.60 7.69 -1.47
N SER A 46 -3.44 7.00 -0.70
CA SER A 46 -3.30 5.56 -0.52
C SER A 46 -2.79 4.90 -1.79
N GLN A 47 -3.19 5.45 -2.94
CA GLN A 47 -2.77 4.91 -4.23
C GLN A 47 -1.28 4.63 -4.25
N VAL A 48 -0.49 5.61 -3.82
CA VAL A 48 0.95 5.48 -3.79
C VAL A 48 1.36 4.13 -3.21
N LEU A 49 0.58 3.65 -2.24
CA LEU A 49 0.86 2.37 -1.60
C LEU A 49 0.91 1.24 -2.63
N LEU A 50 -0.19 1.07 -3.36
CA LEU A 50 -0.28 0.03 -4.38
C LEU A 50 1.05 -0.13 -5.10
N ASP A 51 1.69 0.99 -5.41
CA ASP A 51 2.98 0.96 -6.10
C ASP A 51 4.05 0.28 -5.24
N TRP A 52 4.15 0.70 -3.99
CA TRP A 52 5.13 0.14 -3.07
C TRP A 52 4.96 -1.37 -2.96
N MET A 53 3.72 -1.83 -3.07
CA MET A 53 3.43 -3.26 -2.98
C MET A 53 4.03 -4.01 -4.16
N MET A 54 3.86 -3.46 -5.36
CA MET A 54 4.38 -4.07 -6.58
C MET A 54 5.91 -4.10 -6.55
N LYS A 55 6.49 -3.27 -5.70
CA LYS A 55 7.95 -3.20 -5.58
C LYS A 55 8.48 -4.32 -4.71
N VAL A 56 7.88 -4.50 -3.53
CA VAL A 56 8.30 -5.55 -2.61
C VAL A 56 8.15 -6.93 -3.24
N GLY A 57 7.28 -7.03 -4.25
CA GLY A 57 7.06 -8.30 -4.92
C GLY A 57 5.66 -8.84 -4.70
N TYR A 58 4.68 -7.95 -4.73
CA TYR A 58 3.29 -8.34 -4.53
C TYR A 58 2.35 -7.44 -5.35
N HIS A 59 1.33 -8.06 -5.94
CA HIS A 59 0.36 -7.31 -6.74
C HIS A 59 -0.86 -6.92 -5.90
N LYS A 60 -1.55 -5.88 -6.34
CA LYS A 60 -2.73 -5.41 -5.63
C LYS A 60 -3.91 -6.35 -5.83
N SER A 61 -4.04 -6.87 -7.04
CA SER A 61 -5.13 -7.79 -7.37
C SER A 61 -4.91 -9.14 -6.69
N LEU A 62 -3.75 -9.31 -6.09
CA LEU A 62 -3.42 -10.55 -5.40
C LEU A 62 -3.42 -10.36 -3.89
N TYR A 63 -3.21 -9.12 -3.45
CA TYR A 63 -3.18 -8.80 -2.03
C TYR A 63 -3.69 -7.39 -1.78
N ARG A 64 -4.34 -7.19 -0.65
CA ARG A 64 -4.88 -5.89 -0.28
C ARG A 64 -4.19 -5.33 0.96
N LEU A 65 -4.67 -4.19 1.43
CA LEU A 65 -4.09 -3.55 2.61
C LEU A 65 -5.10 -3.49 3.75
N SER A 66 -4.73 -4.05 4.90
CA SER A 66 -5.61 -4.07 6.06
C SER A 66 -4.90 -3.50 7.28
N THR A 67 -5.67 -3.03 8.26
CA THR A 67 -5.12 -2.46 9.47
C THR A 67 -4.90 -3.53 10.53
N SER A 68 -4.13 -3.20 11.56
CA SER A 68 -3.84 -4.14 12.64
C SER A 68 -5.05 -4.32 13.53
N PHE A 69 -4.96 -5.28 14.45
CA PHE A 69 -6.05 -5.56 15.38
C PHE A 69 -6.66 -4.27 15.91
N PRO A 70 -7.98 -4.11 15.71
CA PRO A 70 -8.80 -5.10 15.02
C PRO A 70 -8.49 -5.18 13.53
N ARG A 71 -8.17 -6.39 13.07
CA ARG A 71 -7.85 -6.60 11.66
C ARG A 71 -9.09 -6.44 10.79
N ARG A 72 -9.10 -5.41 9.95
CA ARG A 72 -10.23 -5.15 9.07
C ARG A 72 -9.75 -4.87 7.65
N ALA A 73 -10.63 -5.10 6.68
CA ALA A 73 -10.29 -4.86 5.28
C ALA A 73 -10.48 -3.40 4.91
N LEU A 74 -9.38 -2.73 4.56
CA LEU A 74 -9.43 -1.33 4.18
C LEU A 74 -9.61 -1.17 2.67
N GLU A 75 -10.06 0.01 2.26
CA GLU A 75 -10.26 0.29 0.84
C GLU A 75 -9.49 1.52 0.40
N VAL A 76 -8.92 1.46 -0.81
CA VAL A 76 -8.15 2.58 -1.34
C VAL A 76 -9.06 3.66 -1.89
N GLU A 77 -9.41 4.62 -1.05
CA GLU A 77 -10.28 5.72 -1.45
C GLU A 77 -9.46 6.90 -1.97
N GLY A 78 -9.26 6.94 -3.28
CA GLY A 78 -8.49 8.02 -3.88
C GLY A 78 -8.89 9.38 -3.35
N GLY A 79 -10.13 9.78 -3.62
CA GLY A 79 -10.61 11.07 -3.15
C GLY A 79 -10.03 11.45 -1.80
N SER A 80 -9.98 10.49 -0.88
CA SER A 80 -9.46 10.73 0.45
C SER A 80 -7.96 10.40 0.52
N SER A 81 -7.21 11.22 1.24
CA SER A 81 -5.78 11.02 1.39
C SER A 81 -5.49 9.89 2.38
N LEU A 82 -4.20 9.66 2.63
CA LEU A 82 -3.78 8.62 3.56
C LEU A 82 -4.34 8.87 4.96
N GLU A 83 -4.25 10.13 5.40
CA GLU A 83 -4.75 10.50 6.72
C GLU A 83 -6.28 10.51 6.74
N ASP A 84 -6.88 10.77 5.58
CA ASP A 84 -8.33 10.81 5.46
C ASP A 84 -8.93 9.42 5.67
N ILE A 85 -8.28 8.41 5.11
CA ILE A 85 -8.74 7.04 5.22
C ILE A 85 -8.57 6.52 6.65
N GLY A 86 -7.56 7.03 7.34
CA GLY A 86 -7.30 6.62 8.70
C GLY A 86 -5.83 6.32 8.95
N ILE A 87 -4.96 7.19 8.44
CA ILE A 87 -3.53 7.03 8.61
C ILE A 87 -2.88 8.31 9.14
N THR A 88 -3.64 9.06 9.94
CA THR A 88 -3.15 10.29 10.53
C THR A 88 -2.00 10.03 11.49
N VAL A 89 -1.91 8.80 11.98
CA VAL A 89 -0.86 8.43 12.92
C VAL A 89 -0.27 7.06 12.56
N ASP A 90 0.89 6.77 13.12
CA ASP A 90 1.56 5.49 12.86
C ASP A 90 0.56 4.36 12.74
N THR A 91 0.64 3.62 11.64
CA THR A 91 -0.27 2.51 11.40
C THR A 91 0.43 1.38 10.66
N VAL A 92 0.19 0.15 11.10
CA VAL A 92 0.79 -1.02 10.49
C VAL A 92 -0.19 -1.73 9.56
N LEU A 93 0.19 -1.91 8.31
CA LEU A 93 -0.65 -2.58 7.33
C LEU A 93 -0.19 -4.02 7.09
N ASN A 94 -1.15 -4.90 6.84
CA ASN A 94 -0.84 -6.31 6.61
C ASN A 94 -1.29 -6.73 5.21
N VAL A 95 -0.44 -7.51 4.53
CA VAL A 95 -0.75 -7.98 3.18
C VAL A 95 -1.55 -9.27 3.22
N GLU A 96 -2.85 -9.15 2.99
CA GLU A 96 -3.74 -10.31 3.00
C GLU A 96 -4.10 -10.74 1.58
N GLU A 97 -4.67 -11.93 1.45
CA GLU A 97 -5.06 -12.46 0.15
C GLU A 97 -6.45 -11.96 -0.25
N LYS A 98 -6.56 -11.37 -1.43
CA LYS A 98 -7.83 -10.86 -1.92
C LYS A 98 -8.82 -12.00 -2.16
N GLU A 99 -10.10 -11.65 -2.21
CA GLU A 99 -11.15 -12.64 -2.42
C GLU A 99 -11.36 -12.90 -3.91
N GLN A 100 -12.19 -13.88 -4.23
CA GLN A 100 -12.47 -14.23 -5.61
C GLN A 100 -13.54 -13.32 -6.20
N SER A 101 -14.66 -13.19 -5.49
CA SER A 101 -15.76 -12.35 -5.94
C SER A 101 -15.35 -10.88 -5.97
N SER A 102 -15.16 -10.35 -7.18
CA SER A 102 -14.76 -8.95 -7.34
C SER A 102 -15.50 -8.06 -6.35
N GLN A 103 -16.81 -8.21 -6.29
CA GLN A 103 -17.63 -7.42 -5.38
C GLN A 103 -17.34 -7.77 -3.92
N SER A 104 -16.96 -6.77 -3.14
CA SER A 104 -16.65 -6.97 -1.73
C SER A 104 -17.81 -6.53 -0.85
N GLY A 105 -17.99 -7.22 0.27
CA GLY A 105 -19.07 -6.89 1.18
C GLY A 105 -20.44 -7.16 0.60
N PRO A 106 -20.86 -8.43 0.63
CA PRO A 106 -22.15 -8.86 0.11
C PRO A 106 -23.32 -8.35 0.94
N SER A 107 -23.81 -7.16 0.62
CA SER A 107 -24.92 -6.56 1.35
C SER A 107 -24.60 -6.46 2.84
N SER A 108 -23.36 -6.07 3.15
CA SER A 108 -22.93 -5.94 4.54
C SER A 108 -22.22 -4.61 4.76
N GLY A 109 -22.57 -3.92 5.84
CA GLY A 109 -21.97 -2.64 6.14
C GLY A 109 -22.14 -1.64 5.03
N GLY A 1 26.68 -5.54 -27.07
CA GLY A 1 25.94 -4.29 -27.03
C GLY A 1 25.46 -3.95 -25.63
N SER A 2 24.90 -2.76 -25.48
CA SER A 2 24.40 -2.30 -24.18
C SER A 2 22.93 -1.89 -24.27
N SER A 3 22.08 -2.61 -23.55
CA SER A 3 20.65 -2.32 -23.56
C SER A 3 20.40 -0.84 -23.29
N GLY A 4 19.29 -0.32 -23.82
CA GLY A 4 18.95 1.06 -23.62
C GLY A 4 18.76 1.42 -22.16
N SER A 5 18.35 2.66 -21.89
CA SER A 5 18.14 3.12 -20.53
C SER A 5 16.83 2.55 -19.97
N SER A 6 16.90 1.95 -18.79
CA SER A 6 15.73 1.37 -18.15
C SER A 6 14.63 2.43 -17.97
N GLY A 7 13.44 2.11 -18.46
CA GLY A 7 12.32 3.04 -18.35
C GLY A 7 10.99 2.38 -18.65
N GLU A 8 10.82 1.16 -18.16
CA GLU A 8 9.58 0.41 -18.38
C GLU A 8 8.87 0.16 -17.06
N VAL A 9 9.49 0.56 -15.96
CA VAL A 9 8.92 0.37 -14.63
C VAL A 9 8.97 1.65 -13.82
N PRO A 10 7.87 1.96 -13.12
CA PRO A 10 7.77 3.15 -12.29
C PRO A 10 8.65 3.09 -11.05
N ASP A 11 8.91 4.24 -10.44
CA ASP A 11 9.74 4.31 -9.25
C ASP A 11 9.04 5.09 -8.14
N LEU A 12 9.27 4.69 -6.89
CA LEU A 12 8.67 5.36 -5.75
C LEU A 12 9.37 6.67 -5.44
N PRO A 13 8.63 7.63 -4.90
CA PRO A 13 9.16 8.95 -4.54
C PRO A 13 10.11 8.89 -3.35
N GLU A 14 11.11 9.78 -3.35
CA GLU A 14 12.09 9.82 -2.27
C GLU A 14 11.40 9.80 -0.91
N GLU A 15 11.77 8.83 -0.08
CA GLU A 15 11.19 8.70 1.25
C GLU A 15 11.41 9.98 2.06
N PRO A 16 10.40 10.35 2.86
CA PRO A 16 10.46 11.55 3.71
C PRO A 16 11.45 11.39 4.87
N SER A 17 11.93 12.52 5.37
CA SER A 17 12.89 12.51 6.48
C SER A 17 12.16 12.41 7.82
N GLU A 18 12.79 11.73 8.77
CA GLU A 18 12.20 11.55 10.09
C GLU A 18 11.70 12.88 10.65
N THR A 19 12.39 13.96 10.31
CA THR A 19 12.02 15.29 10.77
C THR A 19 10.88 15.86 9.93
N ALA A 20 10.74 15.35 8.71
CA ALA A 20 9.70 15.82 7.81
C ALA A 20 8.35 15.90 8.52
N GLU A 21 7.66 17.02 8.34
CA GLU A 21 6.36 17.23 8.97
C GLU A 21 5.26 16.55 8.17
N GLU A 22 4.17 16.18 8.85
CA GLU A 22 3.04 15.52 8.21
C GLU A 22 3.47 14.19 7.59
N VAL A 23 4.26 13.43 8.35
CA VAL A 23 4.74 12.14 7.88
C VAL A 23 4.51 11.06 8.93
N VAL A 24 4.06 9.89 8.47
CA VAL A 24 3.79 8.77 9.37
C VAL A 24 4.70 7.58 9.05
N THR A 25 4.67 6.58 9.92
CA THR A 25 5.50 5.38 9.73
C THR A 25 4.63 4.17 9.42
N VAL A 26 4.57 3.81 8.14
CA VAL A 26 3.78 2.67 7.70
C VAL A 26 4.64 1.42 7.60
N ALA A 27 4.08 0.28 8.02
CA ALA A 27 4.81 -0.99 7.98
C ALA A 27 3.97 -2.06 7.31
N LEU A 28 4.46 -2.57 6.17
CA LEU A 28 3.76 -3.61 5.43
C LEU A 28 4.14 -4.99 5.94
N ARG A 29 3.14 -5.77 6.35
CA ARG A 29 3.37 -7.11 6.87
C ARG A 29 3.06 -8.16 5.79
N CYS A 30 4.06 -8.96 5.46
CA CYS A 30 3.90 -10.00 4.45
C CYS A 30 3.38 -11.30 5.07
N PRO A 31 2.66 -12.10 4.27
CA PRO A 31 2.11 -13.37 4.73
C PRO A 31 3.17 -14.42 4.98
N ASN A 32 4.42 -14.06 4.68
CA ASN A 32 5.54 -14.98 4.88
C ASN A 32 6.12 -14.85 6.29
N GLY A 33 5.85 -13.71 6.93
CA GLY A 33 6.35 -13.47 8.26
C GLY A 33 7.19 -12.23 8.37
N ARG A 34 7.85 -11.86 7.27
CA ARG A 34 8.69 -10.68 7.24
C ARG A 34 7.85 -9.40 7.14
N VAL A 35 8.40 -8.30 7.63
CA VAL A 35 7.69 -7.02 7.60
C VAL A 35 8.66 -5.88 7.35
N LEU A 36 8.34 -5.03 6.37
CA LEU A 36 9.17 -3.88 6.04
C LEU A 36 8.55 -2.58 6.53
N ARG A 37 9.39 -1.70 7.07
CA ARG A 37 8.93 -0.42 7.58
C ARG A 37 9.36 0.72 6.67
N ARG A 38 8.57 1.79 6.65
CA ARG A 38 8.88 2.95 5.82
C ARG A 38 8.00 4.15 6.20
N ARG A 39 8.43 5.33 5.80
CA ARG A 39 7.69 6.55 6.10
C ARG A 39 6.85 6.99 4.90
N PHE A 40 5.77 7.73 5.17
CA PHE A 40 4.90 8.21 4.11
C PHE A 40 4.13 9.45 4.56
N PHE A 41 4.22 10.51 3.78
CA PHE A 41 3.54 11.75 4.09
C PHE A 41 2.05 11.52 4.30
N LYS A 42 1.38 12.50 4.89
CA LYS A 42 -0.06 12.41 5.16
C LYS A 42 -0.86 12.98 3.98
N SER A 43 -0.16 13.56 3.02
CA SER A 43 -0.81 14.14 1.86
C SER A 43 -0.97 13.11 0.74
N TRP A 44 -0.07 12.13 0.72
CA TRP A 44 -0.11 11.08 -0.28
C TRP A 44 -1.41 10.28 -0.20
N ASN A 45 -1.87 9.78 -1.34
CA ASN A 45 -3.10 9.00 -1.38
C ASN A 45 -2.80 7.51 -1.30
N SER A 46 -3.63 6.79 -0.55
CA SER A 46 -3.45 5.35 -0.38
C SER A 46 -2.89 4.72 -1.65
N GLN A 47 -3.30 5.26 -2.80
CA GLN A 47 -2.83 4.75 -4.08
C GLN A 47 -1.33 4.46 -4.05
N VAL A 48 -0.55 5.49 -3.79
CA VAL A 48 0.91 5.36 -3.72
C VAL A 48 1.30 4.02 -3.10
N LEU A 49 0.52 3.58 -2.12
CA LEU A 49 0.80 2.32 -1.44
C LEU A 49 0.88 1.17 -2.43
N LEU A 50 -0.15 1.02 -3.26
CA LEU A 50 -0.19 -0.04 -4.26
C LEU A 50 1.15 -0.15 -4.97
N ASP A 51 1.68 0.98 -5.42
CA ASP A 51 2.97 1.00 -6.11
C ASP A 51 4.07 0.37 -5.26
N TRP A 52 4.13 0.78 -3.99
CA TRP A 52 5.13 0.25 -3.07
C TRP A 52 5.05 -1.26 -2.98
N MET A 53 3.82 -1.79 -2.96
CA MET A 53 3.62 -3.23 -2.88
C MET A 53 4.24 -3.94 -4.07
N MET A 54 3.97 -3.43 -5.27
CA MET A 54 4.51 -4.02 -6.49
C MET A 54 6.05 -4.00 -6.47
N LYS A 55 6.61 -3.20 -5.57
CA LYS A 55 8.05 -3.09 -5.45
C LYS A 55 8.62 -4.25 -4.63
N VAL A 56 8.02 -4.50 -3.47
CA VAL A 56 8.46 -5.57 -2.60
C VAL A 56 8.39 -6.93 -3.31
N GLY A 57 7.45 -7.04 -4.24
CA GLY A 57 7.29 -8.29 -4.97
C GLY A 57 5.88 -8.83 -4.88
N TYR A 58 4.92 -7.97 -4.60
CA TYR A 58 3.53 -8.37 -4.47
C TYR A 58 2.61 -7.48 -5.30
N HIS A 59 1.64 -8.09 -5.97
CA HIS A 59 0.70 -7.34 -6.80
C HIS A 59 -0.54 -6.96 -6.00
N LYS A 60 -1.23 -5.92 -6.46
CA LYS A 60 -2.45 -5.45 -5.79
C LYS A 60 -3.62 -6.37 -6.09
N SER A 61 -3.74 -6.78 -7.35
CA SER A 61 -4.83 -7.67 -7.77
C SER A 61 -4.76 -8.99 -7.02
N LEU A 62 -3.60 -9.30 -6.45
CA LEU A 62 -3.41 -10.54 -5.70
C LEU A 62 -3.72 -10.34 -4.23
N TYR A 63 -2.97 -9.46 -3.58
CA TYR A 63 -3.17 -9.18 -2.16
C TYR A 63 -3.71 -7.77 -1.95
N ARG A 64 -4.39 -7.57 -0.83
CA ARG A 64 -4.97 -6.26 -0.52
C ARG A 64 -4.32 -5.68 0.74
N LEU A 65 -4.84 -4.54 1.18
CA LEU A 65 -4.32 -3.87 2.36
C LEU A 65 -5.33 -3.90 3.51
N SER A 66 -4.84 -4.09 4.72
CA SER A 66 -5.71 -4.14 5.89
C SER A 66 -5.05 -3.47 7.10
N THR A 67 -5.80 -3.34 8.18
CA THR A 67 -5.28 -2.71 9.39
C THR A 67 -4.95 -3.75 10.45
N SER A 68 -4.22 -3.34 11.48
CA SER A 68 -3.83 -4.23 12.56
C SER A 68 -4.91 -4.29 13.63
N PHE A 69 -4.88 -5.34 14.45
CA PHE A 69 -5.85 -5.50 15.53
C PHE A 69 -6.26 -4.15 16.11
N PRO A 70 -7.56 -3.84 16.00
CA PRO A 70 -8.54 -4.73 15.38
C PRO A 70 -8.36 -4.83 13.87
N ARG A 71 -8.19 -6.06 13.39
CA ARG A 71 -8.00 -6.30 11.96
C ARG A 71 -9.27 -5.96 11.18
N ARG A 72 -9.10 -5.32 10.02
CA ARG A 72 -10.23 -4.95 9.18
C ARG A 72 -9.78 -4.71 7.75
N ALA A 73 -10.59 -5.17 6.80
CA ALA A 73 -10.28 -5.02 5.38
C ALA A 73 -10.43 -3.56 4.94
N LEU A 74 -9.32 -2.91 4.69
CA LEU A 74 -9.33 -1.50 4.26
C LEU A 74 -9.33 -1.40 2.74
N GLU A 75 -9.85 -0.27 2.23
CA GLU A 75 -9.91 -0.05 0.80
C GLU A 75 -8.97 1.08 0.39
N VAL A 76 -8.53 1.04 -0.87
CA VAL A 76 -7.63 2.07 -1.39
C VAL A 76 -8.38 3.10 -2.22
N GLU A 77 -8.96 4.09 -1.54
CA GLU A 77 -9.72 5.14 -2.21
C GLU A 77 -8.78 6.09 -2.95
N GLY A 78 -9.00 6.23 -4.25
CA GLY A 78 -8.17 7.11 -5.05
C GLY A 78 -8.40 8.57 -4.73
N GLY A 79 -9.62 8.90 -4.30
CA GLY A 79 -9.94 10.28 -3.98
C GLY A 79 -9.49 10.65 -2.57
N SER A 80 -9.84 9.83 -1.59
CA SER A 80 -9.49 10.09 -0.21
C SER A 80 -8.00 9.85 0.02
N SER A 81 -7.33 10.81 0.65
CA SER A 81 -5.90 10.70 0.93
C SER A 81 -5.65 9.80 2.14
N LEU A 82 -4.38 9.56 2.44
CA LEU A 82 -4.00 8.73 3.57
C LEU A 82 -4.62 9.25 4.86
N GLU A 83 -4.52 10.56 5.07
CA GLU A 83 -5.07 11.18 6.27
C GLU A 83 -6.60 11.19 6.22
N ASP A 84 -7.15 11.07 5.02
CA ASP A 84 -8.60 11.06 4.84
C ASP A 84 -9.17 9.69 5.17
N ILE A 85 -8.50 8.65 4.70
CA ILE A 85 -8.95 7.28 4.95
C ILE A 85 -8.76 6.89 6.41
N GLY A 86 -7.80 7.54 7.07
CA GLY A 86 -7.53 7.26 8.47
C GLY A 86 -6.09 6.86 8.71
N ILE A 87 -5.17 7.64 8.16
CA ILE A 87 -3.74 7.37 8.33
C ILE A 87 -2.98 8.64 8.66
N THR A 88 -3.13 9.12 9.89
CA THR A 88 -2.46 10.32 10.34
C THR A 88 -1.44 10.02 11.44
N VAL A 89 -1.54 8.82 12.01
CA VAL A 89 -0.63 8.39 13.06
C VAL A 89 -0.03 7.02 12.77
N ASP A 90 1.14 6.77 13.35
CA ASP A 90 1.82 5.49 13.14
C ASP A 90 0.82 4.35 13.02
N THR A 91 0.63 3.85 11.80
CA THR A 91 -0.30 2.76 11.55
C THR A 91 0.37 1.62 10.80
N VAL A 92 0.02 0.39 11.16
CA VAL A 92 0.58 -0.78 10.51
C VAL A 92 -0.41 -1.42 9.54
N LEU A 93 0.09 -1.83 8.39
CA LEU A 93 -0.76 -2.45 7.37
C LEU A 93 -0.36 -3.92 7.16
N ASN A 94 -1.33 -4.72 6.75
CA ASN A 94 -1.08 -6.15 6.50
C ASN A 94 -1.46 -6.53 5.08
N VAL A 95 -0.64 -7.36 4.45
CA VAL A 95 -0.89 -7.80 3.09
C VAL A 95 -1.49 -9.21 3.07
N GLU A 96 -2.79 -9.29 2.87
CA GLU A 96 -3.47 -10.58 2.83
C GLU A 96 -4.19 -10.78 1.49
N GLU A 97 -4.05 -11.97 0.92
CA GLU A 97 -4.68 -12.28 -0.35
C GLU A 97 -6.06 -11.65 -0.46
N LYS A 98 -6.47 -11.31 -1.67
CA LYS A 98 -7.77 -10.69 -1.91
C LYS A 98 -8.90 -11.71 -1.71
N GLU A 99 -10.13 -11.21 -1.68
CA GLU A 99 -11.29 -12.07 -1.49
C GLU A 99 -12.05 -12.24 -2.80
N GLN A 100 -11.32 -12.29 -3.90
CA GLN A 100 -11.94 -12.44 -5.22
C GLN A 100 -12.54 -13.83 -5.37
N SER A 101 -13.77 -14.00 -4.87
CA SER A 101 -14.46 -15.28 -4.96
C SER A 101 -15.91 -15.14 -4.50
N SER A 102 -16.70 -16.18 -4.75
CA SER A 102 -18.10 -16.18 -4.37
C SER A 102 -18.41 -17.34 -3.42
N GLN A 103 -18.36 -17.06 -2.12
CA GLN A 103 -18.64 -18.07 -1.12
C GLN A 103 -20.11 -18.50 -1.16
N SER A 104 -20.34 -19.81 -1.06
CA SER A 104 -21.69 -20.35 -1.10
C SER A 104 -21.90 -21.37 0.02
N GLY A 105 -22.76 -21.05 0.96
CA GLY A 105 -23.03 -21.94 2.07
C GLY A 105 -22.89 -21.27 3.42
N PRO A 106 -21.63 -21.07 3.84
CA PRO A 106 -21.33 -20.42 5.12
C PRO A 106 -21.66 -18.93 5.13
N SER A 107 -22.20 -18.46 4.02
CA SER A 107 -22.56 -17.05 3.88
C SER A 107 -23.70 -16.70 4.83
N SER A 108 -23.44 -15.77 5.73
CA SER A 108 -24.45 -15.34 6.71
C SER A 108 -23.98 -14.10 7.47
N GLY A 109 -24.82 -13.08 7.50
CA GLY A 109 -24.48 -11.86 8.20
C GLY A 109 -25.58 -11.38 9.11
N GLY A 1 21.09 6.98 -22.07
CA GLY A 1 21.75 5.83 -21.47
C GLY A 1 20.78 4.79 -20.98
N SER A 2 21.31 3.67 -20.50
CA SER A 2 20.48 2.58 -20.00
C SER A 2 19.28 2.35 -20.91
N SER A 3 19.53 2.40 -22.23
CA SER A 3 18.47 2.20 -23.20
C SER A 3 18.14 0.71 -23.35
N GLY A 4 16.85 0.40 -23.26
CA GLY A 4 16.41 -0.98 -23.38
C GLY A 4 16.64 -1.78 -22.11
N SER A 5 15.55 -2.17 -21.45
CA SER A 5 15.64 -2.93 -20.21
C SER A 5 14.44 -3.87 -20.07
N SER A 6 14.69 -5.16 -20.23
CA SER A 6 13.64 -6.17 -20.13
C SER A 6 13.10 -6.23 -18.70
N GLY A 7 12.17 -5.34 -18.38
CA GLY A 7 11.59 -5.31 -17.06
C GLY A 7 10.93 -3.98 -16.74
N GLU A 8 9.78 -3.72 -17.34
CA GLU A 8 9.06 -2.47 -17.13
C GLU A 8 8.57 -2.38 -15.68
N VAL A 9 9.32 -1.65 -14.85
CA VAL A 9 8.96 -1.49 -13.45
C VAL A 9 9.03 -0.01 -13.04
N PRO A 10 7.94 0.48 -12.42
CA PRO A 10 7.86 1.87 -11.96
C PRO A 10 8.79 2.15 -10.78
N ASP A 11 9.21 3.39 -10.65
CA ASP A 11 10.10 3.80 -9.57
C ASP A 11 9.32 4.49 -8.45
N LEU A 12 9.81 4.36 -7.22
CA LEU A 12 9.16 4.97 -6.08
C LEU A 12 9.77 6.33 -5.75
N PRO A 13 8.92 7.28 -5.32
CA PRO A 13 9.36 8.62 -4.97
C PRO A 13 10.21 8.66 -3.70
N GLU A 14 11.05 9.69 -3.58
CA GLU A 14 11.91 9.83 -2.41
C GLU A 14 11.10 9.77 -1.13
N GLU A 15 11.34 8.74 -0.32
CA GLU A 15 10.64 8.57 0.94
C GLU A 15 11.03 9.64 1.94
N PRO A 16 10.05 10.14 2.70
CA PRO A 16 10.28 11.18 3.71
C PRO A 16 11.08 10.66 4.90
N SER A 17 11.81 11.56 5.56
CA SER A 17 12.61 11.20 6.72
C SER A 17 11.97 11.70 8.00
N GLU A 18 12.56 11.31 9.13
CA GLU A 18 12.04 11.73 10.43
C GLU A 18 12.02 13.25 10.55
N THR A 19 12.72 13.92 9.65
CA THR A 19 12.78 15.38 9.64
C THR A 19 11.72 15.97 8.72
N ALA A 20 11.12 15.12 7.89
CA ALA A 20 10.10 15.56 6.96
C ALA A 20 8.90 16.14 7.69
N GLU A 21 8.03 16.82 6.95
CA GLU A 21 6.83 17.43 7.54
C GLU A 21 5.59 16.64 7.17
N GLU A 22 4.73 16.40 8.16
CA GLU A 22 3.50 15.66 7.94
C GLU A 22 3.80 14.29 7.35
N VAL A 23 4.67 13.55 8.00
CA VAL A 23 5.05 12.21 7.54
C VAL A 23 4.83 11.17 8.63
N VAL A 24 4.22 10.06 8.27
CA VAL A 24 3.95 8.97 9.21
C VAL A 24 4.74 7.73 8.86
N THR A 25 4.82 6.79 9.80
CA THR A 25 5.54 5.54 9.59
C THR A 25 4.58 4.40 9.26
N VAL A 26 4.51 4.03 7.99
CA VAL A 26 3.64 2.95 7.55
C VAL A 26 4.43 1.67 7.31
N ALA A 27 4.05 0.60 8.03
CA ALA A 27 4.73 -0.68 7.91
C ALA A 27 3.82 -1.70 7.22
N LEU A 28 4.40 -2.47 6.30
CA LEU A 28 3.65 -3.49 5.57
C LEU A 28 4.10 -4.89 5.98
N ARG A 29 3.14 -5.70 6.42
CA ARG A 29 3.43 -7.07 6.84
C ARG A 29 3.28 -8.04 5.67
N CYS A 30 3.87 -9.22 5.81
CA CYS A 30 3.80 -10.24 4.77
C CYS A 30 3.26 -11.55 5.32
N PRO A 31 2.64 -12.34 4.45
CA PRO A 31 2.07 -13.64 4.83
C PRO A 31 3.13 -14.68 5.15
N ASN A 32 4.39 -14.30 4.98
CA ASN A 32 5.50 -15.19 5.26
C ASN A 32 6.07 -14.94 6.66
N GLY A 33 5.66 -13.83 7.27
CA GLY A 33 6.14 -13.50 8.59
C GLY A 33 7.18 -12.41 8.58
N ARG A 34 7.24 -11.65 7.48
CA ARG A 34 8.20 -10.57 7.35
C ARG A 34 7.54 -9.22 7.62
N VAL A 35 8.35 -8.24 8.01
CA VAL A 35 7.84 -6.91 8.31
C VAL A 35 8.71 -5.84 7.65
N LEU A 36 8.06 -4.90 6.96
CA LEU A 36 8.77 -3.82 6.29
C LEU A 36 8.33 -2.46 6.82
N ARG A 37 9.28 -1.68 7.31
CA ARG A 37 8.98 -0.35 7.84
C ARG A 37 9.43 0.73 6.87
N ARG A 38 8.64 1.79 6.77
CA ARG A 38 8.95 2.90 5.87
C ARG A 38 8.15 4.14 6.25
N ARG A 39 8.45 5.25 5.59
CA ARG A 39 7.76 6.52 5.86
C ARG A 39 6.95 6.96 4.64
N PHE A 40 5.88 7.71 4.90
CA PHE A 40 5.02 8.20 3.82
C PHE A 40 4.30 9.47 4.24
N PHE A 41 4.43 10.52 3.44
CA PHE A 41 3.80 11.79 3.72
C PHE A 41 2.29 11.62 3.93
N LYS A 42 1.65 12.63 4.51
CA LYS A 42 0.22 12.58 4.76
C LYS A 42 -0.56 13.08 3.55
N SER A 43 0.15 13.70 2.61
CA SER A 43 -0.48 14.22 1.40
C SER A 43 -0.65 13.12 0.36
N TRP A 44 0.23 12.12 0.42
CA TRP A 44 0.17 11.00 -0.52
C TRP A 44 -1.10 10.19 -0.32
N ASN A 45 -1.81 9.93 -1.43
CA ASN A 45 -3.04 9.16 -1.38
C ASN A 45 -2.75 7.66 -1.30
N SER A 46 -3.56 6.95 -0.51
CA SER A 46 -3.37 5.52 -0.33
C SER A 46 -2.88 4.88 -1.63
N GLN A 47 -3.34 5.41 -2.76
CA GLN A 47 -2.94 4.89 -4.06
C GLN A 47 -1.46 4.59 -4.10
N VAL A 48 -0.64 5.62 -3.88
CA VAL A 48 0.81 5.46 -3.89
C VAL A 48 1.22 4.15 -3.24
N LEU A 49 0.47 3.73 -2.22
CA LEU A 49 0.76 2.49 -1.52
C LEU A 49 0.76 1.30 -2.48
N LEU A 50 -0.34 1.14 -3.21
CA LEU A 50 -0.46 0.06 -4.17
C LEU A 50 0.84 -0.16 -4.93
N ASP A 51 1.56 0.94 -5.18
CA ASP A 51 2.82 0.86 -5.90
C ASP A 51 3.90 0.22 -5.04
N TRP A 52 4.06 0.73 -3.82
CA TRP A 52 5.06 0.20 -2.90
C TRP A 52 4.82 -1.28 -2.62
N MET A 53 3.55 -1.68 -2.69
CA MET A 53 3.19 -3.08 -2.44
C MET A 53 3.61 -3.97 -3.61
N MET A 54 3.51 -3.43 -4.82
CA MET A 54 3.89 -4.16 -6.03
C MET A 54 5.39 -4.28 -6.16
N LYS A 55 6.10 -3.24 -5.71
CA LYS A 55 7.56 -3.21 -5.77
C LYS A 55 8.16 -4.26 -4.84
N VAL A 56 7.57 -4.41 -3.66
CA VAL A 56 8.05 -5.38 -2.68
C VAL A 56 7.86 -6.79 -3.18
N GLY A 57 6.83 -7.00 -4.01
CA GLY A 57 6.56 -8.32 -4.55
C GLY A 57 5.15 -8.79 -4.25
N TYR A 58 4.18 -7.92 -4.52
CA TYR A 58 2.78 -8.25 -4.27
C TYR A 58 1.86 -7.32 -5.04
N HIS A 59 1.09 -7.88 -5.97
CA HIS A 59 0.17 -7.10 -6.78
C HIS A 59 -1.07 -6.71 -5.97
N LYS A 60 -1.75 -5.65 -6.39
CA LYS A 60 -2.94 -5.19 -5.70
C LYS A 60 -4.09 -6.18 -5.88
N SER A 61 -4.15 -6.81 -7.05
CA SER A 61 -5.20 -7.77 -7.35
C SER A 61 -4.95 -9.08 -6.61
N LEU A 62 -3.68 -9.47 -6.52
CA LEU A 62 -3.32 -10.71 -5.84
C LEU A 62 -3.37 -10.52 -4.32
N TYR A 63 -2.95 -9.36 -3.85
CA TYR A 63 -2.94 -9.06 -2.42
C TYR A 63 -3.50 -7.66 -2.16
N ARG A 64 -4.28 -7.54 -1.08
CA ARG A 64 -4.88 -6.26 -0.72
C ARG A 64 -4.33 -5.77 0.62
N LEU A 65 -4.73 -4.57 1.01
CA LEU A 65 -4.28 -3.98 2.27
C LEU A 65 -5.35 -4.12 3.35
N SER A 66 -4.91 -4.45 4.57
CA SER A 66 -5.83 -4.62 5.68
C SER A 66 -5.22 -4.07 6.97
N THR A 67 -6.08 -3.63 7.88
CA THR A 67 -5.63 -3.07 9.16
C THR A 67 -5.20 -4.18 10.12
N SER A 68 -4.70 -3.79 11.28
CA SER A 68 -4.25 -4.75 12.28
C SER A 68 -5.40 -5.17 13.17
N PHE A 69 -5.23 -6.32 13.84
CA PHE A 69 -6.25 -6.83 14.74
C PHE A 69 -6.95 -5.71 15.49
N PRO A 70 -8.28 -5.64 15.35
CA PRO A 70 -9.04 -6.59 14.54
C PRO A 70 -8.78 -6.42 13.05
N ARG A 71 -8.50 -7.52 12.37
CA ARG A 71 -8.24 -7.48 10.93
C ARG A 71 -9.49 -7.10 10.15
N ARG A 72 -9.32 -6.25 9.15
CA ARG A 72 -10.44 -5.81 8.32
C ARG A 72 -9.96 -5.42 6.93
N ALA A 73 -10.86 -5.54 5.96
CA ALA A 73 -10.53 -5.20 4.57
C ALA A 73 -10.62 -3.69 4.34
N LEU A 74 -9.52 -3.10 3.90
CA LEU A 74 -9.46 -1.67 3.64
C LEU A 74 -9.72 -1.37 2.17
N GLU A 75 -10.35 -0.23 1.90
CA GLU A 75 -10.65 0.16 0.53
C GLU A 75 -9.92 1.45 0.16
N VAL A 76 -8.87 1.32 -0.65
CA VAL A 76 -8.09 2.48 -1.07
C VAL A 76 -8.88 3.35 -2.05
N GLU A 77 -9.08 4.61 -1.68
CA GLU A 77 -9.82 5.54 -2.52
C GLU A 77 -8.89 6.58 -3.12
N GLY A 78 -9.00 6.80 -4.43
CA GLY A 78 -8.17 7.77 -5.11
C GLY A 78 -8.43 9.19 -4.64
N GLY A 79 -9.65 9.42 -4.14
CA GLY A 79 -10.01 10.75 -3.67
C GLY A 79 -9.53 11.01 -2.25
N SER A 80 -9.75 10.05 -1.37
CA SER A 80 -9.34 10.19 0.03
C SER A 80 -7.85 9.98 0.18
N SER A 81 -7.17 10.93 0.82
CA SER A 81 -5.73 10.84 1.03
C SER A 81 -5.42 9.94 2.22
N LEU A 82 -4.13 9.73 2.47
CA LEU A 82 -3.68 8.90 3.57
C LEU A 82 -4.24 9.41 4.90
N GLU A 83 -4.09 10.71 5.14
CA GLU A 83 -4.58 11.31 6.36
C GLU A 83 -6.11 11.30 6.42
N ASP A 84 -6.72 11.28 5.24
CA ASP A 84 -8.18 11.27 5.14
C ASP A 84 -8.73 9.91 5.55
N ILE A 85 -8.12 8.84 5.06
CA ILE A 85 -8.55 7.49 5.37
C ILE A 85 -8.30 7.16 6.84
N GLY A 86 -7.27 7.77 7.41
CA GLY A 86 -6.94 7.53 8.80
C GLY A 86 -5.49 7.15 9.01
N ILE A 87 -4.59 7.89 8.37
CA ILE A 87 -3.17 7.62 8.48
C ILE A 87 -2.40 8.89 8.84
N THR A 88 -2.58 9.37 10.06
CA THR A 88 -1.91 10.57 10.53
C THR A 88 -0.86 10.24 11.58
N VAL A 89 -0.94 9.04 12.13
CA VAL A 89 0.01 8.60 13.15
C VAL A 89 0.51 7.19 12.86
N ASP A 90 1.60 6.81 13.51
CA ASP A 90 2.19 5.49 13.32
C ASP A 90 1.10 4.44 13.12
N THR A 91 1.24 3.64 12.06
CA THR A 91 0.27 2.60 11.76
C THR A 91 0.94 1.41 11.08
N VAL A 92 0.37 0.23 11.28
CA VAL A 92 0.92 -0.99 10.70
C VAL A 92 -0.15 -1.72 9.86
N LEU A 93 0.14 -1.91 8.58
CA LEU A 93 -0.79 -2.59 7.69
C LEU A 93 -0.40 -4.06 7.52
N ASN A 94 -1.19 -4.78 6.75
CA ASN A 94 -0.94 -6.21 6.50
C ASN A 94 -1.34 -6.60 5.08
N VAL A 95 -0.53 -7.45 4.47
CA VAL A 95 -0.79 -7.92 3.10
C VAL A 95 -1.43 -9.29 3.11
N GLU A 96 -2.67 -9.37 2.63
CA GLU A 96 -3.40 -10.63 2.58
C GLU A 96 -3.90 -10.91 1.16
N GLU A 97 -4.20 -12.17 0.89
CA GLU A 97 -4.70 -12.56 -0.43
C GLU A 97 -6.14 -12.08 -0.64
N LYS A 98 -6.48 -11.77 -1.88
CA LYS A 98 -7.82 -11.31 -2.22
C LYS A 98 -8.75 -12.48 -2.51
N GLU A 99 -10.04 -12.20 -2.62
CA GLU A 99 -11.03 -13.23 -2.90
C GLU A 99 -11.17 -13.45 -4.41
N GLN A 100 -10.95 -14.69 -4.84
CA GLN A 100 -11.06 -15.04 -6.25
C GLN A 100 -12.47 -15.50 -6.60
N SER A 101 -13.00 -16.42 -5.80
CA SER A 101 -14.33 -16.94 -6.02
C SER A 101 -15.32 -16.39 -4.99
N SER A 102 -15.89 -15.24 -5.29
CA SER A 102 -16.85 -14.60 -4.39
C SER A 102 -18.18 -15.34 -4.41
N GLN A 103 -18.68 -15.68 -3.22
CA GLN A 103 -19.94 -16.39 -3.09
C GLN A 103 -21.09 -15.42 -2.79
N SER A 104 -22.24 -15.66 -3.41
CA SER A 104 -23.40 -14.80 -3.21
C SER A 104 -24.34 -15.38 -2.15
N GLY A 105 -25.09 -14.52 -1.49
CA GLY A 105 -26.00 -14.96 -0.46
C GLY A 105 -27.38 -15.30 -1.02
N PRO A 106 -28.38 -15.38 -0.13
CA PRO A 106 -29.76 -15.71 -0.51
C PRO A 106 -30.43 -14.58 -1.29
N SER A 107 -30.00 -13.35 -1.03
CA SER A 107 -30.56 -12.19 -1.70
C SER A 107 -29.58 -11.65 -2.74
N SER A 108 -28.30 -11.64 -2.39
CA SER A 108 -27.26 -11.14 -3.30
C SER A 108 -27.77 -9.95 -4.09
N GLY A 109 -28.45 -9.03 -3.42
CA GLY A 109 -28.98 -7.85 -4.08
C GLY A 109 -29.72 -8.19 -5.35
N GLY A 1 3.84 9.21 -30.97
CA GLY A 1 3.43 7.89 -30.55
C GLY A 1 4.23 7.38 -29.36
N SER A 2 3.58 6.65 -28.48
CA SER A 2 4.23 6.11 -27.29
C SER A 2 4.45 4.61 -27.42
N SER A 3 5.43 4.09 -26.69
CA SER A 3 5.75 2.67 -26.73
C SER A 3 5.86 2.10 -25.33
N GLY A 4 5.86 0.77 -25.23
CA GLY A 4 5.96 0.12 -23.94
C GLY A 4 5.16 0.83 -22.87
N SER A 5 3.86 0.55 -22.81
CA SER A 5 2.99 1.18 -21.83
C SER A 5 3.21 0.57 -20.44
N SER A 6 3.29 -0.75 -20.39
CA SER A 6 3.49 -1.46 -19.13
C SER A 6 4.52 -2.56 -19.28
N GLY A 7 5.71 -2.35 -18.72
CA GLY A 7 6.77 -3.33 -18.81
C GLY A 7 7.84 -3.12 -17.75
N GLU A 8 8.58 -2.03 -17.86
CA GLU A 8 9.64 -1.72 -16.92
C GLU A 8 9.07 -1.43 -15.53
N VAL A 9 9.85 -1.72 -14.49
CA VAL A 9 9.43 -1.49 -13.13
C VAL A 9 9.59 -0.03 -12.73
N PRO A 10 8.53 0.55 -12.13
CA PRO A 10 8.54 1.95 -11.70
C PRO A 10 9.47 2.18 -10.50
N ASP A 11 9.69 3.45 -10.17
CA ASP A 11 10.56 3.81 -9.05
C ASP A 11 9.75 4.46 -7.93
N LEU A 12 10.26 4.36 -6.71
CA LEU A 12 9.58 4.94 -5.55
C LEU A 12 10.30 6.21 -5.09
N PRO A 13 9.54 7.13 -4.49
CA PRO A 13 10.06 8.40 -3.99
C PRO A 13 10.97 8.21 -2.77
N GLU A 14 12.15 8.83 -2.81
CA GLU A 14 13.09 8.72 -1.70
C GLU A 14 12.39 8.92 -0.36
N GLU A 15 12.57 7.95 0.54
CA GLU A 15 11.96 8.00 1.85
C GLU A 15 12.20 9.35 2.51
N PRO A 16 11.17 9.90 3.16
CA PRO A 16 11.25 11.19 3.85
C PRO A 16 12.13 11.13 5.10
N SER A 17 12.74 12.27 5.43
CA SER A 17 13.62 12.35 6.59
C SER A 17 12.86 12.01 7.86
N GLU A 18 13.58 11.48 8.85
CA GLU A 18 12.97 11.12 10.14
C GLU A 18 12.37 12.33 10.82
N THR A 19 13.08 13.47 10.73
CA THR A 19 12.60 14.70 11.35
C THR A 19 11.53 15.37 10.51
N ALA A 20 11.50 15.04 9.21
CA ALA A 20 10.52 15.61 8.30
C ALA A 20 9.13 15.62 8.93
N GLU A 21 8.58 16.81 9.13
CA GLU A 21 7.25 16.95 9.72
C GLU A 21 6.18 16.39 8.81
N GLU A 22 5.02 16.08 9.38
CA GLU A 22 3.91 15.54 8.60
C GLU A 22 4.31 14.22 7.92
N VAL A 23 4.97 13.35 8.69
CA VAL A 23 5.41 12.07 8.16
C VAL A 23 5.03 10.94 9.11
N VAL A 24 4.34 9.93 8.57
CA VAL A 24 3.92 8.79 9.37
C VAL A 24 4.64 7.52 8.93
N THR A 25 4.67 6.52 9.81
CA THR A 25 5.33 5.26 9.51
C THR A 25 4.31 4.18 9.13
N VAL A 26 4.51 3.59 7.96
CA VAL A 26 3.61 2.54 7.48
C VAL A 26 4.36 1.23 7.27
N ALA A 27 4.18 0.30 8.20
CA ALA A 27 4.82 -1.00 8.11
C ALA A 27 3.96 -2.00 7.34
N LEU A 28 4.59 -2.73 6.44
CA LEU A 28 3.88 -3.72 5.63
C LEU A 28 4.25 -5.14 6.06
N ARG A 29 3.24 -5.89 6.51
CA ARG A 29 3.46 -7.27 6.94
C ARG A 29 3.30 -8.24 5.78
N CYS A 30 4.39 -8.89 5.41
CA CYS A 30 4.37 -9.86 4.32
C CYS A 30 3.81 -11.20 4.79
N PRO A 31 3.24 -11.97 3.84
CA PRO A 31 2.66 -13.27 4.12
C PRO A 31 3.71 -14.32 4.47
N ASN A 32 4.97 -13.92 4.43
CA ASN A 32 6.08 -14.81 4.72
C ASN A 32 6.45 -14.74 6.21
N GLY A 33 6.17 -13.59 6.82
CA GLY A 33 6.47 -13.42 8.23
C GLY A 33 7.25 -12.14 8.50
N ARG A 34 8.02 -11.71 7.51
CA ARG A 34 8.81 -10.48 7.64
C ARG A 34 7.96 -9.25 7.38
N VAL A 35 8.36 -8.13 7.96
CA VAL A 35 7.63 -6.87 7.79
C VAL A 35 8.58 -5.72 7.46
N LEU A 36 8.30 -5.03 6.36
CA LEU A 36 9.13 -3.91 5.94
C LEU A 36 8.58 -2.59 6.47
N ARG A 37 9.46 -1.79 7.07
CA ARG A 37 9.05 -0.50 7.62
C ARG A 37 9.50 0.64 6.71
N ARG A 38 8.64 1.65 6.57
CA ARG A 38 8.94 2.79 5.73
C ARG A 38 8.07 4.00 6.12
N ARG A 39 8.56 5.19 5.79
CA ARG A 39 7.84 6.41 6.12
C ARG A 39 6.97 6.86 4.94
N PHE A 40 5.94 7.65 5.23
CA PHE A 40 5.04 8.15 4.20
C PHE A 40 4.33 9.42 4.66
N PHE A 41 4.42 10.47 3.86
CA PHE A 41 3.79 11.74 4.19
C PHE A 41 2.28 11.57 4.32
N LYS A 42 1.61 12.64 4.74
CA LYS A 42 0.16 12.61 4.91
C LYS A 42 -0.55 13.13 3.67
N SER A 43 0.22 13.72 2.76
CA SER A 43 -0.33 14.26 1.52
C SER A 43 -0.44 13.17 0.46
N TRP A 44 0.45 12.18 0.53
CA TRP A 44 0.45 11.08 -0.43
C TRP A 44 -0.87 10.32 -0.39
N ASN A 45 -1.44 10.06 -1.56
CA ASN A 45 -2.70 9.34 -1.65
C ASN A 45 -2.48 7.84 -1.57
N SER A 46 -3.36 7.15 -0.85
CA SER A 46 -3.25 5.70 -0.70
C SER A 46 -2.70 5.05 -1.96
N GLN A 47 -3.05 5.62 -3.11
CA GLN A 47 -2.59 5.10 -4.39
C GLN A 47 -1.13 4.72 -4.33
N VAL A 48 -0.30 5.64 -3.84
CA VAL A 48 1.14 5.41 -3.72
C VAL A 48 1.42 4.05 -3.07
N LEU A 49 0.58 3.67 -2.12
CA LEU A 49 0.74 2.41 -1.41
C LEU A 49 0.77 1.24 -2.40
N LEU A 50 -0.27 1.14 -3.22
CA LEU A 50 -0.37 0.07 -4.21
C LEU A 50 0.91 0.00 -5.05
N ASP A 51 1.55 1.14 -5.25
CA ASP A 51 2.78 1.21 -6.02
C ASP A 51 3.95 0.62 -5.25
N TRP A 52 3.99 0.91 -3.96
CA TRP A 52 5.07 0.41 -3.10
C TRP A 52 4.90 -1.08 -2.83
N MET A 53 3.66 -1.55 -2.84
CA MET A 53 3.35 -2.95 -2.60
C MET A 53 3.73 -3.80 -3.82
N MET A 54 3.61 -3.22 -5.00
CA MET A 54 3.94 -3.91 -6.23
C MET A 54 5.45 -4.00 -6.42
N LYS A 55 6.17 -3.06 -5.83
CA LYS A 55 7.62 -3.02 -5.94
C LYS A 55 8.25 -4.10 -5.05
N VAL A 56 7.68 -4.29 -3.86
CA VAL A 56 8.18 -5.27 -2.91
C VAL A 56 8.02 -6.69 -3.46
N GLY A 57 7.00 -6.88 -4.30
CA GLY A 57 6.74 -8.18 -4.89
C GLY A 57 5.34 -8.67 -4.60
N TYR A 58 4.37 -7.76 -4.67
CA TYR A 58 2.98 -8.12 -4.42
C TYR A 58 2.03 -7.13 -5.10
N HIS A 59 1.18 -7.65 -5.97
CA HIS A 59 0.22 -6.82 -6.69
C HIS A 59 -0.98 -6.46 -5.81
N LYS A 60 -1.75 -5.48 -6.24
CA LYS A 60 -2.92 -5.05 -5.49
C LYS A 60 -4.12 -5.94 -5.78
N SER A 61 -4.31 -6.29 -7.05
CA SER A 61 -5.42 -7.14 -7.46
C SER A 61 -5.33 -8.50 -6.78
N LEU A 62 -4.12 -8.91 -6.45
CA LEU A 62 -3.89 -10.21 -5.80
C LEU A 62 -4.03 -10.07 -4.28
N TYR A 63 -3.15 -9.30 -3.67
CA TYR A 63 -3.18 -9.10 -2.23
C TYR A 63 -3.86 -7.78 -1.88
N ARG A 64 -4.42 -7.71 -0.67
CA ARG A 64 -5.10 -6.51 -0.21
C ARG A 64 -4.43 -5.94 1.04
N LEU A 65 -4.86 -4.75 1.45
CA LEU A 65 -4.30 -4.11 2.63
C LEU A 65 -5.34 -4.01 3.74
N SER A 66 -4.98 -4.46 4.93
CA SER A 66 -5.87 -4.42 6.08
C SER A 66 -5.21 -3.76 7.28
N THR A 67 -6.01 -3.39 8.27
CA THR A 67 -5.49 -2.76 9.47
C THR A 67 -5.06 -3.79 10.50
N SER A 68 -4.28 -3.36 11.48
CA SER A 68 -3.79 -4.25 12.53
C SER A 68 -4.88 -4.52 13.57
N PHE A 69 -5.35 -3.46 14.21
CA PHE A 69 -6.40 -3.57 15.23
C PHE A 69 -7.28 -2.33 15.24
N PRO A 70 -8.58 -2.53 14.99
CA PRO A 70 -9.14 -3.86 14.72
C PRO A 70 -8.71 -4.40 13.37
N ARG A 71 -9.34 -5.49 12.95
CA ARG A 71 -9.01 -6.12 11.67
C ARG A 71 -10.16 -5.96 10.69
N ARG A 72 -9.87 -5.29 9.57
CA ARG A 72 -10.88 -5.06 8.54
C ARG A 72 -10.23 -4.72 7.21
N ALA A 73 -10.78 -5.26 6.13
CA ALA A 73 -10.25 -5.02 4.79
C ALA A 73 -10.40 -3.55 4.40
N LEU A 74 -9.26 -2.88 4.20
CA LEU A 74 -9.27 -1.47 3.83
C LEU A 74 -9.48 -1.31 2.33
N GLU A 75 -10.14 -0.22 1.94
CA GLU A 75 -10.41 0.06 0.54
C GLU A 75 -9.77 1.38 0.12
N VAL A 76 -8.54 1.31 -0.37
CA VAL A 76 -7.82 2.50 -0.82
C VAL A 76 -8.75 3.47 -1.52
N GLU A 77 -8.70 4.74 -1.11
CA GLU A 77 -9.54 5.76 -1.71
C GLU A 77 -8.73 6.66 -2.64
N GLY A 78 -9.30 6.95 -3.81
CA GLY A 78 -8.62 7.78 -4.78
C GLY A 78 -8.72 9.26 -4.45
N GLY A 79 -9.87 9.67 -3.91
CA GLY A 79 -10.07 11.06 -3.56
C GLY A 79 -9.53 11.39 -2.18
N SER A 80 -9.85 10.55 -1.20
CA SER A 80 -9.40 10.76 0.17
C SER A 80 -7.92 10.43 0.31
N SER A 81 -7.15 11.37 0.86
CA SER A 81 -5.72 11.18 1.05
C SER A 81 -5.45 10.21 2.21
N LEU A 82 -4.18 10.01 2.52
CA LEU A 82 -3.78 9.12 3.60
C LEU A 82 -4.39 9.56 4.92
N GLU A 83 -4.37 10.87 5.17
CA GLU A 83 -4.92 11.42 6.41
C GLU A 83 -6.45 11.38 6.38
N ASP A 84 -7.02 11.46 5.17
CA ASP A 84 -8.46 11.44 5.01
C ASP A 84 -9.02 10.05 5.32
N ILE A 85 -8.31 9.01 4.87
CA ILE A 85 -8.73 7.64 5.10
C ILE A 85 -8.49 7.23 6.55
N GLY A 86 -7.53 7.88 7.20
CA GLY A 86 -7.22 7.57 8.58
C GLY A 86 -5.77 7.14 8.77
N ILE A 87 -4.85 7.96 8.28
CA ILE A 87 -3.42 7.66 8.39
C ILE A 87 -2.64 8.89 8.86
N THR A 88 -3.00 9.40 10.04
CA THR A 88 -2.33 10.56 10.60
C THR A 88 -1.25 10.15 11.60
N VAL A 89 -1.49 9.03 12.29
CA VAL A 89 -0.54 8.53 13.27
C VAL A 89 0.06 7.20 12.83
N ASP A 90 1.23 6.88 13.37
CA ASP A 90 1.91 5.63 13.03
C ASP A 90 0.89 4.50 12.84
N THR A 91 0.71 4.07 11.61
CA THR A 91 -0.21 3.00 11.29
C THR A 91 0.51 1.79 10.72
N VAL A 92 -0.11 0.61 10.87
CA VAL A 92 0.48 -0.63 10.38
C VAL A 92 -0.49 -1.37 9.46
N LEU A 93 -0.01 -1.78 8.30
CA LEU A 93 -0.83 -2.50 7.34
C LEU A 93 -0.34 -3.93 7.16
N ASN A 94 -1.24 -4.81 6.74
CA ASN A 94 -0.90 -6.21 6.54
C ASN A 94 -1.23 -6.65 5.11
N VAL A 95 -0.40 -7.53 4.56
CA VAL A 95 -0.60 -8.03 3.21
C VAL A 95 -1.18 -9.45 3.22
N GLU A 96 -2.47 -9.55 2.98
CA GLU A 96 -3.14 -10.85 2.96
C GLU A 96 -3.71 -11.15 1.57
N GLU A 97 -3.74 -12.44 1.22
CA GLU A 97 -4.27 -12.85 -0.07
C GLU A 97 -5.76 -12.54 -0.18
N LYS A 98 -6.16 -12.01 -1.33
CA LYS A 98 -7.55 -11.67 -1.57
C LYS A 98 -8.38 -12.91 -1.91
N GLU A 99 -9.70 -12.81 -1.76
CA GLU A 99 -10.59 -13.92 -2.06
C GLU A 99 -11.10 -13.85 -3.49
N GLN A 100 -10.89 -14.93 -4.24
CA GLN A 100 -11.34 -14.99 -5.63
C GLN A 100 -12.85 -15.11 -5.72
N SER A 101 -13.40 -14.80 -6.88
CA SER A 101 -14.84 -14.88 -7.10
C SER A 101 -15.17 -14.91 -8.58
N SER A 102 -15.99 -15.88 -8.99
CA SER A 102 -16.38 -16.02 -10.38
C SER A 102 -17.57 -15.12 -10.71
N GLN A 103 -17.28 -13.91 -11.17
CA GLN A 103 -18.32 -12.95 -11.53
C GLN A 103 -17.86 -12.02 -12.64
N SER A 104 -18.79 -11.59 -13.48
CA SER A 104 -18.47 -10.71 -14.59
C SER A 104 -19.17 -9.36 -14.41
N GLY A 105 -18.45 -8.28 -14.76
CA GLY A 105 -19.00 -6.96 -14.62
C GLY A 105 -18.10 -5.89 -15.21
N PRO A 106 -17.26 -5.28 -14.35
CA PRO A 106 -16.33 -4.24 -14.77
C PRO A 106 -15.19 -4.77 -15.63
N SER A 107 -15.36 -4.68 -16.95
CA SER A 107 -14.35 -5.17 -17.89
C SER A 107 -13.36 -4.06 -18.24
N SER A 108 -12.79 -3.44 -17.21
CA SER A 108 -11.83 -2.37 -17.40
C SER A 108 -12.19 -1.53 -18.64
N GLY A 109 -13.44 -1.09 -18.69
CA GLY A 109 -13.89 -0.29 -19.82
C GLY A 109 -14.96 -0.97 -20.63
N GLY A 1 17.93 4.96 -9.98
CA GLY A 1 16.99 5.04 -11.08
C GLY A 1 16.27 3.74 -11.32
N SER A 2 15.38 3.36 -10.40
CA SER A 2 14.63 2.12 -10.52
C SER A 2 15.55 0.92 -10.39
N SER A 3 16.34 0.89 -9.31
CA SER A 3 17.27 -0.21 -9.07
C SER A 3 16.61 -1.31 -8.25
N GLY A 4 16.74 -2.55 -8.71
CA GLY A 4 16.15 -3.67 -8.02
C GLY A 4 16.05 -4.91 -8.88
N SER A 5 14.83 -5.25 -9.30
CA SER A 5 14.60 -6.41 -10.14
C SER A 5 14.53 -6.02 -11.61
N SER A 6 14.99 -6.93 -12.47
CA SER A 6 14.98 -6.67 -13.91
C SER A 6 13.56 -6.74 -14.47
N GLY A 7 13.30 -5.95 -15.51
CA GLY A 7 11.98 -5.94 -16.11
C GLY A 7 11.35 -4.55 -16.11
N GLU A 8 10.03 -4.50 -16.11
CA GLU A 8 9.31 -3.23 -16.10
C GLU A 8 8.73 -2.94 -14.71
N VAL A 9 9.50 -2.22 -13.91
CA VAL A 9 9.07 -1.86 -12.56
C VAL A 9 9.16 -0.36 -12.33
N PRO A 10 8.13 0.20 -11.67
CA PRO A 10 8.08 1.63 -11.38
C PRO A 10 9.10 2.05 -10.33
N ASP A 11 9.19 3.35 -10.08
CA ASP A 11 10.13 3.88 -9.09
C ASP A 11 9.39 4.52 -7.93
N LEU A 12 10.04 4.56 -6.77
CA LEU A 12 9.45 5.15 -5.57
C LEU A 12 10.26 6.35 -5.09
N PRO A 13 9.57 7.36 -4.57
CA PRO A 13 10.21 8.58 -4.07
C PRO A 13 10.98 8.33 -2.78
N GLU A 14 12.22 8.82 -2.74
CA GLU A 14 13.06 8.64 -1.56
C GLU A 14 12.27 8.89 -0.27
N GLU A 15 11.97 7.82 0.45
CA GLU A 15 11.22 7.92 1.69
C GLU A 15 11.59 9.20 2.44
N PRO A 16 10.59 9.82 3.09
CA PRO A 16 10.78 11.06 3.86
C PRO A 16 11.58 10.82 5.12
N SER A 17 12.28 11.85 5.59
CA SER A 17 13.10 11.77 6.79
C SER A 17 12.26 11.28 7.97
N GLU A 18 12.90 11.12 9.12
CA GLU A 18 12.22 10.66 10.32
C GLU A 18 11.60 11.83 11.07
N THR A 19 12.37 12.90 11.24
CA THR A 19 11.89 14.09 11.93
C THR A 19 10.84 14.83 11.10
N ALA A 20 10.99 14.77 9.78
CA ALA A 20 10.07 15.43 8.87
C ALA A 20 8.64 15.39 9.41
N GLU A 21 8.00 16.55 9.49
CA GLU A 21 6.64 16.64 9.99
C GLU A 21 5.65 16.08 8.97
N GLU A 22 4.43 15.80 9.43
CA GLU A 22 3.40 15.26 8.55
C GLU A 22 3.83 13.95 7.93
N VAL A 23 4.59 13.16 8.68
CA VAL A 23 5.08 11.87 8.20
C VAL A 23 4.73 10.76 9.17
N VAL A 24 4.10 9.70 8.64
CA VAL A 24 3.70 8.56 9.47
C VAL A 24 4.52 7.33 9.12
N THR A 25 4.38 6.29 9.93
CA THR A 25 5.11 5.04 9.71
C THR A 25 4.18 3.94 9.21
N VAL A 26 4.36 3.53 7.96
CA VAL A 26 3.53 2.48 7.38
C VAL A 26 4.32 1.18 7.25
N ALA A 27 3.98 0.21 8.11
CA ALA A 27 4.66 -1.08 8.09
C ALA A 27 3.83 -2.12 7.33
N LEU A 28 4.50 -2.88 6.48
CA LEU A 28 3.83 -3.91 5.69
C LEU A 28 4.23 -5.31 6.16
N ARG A 29 3.24 -6.11 6.52
CA ARG A 29 3.50 -7.47 6.99
C ARG A 29 3.30 -8.48 5.87
N CYS A 30 4.34 -8.69 5.09
CA CYS A 30 4.28 -9.64 3.96
C CYS A 30 3.92 -11.04 4.45
N PRO A 31 3.18 -11.77 3.62
CA PRO A 31 2.75 -13.14 3.94
C PRO A 31 3.91 -14.13 3.95
N ASN A 32 5.09 -13.64 3.59
CA ASN A 32 6.28 -14.49 3.55
C ASN A 32 7.11 -14.31 4.82
N GLY A 33 6.44 -14.03 5.94
CA GLY A 33 7.13 -13.85 7.19
C GLY A 33 8.06 -12.65 7.18
N ARG A 34 7.97 -11.84 6.13
CA ARG A 34 8.81 -10.67 5.99
C ARG A 34 8.08 -9.42 6.47
N VAL A 35 8.84 -8.40 6.87
CA VAL A 35 8.26 -7.16 7.35
C VAL A 35 9.09 -5.96 6.92
N LEU A 36 8.45 -4.99 6.28
CA LEU A 36 9.13 -3.79 5.81
C LEU A 36 8.49 -2.54 6.39
N ARG A 37 9.30 -1.71 7.04
CA ARG A 37 8.81 -0.48 7.64
C ARG A 37 9.39 0.74 6.92
N ARG A 38 8.50 1.65 6.51
CA ARG A 38 8.93 2.86 5.81
C ARG A 38 8.04 4.04 6.20
N ARG A 39 8.53 5.25 5.95
CA ARG A 39 7.79 6.46 6.27
C ARG A 39 7.05 6.98 5.04
N PHE A 40 6.00 7.76 5.27
CA PHE A 40 5.21 8.32 4.19
C PHE A 40 4.48 9.59 4.63
N PHE A 41 4.68 10.67 3.89
CA PHE A 41 4.06 11.95 4.21
C PHE A 41 2.54 11.79 4.38
N LYS A 42 1.90 12.82 4.90
CA LYS A 42 0.46 12.80 5.11
C LYS A 42 -0.27 13.43 3.93
N SER A 43 0.49 13.91 2.96
CA SER A 43 -0.08 14.54 1.77
C SER A 43 -0.24 13.53 0.64
N TRP A 44 0.64 12.53 0.62
CA TRP A 44 0.59 11.50 -0.41
C TRP A 44 -0.77 10.80 -0.42
N ASN A 45 -1.14 10.25 -1.57
CA ASN A 45 -2.41 9.55 -1.73
C ASN A 45 -2.22 8.05 -1.67
N SER A 46 -3.08 7.38 -0.91
CA SER A 46 -3.01 5.93 -0.77
C SER A 46 -2.46 5.29 -2.04
N GLN A 47 -2.85 5.83 -3.19
CA GLN A 47 -2.40 5.30 -4.47
C GLN A 47 -0.94 4.83 -4.39
N VAL A 48 -0.07 5.71 -3.90
CA VAL A 48 1.34 5.38 -3.77
C VAL A 48 1.53 4.01 -3.13
N LEU A 49 0.74 3.74 -2.08
CA LEU A 49 0.82 2.47 -1.37
C LEU A 49 0.80 1.29 -2.35
N LEU A 50 -0.25 1.23 -3.16
CA LEU A 50 -0.39 0.17 -4.15
C LEU A 50 0.89 0.01 -4.97
N ASP A 51 1.50 1.13 -5.32
CA ASP A 51 2.74 1.12 -6.11
C ASP A 51 3.87 0.49 -5.31
N TRP A 52 3.96 0.84 -4.03
CA TRP A 52 5.01 0.32 -3.15
C TRP A 52 4.90 -1.19 -3.03
N MET A 53 3.66 -1.70 -3.02
CA MET A 53 3.42 -3.13 -2.90
C MET A 53 3.98 -3.87 -4.11
N MET A 54 3.67 -3.38 -5.29
CA MET A 54 4.15 -4.00 -6.53
C MET A 54 5.67 -4.00 -6.59
N LYS A 55 6.29 -3.11 -5.81
CA LYS A 55 7.75 -3.01 -5.78
C LYS A 55 8.35 -4.15 -4.97
N VAL A 56 7.82 -4.35 -3.76
CA VAL A 56 8.31 -5.42 -2.89
C VAL A 56 8.10 -6.78 -3.53
N GLY A 57 7.09 -6.89 -4.37
CA GLY A 57 6.81 -8.16 -5.04
C GLY A 57 5.43 -8.68 -4.71
N TYR A 58 4.42 -7.86 -4.93
CA TYR A 58 3.04 -8.25 -4.65
C TYR A 58 2.06 -7.37 -5.40
N HIS A 59 1.01 -7.98 -5.96
CA HIS A 59 0.00 -7.25 -6.70
C HIS A 59 -1.16 -6.86 -5.80
N LYS A 60 -1.87 -5.80 -6.17
CA LYS A 60 -3.01 -5.32 -5.41
C LYS A 60 -4.23 -6.20 -5.64
N SER A 61 -4.52 -6.47 -6.91
CA SER A 61 -5.67 -7.30 -7.27
C SER A 61 -5.51 -8.71 -6.72
N LEU A 62 -4.34 -9.00 -6.16
CA LEU A 62 -4.06 -10.32 -5.60
C LEU A 62 -3.80 -10.22 -4.11
N TYR A 63 -3.64 -9.00 -3.62
CA TYR A 63 -3.38 -8.78 -2.20
C TYR A 63 -3.94 -7.43 -1.74
N ARG A 64 -4.62 -7.44 -0.61
CA ARG A 64 -5.21 -6.22 -0.06
C ARG A 64 -4.50 -5.80 1.23
N LEU A 65 -4.77 -4.58 1.67
CA LEU A 65 -4.16 -4.06 2.89
C LEU A 65 -5.18 -3.98 4.01
N SER A 66 -4.78 -4.41 5.21
CA SER A 66 -5.66 -4.40 6.37
C SER A 66 -4.92 -3.88 7.60
N THR A 67 -5.68 -3.36 8.56
CA THR A 67 -5.10 -2.83 9.79
C THR A 67 -4.59 -3.95 10.69
N SER A 68 -4.05 -3.58 11.84
CA SER A 68 -3.53 -4.56 12.79
C SER A 68 -4.66 -5.17 13.62
N PHE A 69 -5.31 -4.34 14.43
CA PHE A 69 -6.40 -4.80 15.27
C PHE A 69 -7.39 -3.67 15.54
N PRO A 70 -8.67 -3.93 15.26
CA PRO A 70 -9.12 -5.21 14.73
C PRO A 70 -8.66 -5.44 13.30
N ARG A 71 -8.90 -6.65 12.78
CA ARG A 71 -8.51 -6.99 11.42
C ARG A 71 -9.65 -6.70 10.44
N ARG A 72 -9.41 -5.76 9.52
CA ARG A 72 -10.41 -5.39 8.53
C ARG A 72 -9.74 -4.97 7.23
N ALA A 73 -10.42 -5.25 6.11
CA ALA A 73 -9.89 -4.90 4.80
C ALA A 73 -9.99 -3.40 4.55
N LEU A 74 -8.84 -2.75 4.42
CA LEU A 74 -8.79 -1.31 4.18
C LEU A 74 -9.00 -0.99 2.70
N GLU A 75 -9.79 0.04 2.42
CA GLU A 75 -10.06 0.44 1.05
C GLU A 75 -9.35 1.74 0.71
N VAL A 76 -8.60 1.74 -0.39
CA VAL A 76 -7.86 2.93 -0.82
C VAL A 76 -8.78 3.92 -1.50
N GLU A 77 -8.74 5.18 -1.04
CA GLU A 77 -9.57 6.22 -1.62
C GLU A 77 -8.71 7.31 -2.26
N GLY A 78 -8.94 7.55 -3.55
CA GLY A 78 -8.18 8.57 -4.26
C GLY A 78 -8.48 9.97 -3.78
N GLY A 79 -9.65 10.49 -4.16
CA GLY A 79 -10.03 11.82 -3.74
C GLY A 79 -9.54 12.16 -2.35
N SER A 80 -9.51 11.17 -1.48
CA SER A 80 -9.06 11.37 -0.10
C SER A 80 -7.60 10.96 0.05
N SER A 81 -6.82 11.81 0.71
CA SER A 81 -5.41 11.54 0.93
C SER A 81 -5.22 10.47 2.01
N LEU A 82 -3.97 10.22 2.36
CA LEU A 82 -3.65 9.21 3.38
C LEU A 82 -4.25 9.60 4.73
N GLU A 83 -3.95 10.80 5.18
CA GLU A 83 -4.46 11.29 6.46
C GLU A 83 -5.97 11.52 6.38
N ASP A 84 -6.48 11.68 5.17
CA ASP A 84 -7.91 11.91 4.96
C ASP A 84 -8.70 10.61 5.13
N ILE A 85 -8.14 9.52 4.61
CA ILE A 85 -8.79 8.21 4.70
C ILE A 85 -8.73 7.68 6.13
N GLY A 86 -7.68 8.03 6.84
CA GLY A 86 -7.53 7.58 8.22
C GLY A 86 -6.10 7.19 8.55
N ILE A 87 -5.15 7.93 7.99
CA ILE A 87 -3.73 7.66 8.23
C ILE A 87 -3.01 8.92 8.72
N THR A 88 -3.57 9.56 9.73
CA THR A 88 -2.98 10.78 10.28
C THR A 88 -1.83 10.44 11.22
N VAL A 89 -1.92 9.29 11.89
CA VAL A 89 -0.89 8.85 12.81
C VAL A 89 -0.34 7.49 12.42
N ASP A 90 0.79 7.11 13.02
CA ASP A 90 1.41 5.83 12.74
C ASP A 90 0.37 4.72 12.64
N THR A 91 0.44 3.94 11.56
CA THR A 91 -0.50 2.85 11.36
C THR A 91 0.20 1.65 10.71
N VAL A 92 -0.26 0.45 11.08
CA VAL A 92 0.31 -0.78 10.53
C VAL A 92 -0.62 -1.41 9.50
N LEU A 93 -0.04 -2.08 8.52
CA LEU A 93 -0.81 -2.73 7.47
C LEU A 93 -0.30 -4.14 7.21
N ASN A 94 -1.24 -5.08 7.06
CA ASN A 94 -0.88 -6.48 6.81
C ASN A 94 -1.36 -6.92 5.43
N VAL A 95 -0.42 -7.44 4.63
CA VAL A 95 -0.75 -7.91 3.29
C VAL A 95 -1.21 -9.36 3.30
N GLU A 96 -2.47 -9.57 2.96
CA GLU A 96 -3.03 -10.92 2.94
C GLU A 96 -3.85 -11.16 1.66
N GLU A 97 -3.65 -12.31 1.04
CA GLU A 97 -4.36 -12.66 -0.18
C GLU A 97 -5.77 -12.07 -0.17
N LYS A 98 -6.30 -11.77 -1.35
CA LYS A 98 -7.64 -11.21 -1.48
C LYS A 98 -8.65 -12.03 -0.69
N GLU A 99 -9.86 -11.49 -0.57
CA GLU A 99 -10.92 -12.19 0.16
C GLU A 99 -12.00 -12.68 -0.79
N GLN A 100 -12.67 -13.77 -0.40
CA GLN A 100 -13.73 -14.34 -1.22
C GLN A 100 -13.33 -14.35 -2.70
N SER A 101 -12.09 -14.75 -2.97
CA SER A 101 -11.59 -14.81 -4.33
C SER A 101 -11.57 -16.24 -4.85
N SER A 102 -12.73 -16.70 -5.32
CA SER A 102 -12.86 -18.06 -5.84
C SER A 102 -12.70 -18.07 -7.36
N GLN A 103 -12.28 -19.21 -7.90
CA GLN A 103 -12.08 -19.36 -9.33
C GLN A 103 -13.39 -19.72 -10.02
N SER A 104 -14.03 -20.78 -9.54
CA SER A 104 -15.29 -21.24 -10.12
C SER A 104 -16.43 -20.29 -9.75
N GLY A 105 -16.62 -19.26 -10.58
CA GLY A 105 -17.68 -18.30 -10.34
C GLY A 105 -19.04 -18.80 -10.76
N PRO A 106 -20.10 -18.10 -10.31
CA PRO A 106 -21.48 -18.48 -10.65
C PRO A 106 -21.82 -18.24 -12.11
N SER A 107 -22.45 -19.22 -12.74
CA SER A 107 -22.83 -19.12 -14.14
C SER A 107 -24.01 -18.18 -14.33
N SER A 108 -25.04 -18.37 -13.52
CA SER A 108 -26.24 -17.55 -13.58
C SER A 108 -25.89 -16.08 -13.37
N GLY A 109 -26.68 -15.21 -13.99
CA GLY A 109 -26.45 -13.77 -13.86
C GLY A 109 -27.53 -12.94 -14.50
N GLY A 1 14.24 16.85 -19.71
CA GLY A 1 15.38 16.72 -20.60
C GLY A 1 15.02 16.02 -21.90
N SER A 2 14.61 14.76 -21.79
CA SER A 2 14.24 13.98 -22.97
C SER A 2 13.41 12.76 -22.56
N SER A 3 12.70 12.19 -23.53
CA SER A 3 11.86 11.02 -23.27
C SER A 3 11.52 10.30 -24.58
N GLY A 4 11.86 9.01 -24.64
CA GLY A 4 11.58 8.23 -25.83
C GLY A 4 11.64 6.75 -25.59
N SER A 5 10.60 6.21 -24.96
CA SER A 5 10.54 4.78 -24.66
C SER A 5 9.13 4.36 -24.26
N SER A 6 8.72 3.18 -24.70
CA SER A 6 7.39 2.67 -24.39
C SER A 6 7.48 1.38 -23.57
N GLY A 7 6.83 1.38 -22.41
CA GLY A 7 6.85 0.21 -21.55
C GLY A 7 7.99 0.24 -20.56
N GLU A 8 7.95 1.20 -19.64
CA GLU A 8 8.99 1.33 -18.63
C GLU A 8 8.39 1.36 -17.23
N VAL A 9 9.18 0.90 -16.25
CA VAL A 9 8.72 0.86 -14.86
C VAL A 9 9.19 2.10 -14.11
N PRO A 10 8.25 2.76 -13.41
CA PRO A 10 8.53 3.97 -12.64
C PRO A 10 9.37 3.68 -11.40
N ASP A 11 9.67 4.72 -10.63
CA ASP A 11 10.46 4.58 -9.41
C ASP A 11 9.78 5.27 -8.23
N LEU A 12 9.80 4.60 -7.08
CA LEU A 12 9.19 5.16 -5.88
C LEU A 12 9.86 6.47 -5.48
N PRO A 13 9.05 7.41 -4.97
CA PRO A 13 9.55 8.72 -4.53
C PRO A 13 10.41 8.63 -3.27
N GLU A 14 11.20 9.67 -3.02
CA GLU A 14 12.07 9.70 -1.85
C GLU A 14 11.26 9.59 -0.57
N GLU A 15 11.48 8.51 0.17
CA GLU A 15 10.76 8.28 1.42
C GLU A 15 11.10 9.35 2.44
N PRO A 16 10.10 9.78 3.21
CA PRO A 16 10.26 10.81 4.25
C PRO A 16 11.08 10.32 5.43
N SER A 17 12.09 11.10 5.82
CA SER A 17 12.95 10.74 6.94
C SER A 17 12.18 10.78 8.25
N GLU A 18 12.75 10.16 9.28
CA GLU A 18 12.11 10.11 10.59
C GLU A 18 12.08 11.51 11.21
N THR A 19 12.67 12.47 10.53
CA THR A 19 12.70 13.85 11.01
C THR A 19 11.92 14.77 10.09
N ALA A 20 11.05 14.19 9.28
CA ALA A 20 10.24 14.97 8.35
C ALA A 20 8.97 15.49 9.03
N GLU A 21 8.36 16.52 8.44
CA GLU A 21 7.16 17.10 8.99
C GLU A 21 5.91 16.53 8.31
N GLU A 22 4.84 16.38 9.08
CA GLU A 22 3.59 15.85 8.55
C GLU A 22 3.82 14.49 7.89
N VAL A 23 4.59 13.64 8.56
CA VAL A 23 4.89 12.30 8.04
C VAL A 23 4.64 11.23 9.09
N VAL A 24 3.96 10.16 8.69
CA VAL A 24 3.66 9.06 9.60
C VAL A 24 4.43 7.81 9.22
N THR A 25 4.40 6.81 10.09
CA THR A 25 5.09 5.54 9.85
C THR A 25 4.13 4.48 9.36
N VAL A 26 4.50 3.79 8.28
CA VAL A 26 3.67 2.74 7.71
C VAL A 26 4.49 1.49 7.41
N ALA A 27 4.15 0.38 8.06
CA ALA A 27 4.86 -0.87 7.86
C ALA A 27 3.96 -1.91 7.20
N LEU A 28 4.53 -2.70 6.30
CA LEU A 28 3.78 -3.74 5.60
C LEU A 28 4.12 -5.12 6.14
N ARG A 29 3.09 -5.86 6.53
CA ARG A 29 3.28 -7.21 7.06
C ARG A 29 2.92 -8.26 6.03
N CYS A 30 3.92 -8.95 5.50
CA CYS A 30 3.71 -9.99 4.50
C CYS A 30 3.38 -11.32 5.16
N PRO A 31 2.62 -12.16 4.45
CA PRO A 31 2.21 -13.48 4.94
C PRO A 31 3.38 -14.45 5.02
N ASN A 32 4.53 -14.03 4.51
CA ASN A 32 5.72 -14.87 4.53
C ASN A 32 6.43 -14.77 5.87
N GLY A 33 6.24 -13.65 6.55
CA GLY A 33 6.87 -13.45 7.85
C GLY A 33 7.71 -12.19 7.89
N ARG A 34 8.15 -11.72 6.72
CA ARG A 34 8.97 -10.52 6.64
C ARG A 34 8.12 -9.27 6.88
N VAL A 35 8.74 -8.25 7.46
CA VAL A 35 8.03 -6.99 7.75
C VAL A 35 8.90 -5.79 7.41
N LEU A 36 8.48 -5.03 6.42
CA LEU A 36 9.22 -3.84 5.99
C LEU A 36 8.54 -2.57 6.49
N ARG A 37 9.30 -1.70 7.14
CA ARG A 37 8.77 -0.46 7.67
C ARG A 37 9.23 0.72 6.82
N ARG A 38 8.30 1.63 6.51
CA ARG A 38 8.61 2.80 5.70
C ARG A 38 7.70 3.96 6.07
N ARG A 39 8.25 5.18 5.99
CA ARG A 39 7.48 6.37 6.32
C ARG A 39 6.73 6.89 5.10
N PHE A 40 5.66 7.64 5.33
CA PHE A 40 4.86 8.20 4.25
C PHE A 40 4.12 9.46 4.70
N PHE A 41 4.29 10.53 3.94
CA PHE A 41 3.65 11.80 4.26
C PHE A 41 2.14 11.62 4.43
N LYS A 42 1.48 12.65 4.95
CA LYS A 42 0.04 12.61 5.15
C LYS A 42 -0.70 13.18 3.94
N SER A 43 0.06 13.65 2.97
CA SER A 43 -0.52 14.22 1.75
C SER A 43 -0.66 13.16 0.67
N TRP A 44 0.24 12.19 0.70
CA TRP A 44 0.22 11.11 -0.29
C TRP A 44 -1.07 10.29 -0.18
N ASN A 45 -1.64 9.95 -1.33
CA ASN A 45 -2.87 9.17 -1.37
C ASN A 45 -2.57 7.67 -1.30
N SER A 46 -3.42 6.95 -0.59
CA SER A 46 -3.24 5.51 -0.44
C SER A 46 -2.69 4.89 -1.72
N GLN A 47 -3.04 5.49 -2.85
CA GLN A 47 -2.57 5.00 -4.15
C GLN A 47 -1.07 4.68 -4.10
N VAL A 48 -0.27 5.70 -3.84
CA VAL A 48 1.18 5.53 -3.77
C VAL A 48 1.55 4.19 -3.14
N LEU A 49 0.68 3.71 -2.25
CA LEU A 49 0.92 2.44 -1.57
C LEU A 49 0.91 1.28 -2.57
N LEU A 50 -0.20 1.13 -3.28
CA LEU A 50 -0.34 0.07 -4.27
C LEU A 50 0.97 -0.14 -5.03
N ASP A 51 1.60 0.97 -5.40
CA ASP A 51 2.86 0.91 -6.13
C ASP A 51 3.94 0.22 -5.31
N TRP A 52 4.12 0.66 -4.07
CA TRP A 52 5.11 0.08 -3.18
C TRP A 52 4.84 -1.41 -2.96
N MET A 53 3.58 -1.75 -2.79
CA MET A 53 3.18 -3.14 -2.56
C MET A 53 3.54 -4.00 -3.77
N MET A 54 3.48 -3.41 -4.95
CA MET A 54 3.80 -4.13 -6.19
C MET A 54 5.31 -4.21 -6.40
N LYS A 55 6.05 -3.38 -5.67
CA LYS A 55 7.50 -3.36 -5.77
C LYS A 55 8.12 -4.42 -4.87
N VAL A 56 7.50 -4.66 -3.72
CA VAL A 56 7.99 -5.65 -2.77
C VAL A 56 7.73 -7.07 -3.28
N GLY A 57 6.74 -7.21 -4.16
CA GLY A 57 6.41 -8.51 -4.70
C GLY A 57 4.98 -8.93 -4.41
N TYR A 58 4.09 -7.94 -4.36
CA TYR A 58 2.68 -8.20 -4.08
C TYR A 58 1.79 -7.26 -4.87
N HIS A 59 0.90 -7.84 -5.68
CA HIS A 59 -0.02 -7.04 -6.49
C HIS A 59 -1.20 -6.56 -5.66
N LYS A 60 -1.99 -5.65 -6.23
CA LYS A 60 -3.15 -5.11 -5.55
C LYS A 60 -4.41 -5.89 -5.92
N SER A 61 -4.58 -6.17 -7.20
CA SER A 61 -5.74 -6.92 -7.67
C SER A 61 -5.68 -8.37 -7.21
N LEU A 62 -4.59 -8.74 -6.56
CA LEU A 62 -4.41 -10.10 -6.06
C LEU A 62 -4.23 -10.11 -4.55
N TYR A 63 -3.77 -8.98 -4.01
CA TYR A 63 -3.56 -8.87 -2.57
C TYR A 63 -4.04 -7.51 -2.06
N ARG A 64 -4.73 -7.53 -0.92
CA ARG A 64 -5.24 -6.30 -0.33
C ARG A 64 -4.50 -5.97 0.97
N LEU A 65 -4.75 -4.78 1.50
CA LEU A 65 -4.10 -4.34 2.74
C LEU A 65 -5.10 -4.33 3.89
N SER A 66 -4.64 -4.73 5.06
CA SER A 66 -5.49 -4.76 6.24
C SER A 66 -4.80 -4.09 7.44
N THR A 67 -5.59 -3.46 8.29
CA THR A 67 -5.05 -2.77 9.47
C THR A 67 -4.61 -3.78 10.53
N SER A 68 -3.69 -3.35 11.38
CA SER A 68 -3.18 -4.21 12.44
C SER A 68 -4.32 -4.92 13.16
N PHE A 69 -5.19 -4.13 13.78
CA PHE A 69 -6.33 -4.68 14.51
C PHE A 69 -7.32 -3.58 14.89
N PRO A 70 -8.62 -3.89 14.80
CA PRO A 70 -9.09 -5.21 14.36
C PRO A 70 -8.82 -5.45 12.87
N ARG A 71 -8.73 -6.73 12.50
CA ARG A 71 -8.48 -7.09 11.11
C ARG A 71 -9.65 -6.68 10.22
N ARG A 72 -9.39 -5.76 9.29
CA ARG A 72 -10.41 -5.28 8.38
C ARG A 72 -9.80 -4.87 7.04
N ALA A 73 -10.52 -5.14 5.96
CA ALA A 73 -10.05 -4.82 4.62
C ALA A 73 -10.06 -3.31 4.40
N LEU A 74 -8.88 -2.74 4.15
CA LEU A 74 -8.77 -1.30 3.92
C LEU A 74 -9.09 -0.95 2.47
N GLU A 75 -9.78 0.16 2.28
CA GLU A 75 -10.16 0.61 0.95
C GLU A 75 -9.30 1.78 0.50
N VAL A 76 -8.86 1.75 -0.75
CA VAL A 76 -8.02 2.81 -1.31
C VAL A 76 -8.72 3.52 -2.46
N GLU A 77 -8.77 4.84 -2.40
CA GLU A 77 -9.41 5.63 -3.45
C GLU A 77 -8.41 6.60 -4.09
N GLY A 78 -8.87 7.32 -5.10
CA GLY A 78 -8.01 8.28 -5.78
C GLY A 78 -8.04 9.64 -5.14
N GLY A 79 -9.13 9.96 -4.45
CA GLY A 79 -9.27 11.24 -3.81
C GLY A 79 -9.02 11.17 -2.31
N SER A 80 -9.27 10.00 -1.73
CA SER A 80 -9.07 9.81 -0.30
C SER A 80 -7.59 9.70 0.05
N SER A 81 -7.04 10.77 0.63
CA SER A 81 -5.64 10.80 1.01
C SER A 81 -5.37 9.87 2.19
N LEU A 82 -4.10 9.56 2.42
CA LEU A 82 -3.70 8.68 3.51
C LEU A 82 -4.38 9.10 4.81
N GLU A 83 -4.36 10.40 5.09
CA GLU A 83 -4.98 10.93 6.31
C GLU A 83 -6.50 10.81 6.24
N ASP A 84 -7.06 11.14 5.09
CA ASP A 84 -8.50 11.08 4.88
C ASP A 84 -9.03 9.67 5.16
N ILE A 85 -8.35 8.67 4.61
CA ILE A 85 -8.74 7.28 4.80
C ILE A 85 -8.62 6.87 6.26
N GLY A 86 -7.69 7.50 6.97
CA GLY A 86 -7.48 7.17 8.37
C GLY A 86 -6.04 6.86 8.69
N ILE A 87 -5.12 7.68 8.18
CA ILE A 87 -3.70 7.48 8.43
C ILE A 87 -3.02 8.77 8.85
N THR A 88 -3.35 9.24 10.05
CA THR A 88 -2.78 10.47 10.58
C THR A 88 -1.68 10.17 11.59
N VAL A 89 -1.56 8.91 11.99
CA VAL A 89 -0.56 8.50 12.95
C VAL A 89 0.04 7.14 12.59
N ASP A 90 1.26 6.89 13.04
CA ASP A 90 1.93 5.63 12.76
C ASP A 90 0.94 4.47 12.73
N THR A 91 0.71 3.94 11.54
CA THR A 91 -0.22 2.82 11.37
C THR A 91 0.47 1.62 10.72
N VAL A 92 0.15 0.43 11.22
CA VAL A 92 0.74 -0.79 10.67
C VAL A 92 -0.22 -1.48 9.71
N LEU A 93 0.28 -1.80 8.51
CA LEU A 93 -0.54 -2.46 7.50
C LEU A 93 -0.22 -3.95 7.44
N ASN A 94 -1.11 -4.71 6.81
CA ASN A 94 -0.92 -6.15 6.68
C ASN A 94 -1.36 -6.64 5.30
N VAL A 95 -0.45 -7.30 4.60
CA VAL A 95 -0.75 -7.81 3.26
C VAL A 95 -1.36 -9.20 3.33
N GLU A 96 -2.41 -9.42 2.54
CA GLU A 96 -3.08 -10.71 2.52
C GLU A 96 -3.72 -10.97 1.16
N GLU A 97 -4.28 -12.16 0.99
CA GLU A 97 -4.92 -12.54 -0.27
C GLU A 97 -6.34 -11.96 -0.35
N LYS A 98 -6.82 -11.78 -1.57
CA LYS A 98 -8.16 -11.24 -1.78
C LYS A 98 -9.22 -12.33 -1.60
N GLU A 99 -8.77 -13.52 -1.19
CA GLU A 99 -9.68 -14.64 -0.98
C GLU A 99 -10.49 -14.45 0.29
N GLN A 100 -11.80 -14.27 0.14
CA GLN A 100 -12.69 -14.07 1.28
C GLN A 100 -13.70 -15.20 1.38
N SER A 101 -13.34 -16.26 2.09
CA SER A 101 -14.22 -17.41 2.25
C SER A 101 -15.11 -17.23 3.47
N SER A 102 -16.32 -16.71 3.26
CA SER A 102 -17.27 -16.49 4.34
C SER A 102 -18.42 -17.48 4.26
N GLN A 103 -18.44 -18.43 5.19
CA GLN A 103 -19.48 -19.45 5.22
C GLN A 103 -20.87 -18.81 5.19
N SER A 104 -21.89 -19.63 4.98
CA SER A 104 -23.27 -19.13 4.91
C SER A 104 -24.25 -20.29 4.94
N GLY A 105 -25.17 -20.26 5.90
CA GLY A 105 -26.16 -21.31 6.01
C GLY A 105 -25.99 -22.15 7.26
N PRO A 106 -26.54 -21.65 8.39
CA PRO A 106 -26.45 -22.35 9.68
C PRO A 106 -27.29 -23.63 9.71
N SER A 107 -26.62 -24.76 9.92
CA SER A 107 -27.30 -26.05 9.97
C SER A 107 -28.69 -25.91 10.58
N SER A 108 -29.71 -26.11 9.76
CA SER A 108 -31.09 -26.00 10.22
C SER A 108 -31.31 -26.84 11.48
N GLY A 109 -30.85 -28.09 11.44
CA GLY A 109 -31.00 -28.97 12.59
C GLY A 109 -32.28 -29.78 12.52
N GLY A 1 22.24 5.62 -24.52
CA GLY A 1 20.80 5.59 -24.30
C GLY A 1 20.04 4.93 -25.43
N SER A 2 20.01 3.60 -25.42
CA SER A 2 19.31 2.85 -26.45
C SER A 2 17.82 3.16 -26.45
N SER A 3 17.15 2.81 -27.54
CA SER A 3 15.71 3.07 -27.67
C SER A 3 14.91 1.80 -27.37
N GLY A 4 13.64 1.99 -27.04
CA GLY A 4 12.79 0.84 -26.74
C GLY A 4 13.20 0.14 -25.46
N SER A 5 12.64 0.57 -24.33
CA SER A 5 12.96 -0.02 -23.04
C SER A 5 11.86 -0.98 -22.60
N SER A 6 12.09 -2.27 -22.84
CA SER A 6 11.11 -3.29 -22.48
C SER A 6 11.21 -3.63 -20.99
N GLY A 7 10.06 -3.84 -20.36
CA GLY A 7 10.05 -4.17 -18.94
C GLY A 7 10.13 -2.94 -18.06
N GLU A 8 9.35 -1.91 -18.40
CA GLU A 8 9.34 -0.68 -17.64
C GLU A 8 9.02 -0.95 -16.17
N VAL A 9 10.00 -0.71 -15.30
CA VAL A 9 9.82 -0.93 -13.87
C VAL A 9 9.32 0.33 -13.18
N PRO A 10 8.37 0.17 -12.25
CA PRO A 10 7.81 1.29 -11.49
C PRO A 10 8.79 1.89 -10.51
N ASP A 11 8.71 3.21 -10.31
CA ASP A 11 9.59 3.90 -9.39
C ASP A 11 8.81 4.57 -8.27
N LEU A 12 9.42 4.68 -7.10
CA LEU A 12 8.78 5.30 -5.95
C LEU A 12 9.26 6.73 -5.76
N PRO A 13 8.41 7.56 -5.15
CA PRO A 13 8.72 8.97 -4.89
C PRO A 13 9.81 9.14 -3.83
N GLU A 14 10.27 10.38 -3.64
CA GLU A 14 11.30 10.67 -2.67
C GLU A 14 10.83 10.32 -1.25
N GLU A 15 11.50 9.34 -0.64
CA GLU A 15 11.15 8.91 0.71
C GLU A 15 11.44 10.01 1.73
N PRO A 16 10.43 10.33 2.56
CA PRO A 16 10.56 11.37 3.59
C PRO A 16 11.49 10.95 4.72
N SER A 17 12.12 11.93 5.34
CA SER A 17 13.05 11.67 6.45
C SER A 17 12.31 11.65 7.78
N GLU A 18 12.86 10.92 8.74
CA GLU A 18 12.25 10.80 10.06
C GLU A 18 11.77 12.16 10.56
N THR A 19 12.58 13.19 10.31
CA THR A 19 12.24 14.55 10.73
C THR A 19 11.15 15.14 9.85
N ALA A 20 11.19 14.81 8.56
CA ALA A 20 10.21 15.30 7.61
C ALA A 20 8.83 15.44 8.25
N GLU A 21 8.34 16.67 8.33
CA GLU A 21 7.04 16.93 8.93
C GLU A 21 5.92 16.32 8.10
N GLU A 22 4.74 16.20 8.69
CA GLU A 22 3.58 15.62 8.00
C GLU A 22 3.94 14.26 7.40
N VAL A 23 4.69 13.46 8.15
CA VAL A 23 5.10 12.14 7.69
C VAL A 23 4.85 11.09 8.75
N VAL A 24 4.18 10.00 8.36
CA VAL A 24 3.87 8.92 9.28
C VAL A 24 4.63 7.65 8.91
N THR A 25 4.87 6.79 9.91
CA THR A 25 5.59 5.55 9.69
C THR A 25 4.63 4.41 9.41
N VAL A 26 4.53 4.01 8.14
CA VAL A 26 3.64 2.92 7.74
C VAL A 26 4.44 1.67 7.39
N ALA A 27 4.08 0.55 8.03
CA ALA A 27 4.76 -0.72 7.79
C ALA A 27 3.82 -1.72 7.13
N LEU A 28 4.40 -2.67 6.41
CA LEU A 28 3.61 -3.70 5.73
C LEU A 28 3.96 -5.10 6.25
N ARG A 29 2.94 -5.81 6.71
CA ARG A 29 3.13 -7.16 7.23
C ARG A 29 2.93 -8.21 6.14
N CYS A 30 3.99 -8.45 5.37
CA CYS A 30 3.94 -9.43 4.29
C CYS A 30 3.41 -10.77 4.81
N PRO A 31 2.71 -11.50 3.92
CA PRO A 31 2.13 -12.81 4.25
C PRO A 31 3.20 -13.88 4.44
N ASN A 32 4.46 -13.48 4.27
CA ASN A 32 5.58 -14.41 4.42
C ASN A 32 6.30 -14.19 5.74
N GLY A 33 5.56 -13.76 6.75
CA GLY A 33 6.15 -13.51 8.06
C GLY A 33 7.16 -12.39 8.03
N ARG A 34 7.24 -11.69 6.90
CA ARG A 34 8.18 -10.59 6.75
C ARG A 34 7.52 -9.26 7.10
N VAL A 35 8.32 -8.31 7.58
CA VAL A 35 7.81 -7.00 7.94
C VAL A 35 8.75 -5.89 7.47
N LEU A 36 8.21 -4.95 6.71
CA LEU A 36 9.01 -3.84 6.19
C LEU A 36 8.48 -2.50 6.73
N ARG A 37 9.40 -1.66 7.17
CA ARG A 37 9.03 -0.35 7.71
C ARG A 37 9.49 0.77 6.77
N ARG A 38 8.68 1.81 6.66
CA ARG A 38 9.01 2.95 5.81
C ARG A 38 8.13 4.15 6.13
N ARG A 39 8.64 5.34 5.84
CA ARG A 39 7.90 6.57 6.10
C ARG A 39 7.05 6.97 4.89
N PHE A 40 5.91 7.60 5.16
CA PHE A 40 5.01 8.03 4.09
C PHE A 40 4.32 9.34 4.47
N PHE A 41 4.43 10.33 3.58
CA PHE A 41 3.82 11.63 3.81
C PHE A 41 2.34 11.49 4.15
N LYS A 42 1.73 12.59 4.56
CA LYS A 42 0.30 12.60 4.91
C LYS A 42 -0.56 12.94 3.71
N SER A 43 0.00 13.73 2.79
CA SER A 43 -0.72 14.14 1.58
C SER A 43 -0.81 12.98 0.58
N TRP A 44 0.20 12.11 0.61
CA TRP A 44 0.23 10.96 -0.29
C TRP A 44 -1.03 10.13 -0.16
N ASN A 45 -1.78 10.00 -1.26
CA ASN A 45 -3.01 9.23 -1.27
C ASN A 45 -2.71 7.73 -1.19
N SER A 46 -3.55 7.00 -0.47
CA SER A 46 -3.38 5.57 -0.32
C SER A 46 -2.81 4.94 -1.59
N GLN A 47 -3.19 5.52 -2.73
CA GLN A 47 -2.72 5.03 -4.02
C GLN A 47 -1.22 4.75 -3.99
N VAL A 48 -0.43 5.81 -3.75
CA VAL A 48 1.02 5.67 -3.70
C VAL A 48 1.43 4.35 -3.07
N LEU A 49 0.65 3.91 -2.09
CA LEU A 49 0.93 2.65 -1.39
C LEU A 49 0.97 1.49 -2.37
N LEU A 50 -0.14 1.26 -3.06
CA LEU A 50 -0.24 0.19 -4.05
C LEU A 50 1.08 -0.01 -4.77
N ASP A 51 1.66 1.09 -5.25
CA ASP A 51 2.92 1.05 -5.96
C ASP A 51 4.01 0.41 -5.11
N TRP A 52 4.14 0.89 -3.88
CA TRP A 52 5.14 0.36 -2.96
C TRP A 52 4.94 -1.13 -2.72
N MET A 53 3.67 -1.56 -2.72
CA MET A 53 3.35 -2.96 -2.51
C MET A 53 3.77 -3.81 -3.70
N MET A 54 3.71 -3.22 -4.89
CA MET A 54 4.08 -3.93 -6.11
C MET A 54 5.61 -4.01 -6.24
N LYS A 55 6.30 -3.08 -5.59
CA LYS A 55 7.77 -3.06 -5.63
C LYS A 55 8.34 -4.16 -4.74
N VAL A 56 7.80 -4.29 -3.54
CA VAL A 56 8.26 -5.30 -2.60
C VAL A 56 8.07 -6.71 -3.15
N GLY A 57 7.05 -6.86 -3.99
CA GLY A 57 6.76 -8.17 -4.58
C GLY A 57 5.36 -8.64 -4.29
N TYR A 58 4.38 -7.77 -4.50
CA TYR A 58 2.98 -8.10 -4.26
C TYR A 58 2.06 -7.15 -5.01
N HIS A 59 1.17 -7.71 -5.83
CA HIS A 59 0.23 -6.92 -6.60
C HIS A 59 -0.95 -6.49 -5.74
N LYS A 60 -1.78 -5.59 -6.27
CA LYS A 60 -2.95 -5.11 -5.56
C LYS A 60 -4.19 -5.94 -5.90
N SER A 61 -4.26 -6.37 -7.15
CA SER A 61 -5.40 -7.17 -7.61
C SER A 61 -5.37 -8.56 -6.98
N LEU A 62 -4.17 -9.02 -6.62
CA LEU A 62 -4.00 -10.33 -6.01
C LEU A 62 -4.03 -10.24 -4.49
N TYR A 63 -3.31 -9.27 -3.94
CA TYR A 63 -3.27 -9.08 -2.50
C TYR A 63 -3.97 -7.78 -2.10
N ARG A 64 -4.45 -7.73 -0.86
CA ARG A 64 -5.13 -6.55 -0.36
C ARG A 64 -4.45 -6.01 0.90
N LEU A 65 -4.94 -4.89 1.40
CA LEU A 65 -4.38 -4.27 2.59
C LEU A 65 -5.41 -4.21 3.72
N SER A 66 -5.01 -4.68 4.89
CA SER A 66 -5.90 -4.69 6.06
C SER A 66 -5.25 -3.99 7.25
N THR A 67 -6.04 -3.75 8.28
CA THR A 67 -5.54 -3.09 9.49
C THR A 67 -4.93 -4.10 10.45
N SER A 68 -4.26 -3.59 11.49
CA SER A 68 -3.61 -4.45 12.48
C SER A 68 -4.65 -5.08 13.40
N PHE A 69 -5.35 -4.25 14.16
CA PHE A 69 -6.36 -4.72 15.08
C PHE A 69 -7.27 -3.58 15.53
N PRO A 70 -8.60 -3.78 15.41
CA PRO A 70 -9.16 -5.03 14.88
C PRO A 70 -8.89 -5.20 13.39
N ARG A 71 -8.64 -6.44 12.97
CA ARG A 71 -8.38 -6.73 11.57
C ARG A 71 -9.63 -6.52 10.72
N ARG A 72 -9.45 -5.96 9.53
CA ARG A 72 -10.57 -5.70 8.63
C ARG A 72 -10.06 -5.38 7.23
N ALA A 73 -10.84 -5.77 6.22
CA ALA A 73 -10.47 -5.51 4.83
C ALA A 73 -10.60 -4.03 4.49
N LEU A 74 -9.47 -3.36 4.37
CA LEU A 74 -9.45 -1.93 4.05
C LEU A 74 -9.31 -1.72 2.54
N GLU A 75 -9.83 -0.59 2.06
CA GLU A 75 -9.76 -0.26 0.65
C GLU A 75 -9.11 1.09 0.43
N VAL A 76 -8.34 1.22 -0.65
CA VAL A 76 -7.67 2.46 -0.97
C VAL A 76 -8.63 3.48 -1.57
N GLU A 77 -8.62 4.69 -1.03
CA GLU A 77 -9.51 5.75 -1.51
C GLU A 77 -8.71 6.78 -2.32
N GLY A 78 -8.74 6.62 -3.64
CA GLY A 78 -8.02 7.55 -4.51
C GLY A 78 -8.38 8.99 -4.23
N GLY A 79 -9.56 9.22 -3.67
CA GLY A 79 -10.00 10.56 -3.37
C GLY A 79 -9.41 11.09 -2.08
N SER A 80 -9.68 10.40 -0.98
CA SER A 80 -9.17 10.80 0.33
C SER A 80 -7.71 10.41 0.49
N SER A 81 -6.90 11.34 0.98
CA SER A 81 -5.48 11.10 1.18
C SER A 81 -5.25 10.13 2.34
N LEU A 82 -3.98 9.80 2.57
CA LEU A 82 -3.63 8.88 3.65
C LEU A 82 -4.19 9.36 4.98
N GLU A 83 -4.09 10.67 5.23
CA GLU A 83 -4.60 11.25 6.46
C GLU A 83 -6.12 11.30 6.47
N ASP A 84 -6.71 11.47 5.28
CA ASP A 84 -8.15 11.53 5.14
C ASP A 84 -8.78 10.17 5.42
N ILE A 85 -8.08 9.11 5.01
CA ILE A 85 -8.57 7.75 5.21
C ILE A 85 -8.43 7.32 6.67
N GLY A 86 -7.44 7.89 7.35
CA GLY A 86 -7.22 7.56 8.75
C GLY A 86 -5.80 7.12 9.02
N ILE A 87 -4.84 7.87 8.49
CA ILE A 87 -3.43 7.55 8.68
C ILE A 87 -2.63 8.78 9.10
N THR A 88 -3.04 9.39 10.21
CA THR A 88 -2.37 10.58 10.72
C THR A 88 -1.13 10.21 11.52
N VAL A 89 -1.12 8.99 12.07
CA VAL A 89 0.00 8.51 12.86
C VAL A 89 0.45 7.13 12.39
N ASP A 90 1.68 6.77 12.74
CA ASP A 90 2.24 5.48 12.35
C ASP A 90 1.16 4.41 12.35
N THR A 91 0.89 3.85 11.17
CA THR A 91 -0.13 2.82 11.03
C THR A 91 0.44 1.57 10.35
N VAL A 92 0.23 0.42 10.98
CA VAL A 92 0.72 -0.84 10.44
C VAL A 92 -0.32 -1.52 9.56
N LEU A 93 0.04 -1.80 8.32
CA LEU A 93 -0.86 -2.45 7.37
C LEU A 93 -0.43 -3.88 7.09
N ASN A 94 -1.41 -4.77 6.93
CA ASN A 94 -1.13 -6.16 6.66
C ASN A 94 -1.56 -6.54 5.24
N VAL A 95 -0.77 -7.40 4.59
CA VAL A 95 -1.07 -7.83 3.23
C VAL A 95 -1.54 -9.27 3.22
N GLU A 96 -2.64 -9.52 2.50
CA GLU A 96 -3.20 -10.87 2.40
C GLU A 96 -3.75 -11.13 1.00
N GLU A 97 -3.74 -12.39 0.60
CA GLU A 97 -4.23 -12.78 -0.72
C GLU A 97 -5.77 -12.79 -0.74
N LYS A 98 -6.34 -12.24 -1.80
CA LYS A 98 -7.79 -12.19 -1.95
C LYS A 98 -8.36 -13.60 -2.11
N GLU A 99 -9.46 -13.86 -1.41
CA GLU A 99 -10.11 -15.16 -1.48
C GLU A 99 -11.15 -15.19 -2.60
N GLN A 100 -10.69 -15.47 -3.81
CA GLN A 100 -11.57 -15.53 -4.97
C GLN A 100 -12.41 -14.26 -5.09
N SER A 101 -11.86 -13.15 -4.60
CA SER A 101 -12.55 -11.87 -4.64
C SER A 101 -12.53 -11.29 -6.05
N SER A 102 -13.56 -11.58 -6.83
CA SER A 102 -13.66 -11.09 -8.20
C SER A 102 -15.09 -11.18 -8.71
N GLN A 103 -15.52 -10.15 -9.44
CA GLN A 103 -16.88 -10.11 -9.98
C GLN A 103 -17.13 -11.32 -10.88
N SER A 104 -18.01 -12.21 -10.42
CA SER A 104 -18.35 -13.41 -11.18
C SER A 104 -19.82 -13.42 -11.55
N GLY A 105 -20.23 -14.46 -12.28
CA GLY A 105 -21.62 -14.57 -12.69
C GLY A 105 -22.13 -13.33 -13.39
N PRO A 106 -21.86 -13.23 -14.70
CA PRO A 106 -22.29 -12.09 -15.51
C PRO A 106 -23.79 -12.05 -15.71
N SER A 107 -24.47 -13.13 -15.34
CA SER A 107 -25.91 -13.21 -15.49
C SER A 107 -26.61 -12.20 -14.59
N SER A 108 -27.45 -11.36 -15.19
CA SER A 108 -28.18 -10.33 -14.45
C SER A 108 -29.17 -10.97 -13.48
N GLY A 109 -29.69 -10.16 -12.57
CA GLY A 109 -30.64 -10.66 -11.59
C GLY A 109 -31.56 -11.71 -12.16
N GLY A 1 14.82 17.22 -23.60
CA GLY A 1 14.83 15.93 -22.93
C GLY A 1 16.08 15.71 -22.11
N SER A 2 15.91 15.49 -20.81
CA SER A 2 17.03 15.27 -19.91
C SER A 2 17.46 13.80 -19.92
N SER A 3 18.45 13.49 -20.75
CA SER A 3 18.95 12.12 -20.85
C SER A 3 19.19 11.52 -19.47
N GLY A 4 18.82 10.26 -19.29
CA GLY A 4 19.01 9.59 -18.03
C GLY A 4 18.35 8.23 -17.98
N SER A 5 17.53 8.00 -16.96
CA SER A 5 16.83 6.72 -16.80
C SER A 5 15.61 6.66 -17.71
N SER A 6 15.65 5.75 -18.66
CA SER A 6 14.55 5.58 -19.61
C SER A 6 14.03 4.15 -19.60
N GLY A 7 12.72 3.99 -19.53
CA GLY A 7 12.12 2.67 -19.51
C GLY A 7 10.61 2.72 -19.51
N GLU A 8 9.98 1.58 -19.26
CA GLU A 8 8.52 1.49 -19.23
C GLU A 8 8.02 1.12 -17.84
N VAL A 9 8.93 1.13 -16.87
CA VAL A 9 8.57 0.80 -15.49
C VAL A 9 8.75 2.00 -14.57
N PRO A 10 7.70 2.31 -13.80
CA PRO A 10 7.72 3.44 -12.86
C PRO A 10 8.65 3.20 -11.67
N ASP A 11 8.93 4.26 -10.92
CA ASP A 11 9.81 4.15 -9.76
C ASP A 11 9.12 4.69 -8.51
N LEU A 12 9.78 4.54 -7.36
CA LEU A 12 9.22 5.01 -6.10
C LEU A 12 9.94 6.26 -5.61
N PRO A 13 9.19 7.17 -5.00
CA PRO A 13 9.73 8.43 -4.48
C PRO A 13 10.63 8.21 -3.27
N GLU A 14 11.70 9.00 -3.18
CA GLU A 14 12.64 8.89 -2.06
C GLU A 14 11.90 8.91 -0.72
N GLU A 15 12.39 8.12 0.22
CA GLU A 15 11.77 8.04 1.54
C GLU A 15 12.03 9.32 2.34
N PRO A 16 10.99 9.81 3.02
CA PRO A 16 11.08 11.03 3.83
C PRO A 16 11.94 10.84 5.08
N SER A 17 12.62 11.91 5.50
CA SER A 17 13.47 11.85 6.67
C SER A 17 12.69 11.37 7.89
N GLU A 18 13.38 11.31 9.03
CA GLU A 18 12.74 10.87 10.28
C GLU A 18 12.10 12.05 11.01
N THR A 19 12.85 13.15 11.13
CA THR A 19 12.35 14.34 11.80
C THR A 19 11.31 15.05 10.97
N ALA A 20 11.34 14.82 9.65
CA ALA A 20 10.38 15.43 8.76
C ALA A 20 8.99 15.47 9.36
N GLU A 21 8.36 16.65 9.34
CA GLU A 21 7.02 16.82 9.90
C GLU A 21 5.98 16.19 8.98
N GLU A 22 4.78 15.96 9.53
CA GLU A 22 3.69 15.36 8.76
C GLU A 22 4.14 14.07 8.09
N VAL A 23 4.84 13.24 8.85
CA VAL A 23 5.33 11.96 8.33
C VAL A 23 5.01 10.82 9.29
N VAL A 24 4.32 9.80 8.77
CA VAL A 24 3.95 8.65 9.59
C VAL A 24 4.71 7.41 9.15
N THR A 25 4.94 6.50 10.09
CA THR A 25 5.67 5.27 9.80
C THR A 25 4.70 4.15 9.43
N VAL A 26 4.65 3.82 8.13
CA VAL A 26 3.78 2.77 7.64
C VAL A 26 4.54 1.47 7.43
N ALA A 27 4.33 0.51 8.32
CA ALA A 27 5.00 -0.78 8.24
C ALA A 27 4.07 -1.83 7.62
N LEU A 28 4.55 -2.46 6.54
CA LEU A 28 3.77 -3.49 5.86
C LEU A 28 4.11 -4.88 6.39
N ARG A 29 3.08 -5.66 6.70
CA ARG A 29 3.27 -7.00 7.22
C ARG A 29 3.06 -8.04 6.12
N CYS A 30 4.13 -8.78 5.81
CA CYS A 30 4.07 -9.80 4.78
C CYS A 30 3.46 -11.09 5.32
N PRO A 31 2.78 -11.84 4.44
CA PRO A 31 2.14 -13.11 4.81
C PRO A 31 3.15 -14.20 5.12
N ASN A 32 4.44 -13.88 4.99
CA ASN A 32 5.50 -14.84 5.26
C ASN A 32 6.26 -14.46 6.52
N GLY A 33 5.70 -13.54 7.30
CA GLY A 33 6.35 -13.11 8.53
C GLY A 33 7.15 -11.84 8.36
N ARG A 34 7.77 -11.70 7.19
CA ARG A 34 8.57 -10.51 6.90
C ARG A 34 7.80 -9.23 7.18
N VAL A 35 8.50 -8.20 7.62
CA VAL A 35 7.87 -6.92 7.93
C VAL A 35 8.73 -5.76 7.45
N LEU A 36 8.27 -5.09 6.40
CA LEU A 36 8.99 -3.95 5.83
C LEU A 36 8.45 -2.64 6.39
N ARG A 37 9.34 -1.86 7.00
CA ARG A 37 8.95 -0.57 7.57
C ARG A 37 9.39 0.58 6.67
N ARG A 38 8.57 1.63 6.62
CA ARG A 38 8.87 2.79 5.80
C ARG A 38 7.95 3.95 6.14
N ARG A 39 8.48 5.16 6.11
CA ARG A 39 7.71 6.36 6.42
C ARG A 39 6.96 6.86 5.17
N PHE A 40 5.92 7.65 5.40
CA PHE A 40 5.13 8.20 4.30
C PHE A 40 4.39 9.46 4.74
N PHE A 41 4.57 10.54 3.99
CA PHE A 41 3.93 11.81 4.31
C PHE A 41 2.42 11.61 4.46
N LYS A 42 1.74 12.66 4.92
CA LYS A 42 0.30 12.63 5.12
C LYS A 42 -0.43 13.16 3.90
N SER A 43 0.33 13.70 2.95
CA SER A 43 -0.25 14.26 1.73
C SER A 43 -0.41 13.19 0.66
N TRP A 44 0.46 12.18 0.71
CA TRP A 44 0.42 11.09 -0.26
C TRP A 44 -0.91 10.34 -0.17
N ASN A 45 -1.42 9.92 -1.32
CA ASN A 45 -2.69 9.19 -1.37
C ASN A 45 -2.46 7.70 -1.11
N SER A 46 -3.43 7.07 -0.48
CA SER A 46 -3.35 5.65 -0.17
C SER A 46 -3.03 4.83 -1.42
N GLN A 47 -3.20 5.46 -2.59
CA GLN A 47 -2.93 4.79 -3.85
C GLN A 47 -1.45 4.51 -4.01
N VAL A 48 -0.61 5.36 -3.41
CA VAL A 48 0.83 5.18 -3.48
C VAL A 48 1.26 3.84 -2.90
N LEU A 49 0.51 3.36 -1.92
CA LEU A 49 0.80 2.09 -1.28
C LEU A 49 0.69 0.94 -2.27
N LEU A 50 -0.23 1.07 -3.23
CA LEU A 50 -0.45 0.04 -4.24
C LEU A 50 0.82 -0.18 -5.06
N ASP A 51 1.50 0.91 -5.40
CA ASP A 51 2.72 0.83 -6.18
C ASP A 51 3.86 0.23 -5.36
N TRP A 52 4.05 0.74 -4.15
CA TRP A 52 5.10 0.26 -3.26
C TRP A 52 4.87 -1.21 -2.91
N MET A 53 3.62 -1.63 -2.95
CA MET A 53 3.27 -3.02 -2.64
C MET A 53 3.64 -3.96 -3.79
N MET A 54 3.54 -3.45 -5.01
CA MET A 54 3.87 -4.24 -6.19
C MET A 54 5.38 -4.33 -6.38
N LYS A 55 6.11 -3.41 -5.76
CA LYS A 55 7.57 -3.40 -5.85
C LYS A 55 8.18 -4.45 -4.93
N VAL A 56 7.54 -4.67 -3.79
CA VAL A 56 8.02 -5.65 -2.82
C VAL A 56 7.83 -7.07 -3.34
N GLY A 57 6.87 -7.25 -4.24
CA GLY A 57 6.60 -8.56 -4.80
C GLY A 57 5.17 -8.98 -4.63
N TYR A 58 4.32 -8.05 -4.18
CA TYR A 58 2.91 -8.33 -3.97
C TYR A 58 2.04 -7.41 -4.82
N HIS A 59 1.26 -7.99 -5.73
CA HIS A 59 0.39 -7.21 -6.60
C HIS A 59 -0.83 -6.72 -5.82
N LYS A 60 -1.55 -5.76 -6.42
CA LYS A 60 -2.74 -5.20 -5.79
C LYS A 60 -3.95 -6.09 -6.03
N SER A 61 -4.02 -6.69 -7.21
CA SER A 61 -5.13 -7.56 -7.57
C SER A 61 -4.96 -8.94 -6.95
N LEU A 62 -3.76 -9.22 -6.46
CA LEU A 62 -3.45 -10.50 -5.84
C LEU A 62 -3.48 -10.39 -4.32
N TYR A 63 -3.20 -9.19 -3.82
CA TYR A 63 -3.19 -8.94 -2.39
C TYR A 63 -3.65 -7.52 -2.07
N ARG A 64 -4.41 -7.39 -0.99
CA ARG A 64 -4.92 -6.08 -0.58
C ARG A 64 -4.26 -5.62 0.71
N LEU A 65 -4.66 -4.44 1.20
CA LEU A 65 -4.10 -3.89 2.42
C LEU A 65 -5.13 -3.90 3.55
N SER A 66 -4.66 -4.06 4.78
CA SER A 66 -5.54 -4.10 5.94
C SER A 66 -4.92 -3.35 7.12
N THR A 67 -5.72 -3.14 8.17
CA THR A 67 -5.24 -2.45 9.35
C THR A 67 -4.82 -3.44 10.43
N SER A 68 -3.92 -3.00 11.31
CA SER A 68 -3.42 -3.84 12.39
C SER A 68 -4.58 -4.45 13.18
N PHE A 69 -5.37 -3.58 13.81
CA PHE A 69 -6.52 -4.02 14.60
C PHE A 69 -7.50 -2.88 14.82
N PRO A 70 -8.80 -3.18 14.68
CA PRO A 70 -9.27 -4.53 14.34
C PRO A 70 -8.92 -4.92 12.90
N ARG A 71 -8.58 -6.18 12.70
CA ARG A 71 -8.22 -6.67 11.38
C ARG A 71 -9.42 -6.62 10.44
N ARG A 72 -9.30 -5.85 9.37
CA ARG A 72 -10.37 -5.70 8.39
C ARG A 72 -9.83 -5.23 7.05
N ALA A 73 -10.39 -5.75 5.96
CA ALA A 73 -9.97 -5.38 4.62
C ALA A 73 -10.29 -3.91 4.33
N LEU A 74 -9.27 -3.07 4.41
CA LEU A 74 -9.43 -1.64 4.16
C LEU A 74 -9.36 -1.34 2.66
N GLU A 75 -10.13 -0.34 2.24
CA GLU A 75 -10.15 0.05 0.83
C GLU A 75 -9.44 1.38 0.62
N VAL A 76 -8.88 1.56 -0.57
CA VAL A 76 -8.16 2.79 -0.90
C VAL A 76 -8.94 3.62 -1.91
N GLU A 77 -8.96 4.94 -1.69
CA GLU A 77 -9.67 5.85 -2.58
C GLU A 77 -8.70 6.82 -3.25
N GLY A 78 -8.84 6.97 -4.56
CA GLY A 78 -7.97 7.87 -5.30
C GLY A 78 -7.91 9.26 -4.69
N GLY A 79 -9.06 9.74 -4.19
CA GLY A 79 -9.11 11.05 -3.58
C GLY A 79 -8.73 11.02 -2.11
N SER A 80 -9.42 10.19 -1.34
CA SER A 80 -9.17 10.08 0.09
C SER A 80 -7.69 9.84 0.36
N SER A 81 -6.99 10.89 0.79
CA SER A 81 -5.56 10.81 1.07
C SER A 81 -5.31 9.91 2.28
N LEU A 82 -4.04 9.66 2.57
CA LEU A 82 -3.66 8.82 3.70
C LEU A 82 -4.25 9.35 4.99
N GLU A 83 -4.12 10.66 5.21
CA GLU A 83 -4.64 11.29 6.41
C GLU A 83 -6.16 11.41 6.35
N ASP A 84 -6.69 11.51 5.13
CA ASP A 84 -8.12 11.63 4.93
C ASP A 84 -8.84 10.33 5.29
N ILE A 85 -8.19 9.21 5.01
CA ILE A 85 -8.76 7.89 5.31
C ILE A 85 -8.65 7.58 6.79
N GLY A 86 -7.59 8.09 7.42
CA GLY A 86 -7.39 7.84 8.84
C GLY A 86 -5.98 7.37 9.15
N ILE A 87 -4.99 8.06 8.60
CA ILE A 87 -3.60 7.70 8.82
C ILE A 87 -2.81 8.89 9.37
N THR A 88 -3.41 9.60 10.33
CA THR A 88 -2.77 10.75 10.93
C THR A 88 -1.56 10.33 11.76
N VAL A 89 -1.60 9.10 12.28
CA VAL A 89 -0.51 8.59 13.10
C VAL A 89 -0.02 7.24 12.56
N ASP A 90 1.25 6.94 12.83
CA ASP A 90 1.84 5.68 12.37
C ASP A 90 0.83 4.54 12.44
N THR A 91 0.55 3.94 11.28
CA THR A 91 -0.41 2.84 11.21
C THR A 91 0.20 1.64 10.51
N VAL A 92 0.05 0.47 11.13
CA VAL A 92 0.58 -0.77 10.57
C VAL A 92 -0.40 -1.39 9.57
N LEU A 93 0.15 -1.91 8.47
CA LEU A 93 -0.68 -2.53 7.44
C LEU A 93 -0.31 -4.00 7.28
N ASN A 94 -1.22 -4.76 6.66
CA ASN A 94 -1.00 -6.18 6.43
C ASN A 94 -1.32 -6.57 5.00
N VAL A 95 -0.45 -7.36 4.39
CA VAL A 95 -0.64 -7.79 3.01
C VAL A 95 -1.29 -9.18 2.96
N GLU A 96 -2.59 -9.21 2.68
CA GLU A 96 -3.33 -10.46 2.60
C GLU A 96 -3.85 -10.69 1.19
N GLU A 97 -3.74 -11.92 0.71
CA GLU A 97 -4.21 -12.28 -0.63
C GLU A 97 -5.73 -12.21 -0.71
N LYS A 98 -6.23 -11.75 -1.84
CA LYS A 98 -7.68 -11.63 -2.05
C LYS A 98 -8.27 -12.95 -2.53
N GLU A 99 -9.59 -13.01 -2.60
CA GLU A 99 -10.28 -14.22 -3.05
C GLU A 99 -11.25 -13.91 -4.19
N GLN A 100 -11.94 -12.78 -4.07
CA GLN A 100 -12.91 -12.36 -5.08
C GLN A 100 -12.20 -11.97 -6.38
N SER A 101 -12.35 -12.80 -7.39
CA SER A 101 -11.73 -12.55 -8.69
C SER A 101 -12.79 -12.31 -9.77
N SER A 102 -12.71 -11.15 -10.41
CA SER A 102 -13.66 -10.80 -11.46
C SER A 102 -13.27 -9.49 -12.13
N GLN A 103 -13.09 -9.53 -13.45
CA GLN A 103 -12.72 -8.34 -14.21
C GLN A 103 -13.37 -7.09 -13.63
N SER A 104 -12.72 -5.95 -13.79
CA SER A 104 -13.24 -4.69 -13.29
C SER A 104 -13.43 -3.67 -14.42
N GLY A 105 -14.43 -2.82 -14.29
CA GLY A 105 -14.69 -1.82 -15.31
C GLY A 105 -15.87 -0.92 -14.95
N PRO A 106 -17.01 -1.16 -15.62
CA PRO A 106 -18.22 -0.37 -15.40
C PRO A 106 -18.85 -0.65 -14.03
N SER A 107 -18.39 0.06 -13.01
CA SER A 107 -18.90 -0.11 -11.66
C SER A 107 -18.58 1.10 -10.80
N SER A 108 -19.41 1.33 -9.78
CA SER A 108 -19.23 2.46 -8.88
C SER A 108 -18.25 2.11 -7.76
N GLY A 109 -17.61 3.12 -7.19
CA GLY A 109 -16.66 2.89 -6.11
C GLY A 109 -16.03 4.19 -5.62
N GLY A 1 25.75 5.52 -26.64
CA GLY A 1 25.23 5.32 -25.30
C GLY A 1 25.78 4.07 -24.64
N SER A 2 26.89 4.22 -23.93
CA SER A 2 27.53 3.10 -23.25
C SER A 2 26.54 2.41 -22.31
N SER A 3 26.06 3.16 -21.32
CA SER A 3 25.11 2.61 -20.35
C SER A 3 23.88 2.06 -21.05
N GLY A 4 23.52 0.83 -20.70
CA GLY A 4 22.36 0.20 -21.31
C GLY A 4 21.27 -0.12 -20.29
N SER A 5 20.02 0.17 -20.64
CA SER A 5 18.90 -0.09 -19.75
C SER A 5 17.84 -0.95 -20.44
N SER A 6 16.79 -1.28 -19.71
CA SER A 6 15.72 -2.11 -20.24
C SER A 6 14.42 -1.88 -19.46
N GLY A 7 13.30 -1.80 -20.19
CA GLY A 7 12.02 -1.59 -19.54
C GLY A 7 11.83 -0.16 -19.09
N GLU A 8 10.57 0.21 -18.83
CA GLU A 8 10.26 1.56 -18.39
C GLU A 8 9.56 1.55 -17.04
N VAL A 9 9.85 0.52 -16.24
CA VAL A 9 9.26 0.38 -14.93
C VAL A 9 9.28 1.71 -14.17
N PRO A 10 8.17 2.02 -13.47
CA PRO A 10 8.05 3.25 -12.69
C PRO A 10 8.95 3.26 -11.46
N ASP A 11 9.22 4.45 -10.94
CA ASP A 11 10.07 4.59 -9.76
C ASP A 11 9.29 5.22 -8.60
N LEU A 12 9.74 4.95 -7.38
CA LEU A 12 9.08 5.49 -6.19
C LEU A 12 9.61 6.88 -5.86
N PRO A 13 8.74 7.72 -5.28
CA PRO A 13 9.11 9.09 -4.90
C PRO A 13 10.08 9.13 -3.72
N GLU A 14 10.78 10.25 -3.58
CA GLU A 14 11.73 10.41 -2.49
C GLU A 14 11.09 10.13 -1.14
N GLU A 15 11.77 9.36 -0.30
CA GLU A 15 11.26 9.01 1.01
C GLU A 15 11.41 10.19 1.98
N PRO A 16 10.38 10.42 2.80
CA PRO A 16 10.38 11.51 3.78
C PRO A 16 11.34 11.26 4.93
N SER A 17 11.85 12.34 5.53
CA SER A 17 12.79 12.23 6.63
C SER A 17 12.09 11.75 7.90
N GLU A 18 12.85 11.59 8.97
CA GLU A 18 12.30 11.14 10.24
C GLU A 18 11.61 12.28 10.98
N THR A 19 12.25 13.44 10.99
CA THR A 19 11.69 14.61 11.65
C THR A 19 10.71 15.35 10.75
N ALA A 20 10.83 15.12 9.44
CA ALA A 20 9.95 15.76 8.47
C ALA A 20 8.49 15.70 8.92
N GLU A 21 7.88 16.87 9.08
CA GLU A 21 6.49 16.94 9.51
C GLU A 21 5.57 16.33 8.46
N GLU A 22 4.33 16.05 8.87
CA GLU A 22 3.34 15.46 7.97
C GLU A 22 3.86 14.13 7.39
N VAL A 23 4.55 13.36 8.24
CA VAL A 23 5.09 12.08 7.82
C VAL A 23 4.81 11.00 8.85
N VAL A 24 4.31 9.86 8.40
CA VAL A 24 3.99 8.75 9.29
C VAL A 24 4.82 7.51 8.94
N THR A 25 4.89 6.58 9.89
CA THR A 25 5.65 5.34 9.67
C THR A 25 4.73 4.18 9.36
N VAL A 26 4.69 3.78 8.09
CA VAL A 26 3.84 2.68 7.66
C VAL A 26 4.65 1.40 7.50
N ALA A 27 4.26 0.37 8.23
CA ALA A 27 4.95 -0.92 8.17
C ALA A 27 4.10 -1.96 7.46
N LEU A 28 4.61 -2.49 6.36
CA LEU A 28 3.89 -3.50 5.60
C LEU A 28 4.25 -4.91 6.08
N ARG A 29 3.24 -5.64 6.54
CA ARG A 29 3.44 -6.99 7.04
C ARG A 29 3.18 -8.02 5.93
N CYS A 30 4.18 -8.83 5.63
CA CYS A 30 4.06 -9.85 4.59
C CYS A 30 3.45 -11.13 5.16
N PRO A 31 2.78 -11.90 4.30
CA PRO A 31 2.14 -13.16 4.69
C PRO A 31 3.16 -14.24 5.01
N ASN A 32 4.43 -13.96 4.77
CA ASN A 32 5.50 -14.91 5.04
C ASN A 32 5.95 -14.82 6.48
N GLY A 33 5.79 -13.64 7.08
CA GLY A 33 6.19 -13.44 8.46
C GLY A 33 7.03 -12.19 8.65
N ARG A 34 7.79 -11.84 7.62
CA ARG A 34 8.65 -10.66 7.67
C ARG A 34 7.82 -9.38 7.65
N VAL A 35 8.43 -8.28 8.06
CA VAL A 35 7.74 -6.99 8.09
C VAL A 35 8.68 -5.86 7.66
N LEU A 36 8.24 -5.09 6.67
CA LEU A 36 9.04 -3.97 6.17
C LEU A 36 8.49 -2.64 6.67
N ARG A 37 9.37 -1.79 7.18
CA ARG A 37 8.97 -0.48 7.69
C ARG A 37 9.39 0.63 6.73
N ARG A 38 8.50 1.59 6.53
CA ARG A 38 8.79 2.71 5.64
C ARG A 38 7.89 3.91 5.97
N ARG A 39 8.44 5.11 5.77
CA ARG A 39 7.69 6.34 6.04
C ARG A 39 6.94 6.81 4.80
N PHE A 40 5.88 7.59 5.02
CA PHE A 40 5.09 8.10 3.91
C PHE A 40 4.33 9.36 4.34
N PHE A 41 4.50 10.43 3.57
CA PHE A 41 3.83 11.70 3.88
C PHE A 41 2.33 11.48 4.08
N LYS A 42 1.68 12.48 4.68
CA LYS A 42 0.24 12.39 4.94
C LYS A 42 -0.55 13.04 3.81
N SER A 43 0.14 13.76 2.94
CA SER A 43 -0.50 14.43 1.81
C SER A 43 -0.71 13.46 0.65
N TRP A 44 0.18 12.47 0.54
CA TRP A 44 0.10 11.49 -0.53
C TRP A 44 -1.25 10.79 -0.52
N ASN A 45 -1.53 10.03 -1.58
CA ASN A 45 -2.79 9.31 -1.70
C ASN A 45 -2.58 7.81 -1.50
N SER A 46 -3.49 7.19 -0.76
CA SER A 46 -3.40 5.76 -0.49
C SER A 46 -2.93 5.00 -1.74
N GLN A 47 -3.18 5.58 -2.90
CA GLN A 47 -2.79 4.95 -4.16
C GLN A 47 -1.30 4.64 -4.17
N VAL A 48 -0.48 5.68 -3.97
CA VAL A 48 0.96 5.52 -3.96
C VAL A 48 1.37 4.20 -3.29
N LEU A 49 0.59 3.80 -2.30
CA LEU A 49 0.86 2.56 -1.57
C LEU A 49 0.89 1.37 -2.52
N LEU A 50 -0.15 1.25 -3.35
CA LEU A 50 -0.25 0.16 -4.31
C LEU A 50 1.06 0.00 -5.08
N ASP A 51 1.75 1.10 -5.31
CA ASP A 51 3.01 1.08 -6.03
C ASP A 51 4.11 0.41 -5.20
N TRP A 52 4.28 0.89 -3.97
CA TRP A 52 5.29 0.34 -3.08
C TRP A 52 5.06 -1.15 -2.84
N MET A 53 3.79 -1.56 -2.83
CA MET A 53 3.43 -2.95 -2.62
C MET A 53 3.84 -3.81 -3.81
N MET A 54 3.82 -3.20 -5.00
CA MET A 54 4.19 -3.91 -6.22
C MET A 54 5.71 -3.94 -6.38
N LYS A 55 6.40 -3.07 -5.65
CA LYS A 55 7.85 -3.00 -5.73
C LYS A 55 8.49 -4.03 -4.79
N VAL A 56 7.72 -4.50 -3.82
CA VAL A 56 8.21 -5.48 -2.86
C VAL A 56 8.01 -6.90 -3.39
N GLY A 57 7.02 -7.07 -4.26
CA GLY A 57 6.74 -8.37 -4.83
C GLY A 57 5.30 -8.80 -4.63
N TYR A 58 4.44 -7.84 -4.31
CA TYR A 58 3.03 -8.11 -4.09
C TYR A 58 2.15 -7.18 -4.92
N HIS A 59 1.24 -7.76 -5.69
CA HIS A 59 0.34 -6.97 -6.53
C HIS A 59 -0.89 -6.53 -5.75
N LYS A 60 -1.70 -5.69 -6.37
CA LYS A 60 -2.92 -5.19 -5.72
C LYS A 60 -4.11 -6.08 -6.04
N SER A 61 -4.27 -6.43 -7.31
CA SER A 61 -5.37 -7.29 -7.74
C SER A 61 -5.25 -8.68 -7.13
N LEU A 62 -4.12 -8.94 -6.48
CA LEU A 62 -3.87 -10.23 -5.84
C LEU A 62 -3.93 -10.11 -4.32
N TYR A 63 -3.23 -9.12 -3.79
CA TYR A 63 -3.19 -8.90 -2.35
C TYR A 63 -4.00 -7.66 -1.97
N ARG A 64 -4.33 -7.55 -0.69
CA ARG A 64 -5.10 -6.42 -0.20
C ARG A 64 -4.44 -5.80 1.03
N LEU A 65 -5.00 -4.68 1.50
CA LEU A 65 -4.45 -4.00 2.66
C LEU A 65 -5.47 -3.97 3.80
N SER A 66 -4.99 -4.20 5.02
CA SER A 66 -5.85 -4.21 6.19
C SER A 66 -5.18 -3.51 7.38
N THR A 67 -5.99 -3.03 8.31
CA THR A 67 -5.47 -2.34 9.48
C THR A 67 -5.26 -3.31 10.64
N SER A 68 -4.44 -2.90 11.60
CA SER A 68 -4.15 -3.73 12.76
C SER A 68 -5.37 -3.85 13.66
N PHE A 69 -5.28 -4.71 14.67
CA PHE A 69 -6.37 -4.92 15.60
C PHE A 69 -7.03 -3.60 15.99
N PRO A 70 -8.35 -3.50 15.77
CA PRO A 70 -9.13 -4.60 15.21
C PRO A 70 -8.82 -4.85 13.74
N ARG A 71 -8.53 -6.10 13.40
CA ARG A 71 -8.20 -6.47 12.03
C ARG A 71 -9.44 -6.38 11.14
N ARG A 72 -9.33 -5.59 10.08
CA ARG A 72 -10.45 -5.41 9.15
C ARG A 72 -9.93 -5.10 7.74
N ALA A 73 -10.64 -5.59 6.73
CA ALA A 73 -10.26 -5.37 5.34
C ALA A 73 -10.55 -3.94 4.92
N LEU A 74 -9.52 -3.24 4.46
CA LEU A 74 -9.67 -1.85 4.02
C LEU A 74 -9.64 -1.76 2.49
N GLU A 75 -10.23 -0.70 1.96
CA GLU A 75 -10.26 -0.49 0.52
C GLU A 75 -9.62 0.85 0.15
N VAL A 76 -8.85 0.85 -0.93
CA VAL A 76 -8.18 2.05 -1.40
C VAL A 76 -9.17 3.01 -2.06
N GLU A 77 -9.63 4.00 -1.31
CA GLU A 77 -10.58 4.98 -1.82
C GLU A 77 -10.15 5.48 -3.20
N GLY A 78 -8.85 5.66 -3.39
CA GLY A 78 -8.34 6.13 -4.65
C GLY A 78 -8.38 7.64 -4.77
N GLY A 79 -9.44 8.25 -4.24
CA GLY A 79 -9.58 9.69 -4.31
C GLY A 79 -9.14 10.37 -3.02
N SER A 80 -9.46 9.76 -1.89
CA SER A 80 -9.11 10.31 -0.59
C SER A 80 -7.61 10.13 -0.32
N SER A 81 -7.03 11.08 0.41
CA SER A 81 -5.61 11.03 0.74
C SER A 81 -5.35 10.02 1.85
N LEU A 82 -4.09 9.88 2.22
CA LEU A 82 -3.69 8.94 3.27
C LEU A 82 -4.39 9.27 4.59
N GLU A 83 -4.37 10.56 4.95
CA GLU A 83 -5.00 11.01 6.18
C GLU A 83 -6.51 10.96 6.07
N ASP A 84 -7.02 11.21 4.86
CA ASP A 84 -8.47 11.20 4.62
C ASP A 84 -9.05 9.82 4.91
N ILE A 85 -8.26 8.78 4.67
CA ILE A 85 -8.70 7.41 4.90
C ILE A 85 -8.46 7.01 6.36
N GLY A 86 -7.54 7.71 7.02
CA GLY A 86 -7.24 7.40 8.40
C GLY A 86 -5.78 7.02 8.61
N ILE A 87 -4.89 7.83 8.05
CA ILE A 87 -3.45 7.57 8.17
C ILE A 87 -2.72 8.81 8.69
N THR A 88 -3.15 9.31 9.84
CA THR A 88 -2.53 10.49 10.43
C THR A 88 -1.47 10.09 11.45
N VAL A 89 -1.55 8.87 11.95
CA VAL A 89 -0.60 8.37 12.92
C VAL A 89 -0.04 7.01 12.51
N ASP A 90 1.15 6.69 13.00
CA ASP A 90 1.79 5.42 12.69
C ASP A 90 0.77 4.29 12.63
N THR A 91 0.61 3.70 11.44
CA THR A 91 -0.35 2.62 11.25
C THR A 91 0.31 1.42 10.57
N VAL A 92 0.06 0.22 11.09
CA VAL A 92 0.62 -0.99 10.53
C VAL A 92 -0.35 -1.65 9.56
N LEU A 93 0.08 -1.81 8.32
CA LEU A 93 -0.74 -2.42 7.29
C LEU A 93 -0.26 -3.84 6.98
N ASN A 94 -1.21 -4.75 6.79
CA ASN A 94 -0.88 -6.14 6.49
C ASN A 94 -1.31 -6.50 5.06
N VAL A 95 -0.51 -7.33 4.41
CA VAL A 95 -0.80 -7.75 3.04
C VAL A 95 -1.46 -9.13 3.02
N GLU A 96 -2.76 -9.14 2.78
CA GLU A 96 -3.51 -10.40 2.73
C GLU A 96 -3.79 -10.81 1.29
N GLU A 97 -4.11 -12.08 1.09
CA GLU A 97 -4.39 -12.61 -0.24
C GLU A 97 -5.90 -12.67 -0.49
N LYS A 98 -6.34 -12.03 -1.56
CA LYS A 98 -7.76 -12.02 -1.91
C LYS A 98 -8.28 -13.43 -2.15
N GLU A 99 -9.59 -13.58 -2.21
CA GLU A 99 -10.21 -14.88 -2.43
C GLU A 99 -10.63 -15.04 -3.89
N GLN A 100 -11.26 -14.01 -4.44
CA GLN A 100 -11.72 -14.04 -5.83
C GLN A 100 -11.15 -12.86 -6.60
N SER A 101 -10.94 -13.06 -7.90
CA SER A 101 -10.41 -12.01 -8.76
C SER A 101 -10.93 -10.64 -8.34
N SER A 102 -10.12 -9.61 -8.54
CA SER A 102 -10.49 -8.26 -8.19
C SER A 102 -10.95 -7.47 -9.42
N GLN A 103 -10.03 -7.30 -10.37
CA GLN A 103 -10.33 -6.57 -11.59
C GLN A 103 -11.07 -5.27 -11.28
N SER A 104 -10.66 -4.60 -10.22
CA SER A 104 -11.28 -3.35 -9.80
C SER A 104 -10.35 -2.18 -10.03
N GLY A 105 -10.44 -1.55 -11.20
CA GLY A 105 -9.59 -0.42 -11.51
C GLY A 105 -10.00 0.27 -12.80
N PRO A 106 -9.06 1.04 -13.39
CA PRO A 106 -9.30 1.77 -14.63
C PRO A 106 -9.43 0.83 -15.84
N SER A 107 -10.59 0.87 -16.49
CA SER A 107 -10.83 0.03 -17.65
C SER A 107 -10.85 0.86 -18.93
N SER A 108 -10.42 0.25 -20.03
CA SER A 108 -10.38 0.94 -21.31
C SER A 108 -10.86 0.02 -22.44
N GLY A 109 -11.77 0.52 -23.26
CA GLY A 109 -12.28 -0.27 -24.36
C GLY A 109 -13.80 -0.26 -24.42
N GLY A 1 0.13 4.55 -19.27
CA GLY A 1 1.21 5.11 -18.47
C GLY A 1 2.39 5.55 -19.31
N SER A 2 2.39 6.82 -19.70
CA SER A 2 3.47 7.35 -20.52
C SER A 2 4.82 7.15 -19.85
N SER A 3 5.71 6.42 -20.52
CA SER A 3 7.04 6.15 -19.98
C SER A 3 7.97 5.64 -21.08
N GLY A 4 9.22 6.07 -21.02
CA GLY A 4 10.19 5.65 -22.02
C GLY A 4 11.44 5.04 -21.38
N SER A 5 11.53 3.71 -21.42
CA SER A 5 12.68 3.02 -20.85
C SER A 5 12.66 1.54 -21.23
N SER A 6 13.81 0.90 -21.13
CA SER A 6 13.93 -0.52 -21.47
C SER A 6 13.10 -1.37 -20.51
N GLY A 7 13.27 -1.12 -19.21
CA GLY A 7 12.53 -1.88 -18.21
C GLY A 7 11.06 -1.51 -18.17
N GLU A 8 10.25 -2.37 -17.58
CA GLU A 8 8.81 -2.13 -17.49
C GLU A 8 8.37 -2.11 -16.02
N VAL A 9 9.13 -1.41 -15.19
CA VAL A 9 8.81 -1.30 -13.77
C VAL A 9 8.71 0.15 -13.33
N PRO A 10 7.70 0.46 -12.51
CA PRO A 10 7.47 1.81 -12.00
C PRO A 10 8.52 2.24 -11.01
N ASP A 11 8.59 3.54 -10.74
CA ASP A 11 9.56 4.08 -9.80
C ASP A 11 8.86 4.72 -8.60
N LEU A 12 9.50 4.62 -7.43
CA LEU A 12 8.93 5.18 -6.21
C LEU A 12 9.55 6.55 -5.90
N PRO A 13 8.72 7.44 -5.36
CA PRO A 13 9.16 8.80 -5.01
C PRO A 13 10.11 8.81 -3.81
N GLU A 14 11.10 9.70 -3.87
CA GLU A 14 12.08 9.82 -2.79
C GLU A 14 11.40 9.79 -1.43
N GLU A 15 11.54 8.66 -0.73
CA GLU A 15 10.93 8.51 0.60
C GLU A 15 11.27 9.70 1.49
N PRO A 16 10.29 10.11 2.33
CA PRO A 16 10.47 11.23 3.25
C PRO A 16 11.44 10.92 4.37
N SER A 17 12.10 11.96 4.88
CA SER A 17 13.07 11.79 5.96
C SER A 17 12.37 11.69 7.31
N GLU A 18 12.96 10.94 8.23
CA GLU A 18 12.39 10.77 9.56
C GLU A 18 11.97 12.10 10.15
N THR A 19 12.72 13.16 9.84
CA THR A 19 12.42 14.49 10.34
C THR A 19 11.33 15.15 9.51
N ALA A 20 11.24 14.76 8.25
CA ALA A 20 10.24 15.31 7.34
C ALA A 20 8.89 15.47 8.04
N GLU A 21 8.43 16.71 8.18
CA GLU A 21 7.17 17.00 8.83
C GLU A 21 6.00 16.47 8.00
N GLU A 22 4.88 16.22 8.67
CA GLU A 22 3.69 15.71 7.99
C GLU A 22 3.95 14.34 7.38
N VAL A 23 4.70 13.51 8.10
CA VAL A 23 5.03 12.17 7.62
C VAL A 23 4.76 11.12 8.69
N VAL A 24 4.30 9.95 8.27
CA VAL A 24 4.00 8.86 9.19
C VAL A 24 4.72 7.58 8.78
N THR A 25 4.79 6.63 9.71
CA THR A 25 5.46 5.36 9.44
C THR A 25 4.43 4.22 9.35
N VAL A 26 4.41 3.54 8.21
CA VAL A 26 3.49 2.43 8.00
C VAL A 26 4.25 1.12 7.83
N ALA A 27 4.02 0.18 8.75
CA ALA A 27 4.67 -1.11 8.70
C ALA A 27 3.84 -2.11 7.91
N LEU A 28 4.28 -2.39 6.68
CA LEU A 28 3.57 -3.32 5.81
C LEU A 28 4.02 -4.76 6.10
N ARG A 29 3.15 -5.52 6.74
CA ARG A 29 3.45 -6.91 7.07
C ARG A 29 3.19 -7.83 5.87
N CYS A 30 4.21 -8.56 5.46
CA CYS A 30 4.09 -9.47 4.33
C CYS A 30 3.45 -10.78 4.75
N PRO A 31 2.75 -11.44 3.80
CA PRO A 31 2.08 -12.72 4.05
C PRO A 31 3.07 -13.87 4.26
N ASN A 32 4.36 -13.55 4.17
CA ASN A 32 5.40 -14.56 4.35
C ASN A 32 5.87 -14.60 5.80
N GLY A 33 5.68 -13.49 6.51
CA GLY A 33 6.09 -13.42 7.90
C GLY A 33 6.88 -12.17 8.21
N ARG A 34 7.64 -11.69 7.23
CA ARG A 34 8.45 -10.48 7.40
C ARG A 34 7.59 -9.23 7.27
N VAL A 35 8.10 -8.12 7.78
CA VAL A 35 7.38 -6.84 7.71
C VAL A 35 8.32 -5.71 7.37
N LEU A 36 8.01 -5.01 6.27
CA LEU A 36 8.82 -3.89 5.82
C LEU A 36 8.29 -2.57 6.38
N ARG A 37 9.21 -1.71 6.83
CA ARG A 37 8.83 -0.42 7.39
C ARG A 37 9.26 0.72 6.46
N ARG A 38 8.30 1.56 6.07
CA ARG A 38 8.58 2.68 5.19
C ARG A 38 7.76 3.90 5.59
N ARG A 39 8.31 5.09 5.34
CA ARG A 39 7.63 6.33 5.68
C ARG A 39 6.71 6.77 4.55
N PHE A 40 5.62 7.44 4.90
CA PHE A 40 4.65 7.92 3.92
C PHE A 40 4.02 9.23 4.37
N PHE A 41 4.08 10.24 3.51
CA PHE A 41 3.53 11.54 3.82
C PHE A 41 2.04 11.44 4.15
N LYS A 42 1.42 12.56 4.47
CA LYS A 42 0.01 12.60 4.81
C LYS A 42 -0.85 12.91 3.57
N SER A 43 -0.25 13.63 2.63
CA SER A 43 -0.95 13.98 1.40
C SER A 43 -1.01 12.81 0.43
N TRP A 44 0.00 11.96 0.50
CA TRP A 44 0.08 10.78 -0.37
C TRP A 44 -1.17 9.91 -0.21
N ASN A 45 -1.97 9.82 -1.26
CA ASN A 45 -3.19 9.02 -1.24
C ASN A 45 -2.85 7.53 -1.19
N SER A 46 -3.67 6.77 -0.46
CA SER A 46 -3.45 5.34 -0.33
C SER A 46 -2.89 4.75 -1.62
N GLN A 47 -3.30 5.33 -2.75
CA GLN A 47 -2.84 4.86 -4.05
C GLN A 47 -1.32 4.63 -4.04
N VAL A 48 -0.56 5.68 -3.79
CA VAL A 48 0.89 5.59 -3.74
C VAL A 48 1.34 4.25 -3.15
N LEU A 49 0.57 3.76 -2.17
CA LEU A 49 0.89 2.50 -1.52
C LEU A 49 0.89 1.35 -2.52
N LEU A 50 -0.25 1.17 -3.20
CA LEU A 50 -0.38 0.10 -4.18
C LEU A 50 0.91 -0.08 -4.96
N ASP A 51 1.56 1.02 -5.30
CA ASP A 51 2.81 0.98 -6.03
C ASP A 51 3.91 0.31 -5.22
N TRP A 52 4.17 0.84 -4.04
CA TRP A 52 5.20 0.29 -3.16
C TRP A 52 4.96 -1.19 -2.91
N MET A 53 3.69 -1.60 -2.96
CA MET A 53 3.33 -3.00 -2.74
C MET A 53 3.74 -3.86 -3.94
N MET A 54 3.66 -3.28 -5.13
CA MET A 54 4.01 -4.00 -6.36
C MET A 54 5.53 -4.05 -6.53
N LYS A 55 6.22 -3.06 -5.99
CA LYS A 55 7.68 -3.00 -6.07
C LYS A 55 8.32 -4.05 -5.18
N VAL A 56 7.80 -4.18 -3.96
CA VAL A 56 8.32 -5.15 -3.00
C VAL A 56 8.12 -6.57 -3.50
N GLY A 57 7.07 -6.77 -4.29
CA GLY A 57 6.78 -8.09 -4.82
C GLY A 57 5.39 -8.58 -4.46
N TYR A 58 4.40 -7.74 -4.72
CA TYR A 58 3.01 -8.08 -4.41
C TYR A 58 2.04 -7.19 -5.19
N HIS A 59 1.20 -7.83 -6.00
CA HIS A 59 0.22 -7.10 -6.81
C HIS A 59 -0.98 -6.70 -5.96
N LYS A 60 -1.83 -5.83 -6.51
CA LYS A 60 -3.03 -5.38 -5.81
C LYS A 60 -4.11 -6.45 -5.84
N SER A 61 -4.42 -6.95 -7.03
CA SER A 61 -5.43 -7.97 -7.19
C SER A 61 -5.05 -9.25 -6.45
N LEU A 62 -3.76 -9.56 -6.45
CA LEU A 62 -3.25 -10.75 -5.77
C LEU A 62 -3.16 -10.53 -4.27
N TYR A 63 -2.60 -9.38 -3.87
CA TYR A 63 -2.45 -9.04 -2.46
C TYR A 63 -3.14 -7.72 -2.15
N ARG A 64 -3.88 -7.70 -1.04
CA ARG A 64 -4.59 -6.49 -0.63
C ARG A 64 -4.00 -5.94 0.68
N LEU A 65 -4.51 -4.80 1.11
CA LEU A 65 -4.04 -4.16 2.33
C LEU A 65 -5.10 -4.23 3.43
N SER A 66 -4.66 -4.19 4.67
CA SER A 66 -5.57 -4.25 5.81
C SER A 66 -4.94 -3.62 7.05
N THR A 67 -5.75 -3.45 8.10
CA THR A 67 -5.26 -2.85 9.33
C THR A 67 -4.98 -3.92 10.39
N SER A 68 -4.48 -3.49 11.54
CA SER A 68 -4.16 -4.41 12.62
C SER A 68 -5.40 -4.71 13.45
N PHE A 69 -5.36 -5.83 14.18
CA PHE A 69 -6.49 -6.24 15.01
C PHE A 69 -7.15 -5.04 15.67
N PRO A 70 -8.46 -4.88 15.43
CA PRO A 70 -9.23 -5.82 14.61
C PRO A 70 -8.86 -5.72 13.13
N ARG A 71 -8.50 -6.85 12.54
CA ARG A 71 -8.12 -6.90 11.13
C ARG A 71 -9.31 -6.55 10.24
N ARG A 72 -9.12 -5.58 9.36
CA ARG A 72 -10.17 -5.16 8.44
C ARG A 72 -9.59 -4.77 7.09
N ALA A 73 -10.23 -5.22 6.02
CA ALA A 73 -9.79 -4.93 4.66
C ALA A 73 -10.00 -3.46 4.33
N LEU A 74 -8.91 -2.73 4.16
CA LEU A 74 -8.98 -1.30 3.83
C LEU A 74 -9.15 -1.10 2.33
N GLU A 75 -10.15 -0.30 1.96
CA GLU A 75 -10.42 -0.02 0.56
C GLU A 75 -9.77 1.30 0.12
N VAL A 76 -8.68 1.21 -0.63
CA VAL A 76 -7.98 2.38 -1.10
C VAL A 76 -8.90 3.29 -1.90
N GLU A 77 -9.22 4.46 -1.34
CA GLU A 77 -10.10 5.41 -2.00
C GLU A 77 -9.31 6.29 -2.97
N GLY A 78 -9.81 6.38 -4.21
CA GLY A 78 -9.14 7.18 -5.21
C GLY A 78 -9.44 8.67 -5.06
N GLY A 79 -9.47 9.14 -3.82
CA GLY A 79 -9.74 10.55 -3.57
C GLY A 79 -9.33 10.98 -2.18
N SER A 80 -9.61 10.14 -1.19
CA SER A 80 -9.25 10.44 0.19
C SER A 80 -7.78 10.13 0.47
N SER A 81 -7.03 11.15 0.84
CA SER A 81 -5.61 10.99 1.13
C SER A 81 -5.40 10.05 2.32
N LEU A 82 -4.14 9.68 2.55
CA LEU A 82 -3.81 8.78 3.65
C LEU A 82 -4.42 9.28 4.96
N GLU A 83 -4.34 10.58 5.19
CA GLU A 83 -4.88 11.18 6.40
C GLU A 83 -6.41 11.20 6.36
N ASP A 84 -6.96 11.35 5.16
CA ASP A 84 -8.41 11.38 5.00
C ASP A 84 -9.02 10.04 5.36
N ILE A 85 -8.30 8.96 5.09
CA ILE A 85 -8.78 7.62 5.38
C ILE A 85 -8.56 7.27 6.84
N GLY A 86 -7.51 7.84 7.43
CA GLY A 86 -7.20 7.57 8.83
C GLY A 86 -5.76 7.15 9.03
N ILE A 87 -4.83 7.89 8.42
CA ILE A 87 -3.42 7.58 8.54
C ILE A 87 -2.62 8.83 8.88
N THR A 88 -2.87 9.37 10.07
CA THR A 88 -2.16 10.57 10.52
C THR A 88 -1.08 10.23 11.54
N VAL A 89 -1.17 9.02 12.12
CA VAL A 89 -0.21 8.57 13.11
C VAL A 89 0.29 7.17 12.78
N ASP A 90 1.45 6.81 13.32
CA ASP A 90 2.04 5.49 13.10
C ASP A 90 0.95 4.43 13.02
N THR A 91 1.01 3.60 11.98
CA THR A 91 0.02 2.54 11.79
C THR A 91 0.68 1.29 11.21
N VAL A 92 0.02 0.15 11.38
CA VAL A 92 0.53 -1.11 10.86
C VAL A 92 -0.45 -1.74 9.87
N LEU A 93 0.01 -1.90 8.63
CA LEU A 93 -0.82 -2.49 7.59
C LEU A 93 -0.45 -3.95 7.35
N ASN A 94 -1.46 -4.79 7.15
CA ASN A 94 -1.23 -6.21 6.92
C ASN A 94 -1.62 -6.59 5.48
N VAL A 95 -0.70 -7.22 4.78
CA VAL A 95 -0.95 -7.65 3.41
C VAL A 95 -1.53 -9.06 3.35
N GLU A 96 -2.83 -9.15 3.12
CA GLU A 96 -3.50 -10.44 3.04
C GLU A 96 -3.78 -10.83 1.59
N GLU A 97 -3.75 -12.13 1.31
CA GLU A 97 -4.00 -12.63 -0.03
C GLU A 97 -5.48 -12.64 -0.35
N LYS A 98 -5.84 -12.01 -1.46
CA LYS A 98 -7.24 -11.94 -1.88
C LYS A 98 -7.77 -13.32 -2.25
N GLU A 99 -9.09 -13.45 -2.34
CA GLU A 99 -9.72 -14.72 -2.68
C GLU A 99 -9.58 -15.01 -4.18
N GLN A 100 -9.39 -16.28 -4.51
CA GLN A 100 -9.24 -16.68 -5.90
C GLN A 100 -10.56 -16.54 -6.66
N SER A 101 -11.58 -17.27 -6.21
CA SER A 101 -12.89 -17.23 -6.84
C SER A 101 -13.68 -16.01 -6.37
N SER A 102 -13.99 -15.12 -7.29
CA SER A 102 -14.74 -13.91 -6.97
C SER A 102 -15.81 -13.64 -8.02
N GLN A 103 -16.97 -13.15 -7.57
CA GLN A 103 -18.07 -12.85 -8.47
C GLN A 103 -17.60 -12.02 -9.66
N SER A 104 -17.91 -12.48 -10.86
CA SER A 104 -17.51 -11.79 -12.08
C SER A 104 -18.64 -11.80 -13.10
N GLY A 105 -19.15 -10.62 -13.42
CA GLY A 105 -20.23 -10.52 -14.38
C GLY A 105 -21.04 -9.25 -14.21
N PRO A 106 -22.18 -9.36 -13.52
CA PRO A 106 -23.07 -8.21 -13.27
C PRO A 106 -22.46 -7.20 -12.32
N SER A 107 -22.98 -5.98 -12.35
CA SER A 107 -22.48 -4.91 -11.47
C SER A 107 -20.96 -4.84 -11.53
N SER A 108 -20.41 -4.87 -12.73
CA SER A 108 -18.96 -4.81 -12.92
C SER A 108 -18.56 -3.54 -13.66
N GLY A 109 -17.66 -2.77 -13.06
CA GLY A 109 -17.20 -1.54 -13.68
C GLY A 109 -17.40 -0.33 -12.76
N GLY A 1 21.22 -9.07 -27.82
CA GLY A 1 20.55 -10.26 -27.31
C GLY A 1 19.19 -9.96 -26.72
N SER A 2 18.35 -9.30 -27.50
CA SER A 2 17.00 -8.94 -27.05
C SER A 2 16.11 -10.18 -26.98
N SER A 3 15.62 -10.48 -25.78
CA SER A 3 14.75 -11.63 -25.58
C SER A 3 13.46 -11.22 -24.88
N GLY A 4 12.36 -11.27 -25.63
CA GLY A 4 11.07 -10.91 -25.07
C GLY A 4 10.88 -9.40 -24.98
N SER A 5 9.63 -8.95 -25.12
CA SER A 5 9.32 -7.53 -25.06
C SER A 5 8.92 -7.12 -23.65
N SER A 6 9.43 -5.98 -23.20
CA SER A 6 9.12 -5.48 -21.86
C SER A 6 9.20 -3.96 -21.82
N GLY A 7 8.45 -3.36 -20.91
CA GLY A 7 8.45 -1.91 -20.78
C GLY A 7 9.14 -1.44 -19.52
N GLU A 8 9.53 -0.17 -19.49
CA GLU A 8 10.20 0.40 -18.34
C GLU A 8 9.33 0.30 -17.09
N VAL A 9 9.95 0.42 -15.92
CA VAL A 9 9.23 0.35 -14.65
C VAL A 9 9.45 1.61 -13.83
N PRO A 10 8.37 2.09 -13.19
CA PRO A 10 8.41 3.30 -12.35
C PRO A 10 9.20 3.07 -11.06
N ASP A 11 9.28 4.12 -10.24
CA ASP A 11 10.00 4.04 -8.98
C ASP A 11 9.29 4.86 -7.90
N LEU A 12 9.53 4.50 -6.64
CA LEU A 12 8.91 5.20 -5.52
C LEU A 12 9.71 6.46 -5.16
N PRO A 13 9.01 7.46 -4.61
CA PRO A 13 9.64 8.73 -4.22
C PRO A 13 10.56 8.57 -3.01
N GLU A 14 11.82 8.95 -3.17
CA GLU A 14 12.80 8.85 -2.10
C GLU A 14 12.15 9.14 -0.75
N GLU A 15 12.08 8.11 0.09
CA GLU A 15 11.47 8.25 1.41
C GLU A 15 11.79 9.62 2.01
N PRO A 16 10.80 10.18 2.73
CA PRO A 16 10.95 11.49 3.37
C PRO A 16 11.94 11.46 4.54
N SER A 17 12.07 12.60 5.22
CA SER A 17 12.98 12.70 6.36
C SER A 17 12.32 12.16 7.63
N GLU A 18 13.15 11.71 8.55
CA GLU A 18 12.65 11.16 9.82
C GLU A 18 12.00 12.26 10.66
N THR A 19 12.74 13.34 10.88
CA THR A 19 12.24 14.45 11.68
C THR A 19 11.19 15.25 10.90
N ALA A 20 11.24 15.17 9.58
CA ALA A 20 10.30 15.87 8.72
C ALA A 20 8.89 15.84 9.32
N GLU A 21 8.18 16.96 9.20
CA GLU A 21 6.82 17.05 9.73
C GLU A 21 5.82 16.40 8.78
N GLU A 22 4.57 16.29 9.22
CA GLU A 22 3.53 15.69 8.40
C GLU A 22 3.99 14.38 7.79
N VAL A 23 4.74 13.61 8.57
CA VAL A 23 5.25 12.32 8.12
C VAL A 23 4.98 11.23 9.15
N VAL A 24 4.56 10.06 8.66
CA VAL A 24 4.27 8.93 9.54
C VAL A 24 5.06 7.69 9.12
N THR A 25 5.04 6.68 9.98
CA THR A 25 5.76 5.44 9.71
C THR A 25 4.80 4.29 9.45
N VAL A 26 4.84 3.75 8.23
CA VAL A 26 3.97 2.64 7.87
C VAL A 26 4.74 1.32 7.81
N ALA A 27 4.15 0.28 8.38
CA ALA A 27 4.78 -1.03 8.40
C ALA A 27 3.93 -2.06 7.65
N LEU A 28 4.51 -2.64 6.60
CA LEU A 28 3.81 -3.64 5.80
C LEU A 28 4.09 -5.04 6.32
N ARG A 29 3.01 -5.76 6.66
CA ARG A 29 3.14 -7.12 7.19
C ARG A 29 2.89 -8.14 6.08
N CYS A 30 3.96 -8.77 5.61
CA CYS A 30 3.86 -9.77 4.55
C CYS A 30 3.42 -11.12 5.12
N PRO A 31 2.76 -11.93 4.28
CA PRO A 31 2.28 -13.26 4.67
C PRO A 31 3.41 -14.25 4.89
N ASN A 32 4.64 -13.80 4.63
CA ASN A 32 5.81 -14.65 4.80
C ASN A 32 6.36 -14.55 6.22
N GLY A 33 6.04 -13.45 6.90
CA GLY A 33 6.50 -13.25 8.26
C GLY A 33 7.37 -12.00 8.39
N ARG A 34 7.99 -11.59 7.29
CA ARG A 34 8.85 -10.42 7.30
C ARG A 34 8.02 -9.14 7.44
N VAL A 35 8.65 -8.10 7.98
CA VAL A 35 7.97 -6.81 8.17
C VAL A 35 8.85 -5.67 7.68
N LEU A 36 8.29 -4.85 6.79
CA LEU A 36 9.01 -3.71 6.24
C LEU A 36 8.42 -2.39 6.75
N ARG A 37 9.29 -1.45 7.10
CA ARG A 37 8.85 -0.15 7.59
C ARG A 37 9.34 0.97 6.70
N ARG A 38 8.49 1.97 6.48
CA ARG A 38 8.85 3.11 5.64
C ARG A 38 8.07 4.36 6.05
N ARG A 39 8.59 5.52 5.67
CA ARG A 39 7.94 6.78 6.00
C ARG A 39 7.05 7.26 4.86
N PHE A 40 5.93 7.88 5.20
CA PHE A 40 4.99 8.37 4.21
C PHE A 40 4.20 9.55 4.74
N PHE A 41 4.22 10.67 4.01
CA PHE A 41 3.52 11.87 4.42
C PHE A 41 2.03 11.57 4.64
N LYS A 42 1.32 12.55 5.21
CA LYS A 42 -0.10 12.40 5.48
C LYS A 42 -0.94 12.96 4.35
N SER A 43 -0.26 13.42 3.29
CA SER A 43 -0.95 13.99 2.14
C SER A 43 -1.06 12.97 1.01
N TRP A 44 -0.10 12.06 0.95
CA TRP A 44 -0.09 11.03 -0.09
C TRP A 44 -1.36 10.19 -0.03
N ASN A 45 -1.89 9.84 -1.19
CA ASN A 45 -3.10 9.04 -1.27
C ASN A 45 -2.77 7.54 -1.25
N SER A 46 -3.54 6.79 -0.46
CA SER A 46 -3.33 5.36 -0.35
C SER A 46 -2.84 4.77 -1.66
N GLN A 47 -3.33 5.33 -2.77
CA GLN A 47 -2.93 4.86 -4.09
C GLN A 47 -1.45 4.48 -4.13
N VAL A 48 -0.60 5.45 -3.79
CA VAL A 48 0.84 5.22 -3.79
C VAL A 48 1.17 3.84 -3.25
N LEU A 49 0.52 3.46 -2.14
CA LEU A 49 0.75 2.16 -1.52
C LEU A 49 0.71 1.05 -2.57
N LEU A 50 -0.31 1.07 -3.41
CA LEU A 50 -0.46 0.06 -4.46
C LEU A 50 0.85 -0.16 -5.20
N ASP A 51 1.51 0.95 -5.56
CA ASP A 51 2.78 0.88 -6.28
C ASP A 51 3.85 0.20 -5.42
N TRP A 52 3.94 0.62 -4.16
CA TRP A 52 4.92 0.07 -3.24
C TRP A 52 4.67 -1.42 -3.01
N MET A 53 3.40 -1.82 -3.05
CA MET A 53 3.02 -3.21 -2.84
C MET A 53 3.50 -4.07 -4.00
N MET A 54 3.56 -3.48 -5.20
CA MET A 54 4.01 -4.20 -6.38
C MET A 54 5.51 -4.45 -6.34
N LYS A 55 6.21 -3.68 -5.52
CA LYS A 55 7.66 -3.82 -5.38
C LYS A 55 8.01 -4.92 -4.40
N VAL A 56 7.32 -4.94 -3.26
CA VAL A 56 7.55 -5.95 -2.24
C VAL A 56 7.34 -7.36 -2.79
N GLY A 57 6.76 -7.43 -3.98
CA GLY A 57 6.50 -8.72 -4.60
C GLY A 57 5.06 -9.15 -4.47
N TYR A 58 4.15 -8.18 -4.42
CA TYR A 58 2.72 -8.47 -4.28
C TYR A 58 1.90 -7.59 -5.22
N HIS A 59 1.10 -8.23 -6.07
CA HIS A 59 0.26 -7.51 -7.01
C HIS A 59 -1.06 -7.10 -6.36
N LYS A 60 -1.45 -5.85 -6.56
CA LYS A 60 -2.69 -5.33 -6.01
C LYS A 60 -3.89 -6.18 -6.43
N SER A 61 -3.90 -6.58 -7.71
CA SER A 61 -4.97 -7.39 -8.24
C SER A 61 -4.89 -8.82 -7.72
N LEU A 62 -3.87 -9.09 -6.90
CA LEU A 62 -3.68 -10.42 -6.33
C LEU A 62 -3.43 -10.34 -4.83
N TYR A 63 -3.36 -9.11 -4.32
CA TYR A 63 -3.13 -8.89 -2.90
C TYR A 63 -3.86 -7.65 -2.40
N ARG A 64 -4.49 -7.76 -1.24
CA ARG A 64 -5.24 -6.65 -0.66
C ARG A 64 -4.60 -6.20 0.65
N LEU A 65 -4.90 -4.97 1.05
CA LEU A 65 -4.35 -4.40 2.27
C LEU A 65 -5.36 -4.49 3.41
N SER A 66 -4.91 -4.23 4.63
CA SER A 66 -5.77 -4.27 5.80
C SER A 66 -5.22 -3.40 6.92
N THR A 67 -6.07 -3.08 7.90
CA THR A 67 -5.67 -2.27 9.02
C THR A 67 -5.53 -3.10 10.30
N SER A 68 -4.44 -2.89 11.03
CA SER A 68 -4.19 -3.63 12.26
C SER A 68 -5.45 -3.70 13.12
N PHE A 69 -5.41 -4.52 14.16
CA PHE A 69 -6.55 -4.70 15.05
C PHE A 69 -7.24 -3.36 15.30
N PRO A 70 -8.55 -3.31 15.00
CA PRO A 70 -9.28 -4.45 14.44
C PRO A 70 -8.85 -4.79 13.02
N ARG A 71 -8.61 -6.06 12.76
CA ARG A 71 -8.19 -6.51 11.44
C ARG A 71 -9.34 -6.42 10.45
N ARG A 72 -9.17 -5.62 9.40
CA ARG A 72 -10.18 -5.45 8.38
C ARG A 72 -9.59 -4.93 7.08
N ALA A 73 -10.26 -5.21 5.96
CA ALA A 73 -9.78 -4.78 4.65
C ALA A 73 -9.67 -3.26 4.60
N LEU A 74 -8.51 -2.77 4.14
CA LEU A 74 -8.27 -1.34 4.04
C LEU A 74 -8.82 -0.79 2.73
N GLU A 75 -9.83 0.08 2.83
CA GLU A 75 -10.44 0.67 1.65
C GLU A 75 -9.53 1.73 1.04
N VAL A 76 -9.29 1.62 -0.26
CA VAL A 76 -8.43 2.56 -0.97
C VAL A 76 -9.27 3.57 -1.75
N GLU A 77 -9.39 4.78 -1.22
CA GLU A 77 -10.14 5.83 -1.86
C GLU A 77 -9.24 6.74 -2.68
N GLY A 78 -9.57 6.91 -3.96
CA GLY A 78 -8.77 7.75 -4.83
C GLY A 78 -8.77 9.20 -4.39
N GLY A 79 -9.77 9.58 -3.60
CA GLY A 79 -9.87 10.95 -3.12
C GLY A 79 -9.39 11.10 -1.69
N SER A 80 -9.85 10.20 -0.82
CA SER A 80 -9.46 10.24 0.58
C SER A 80 -7.96 10.01 0.75
N SER A 81 -7.30 10.88 1.50
CA SER A 81 -5.87 10.78 1.73
C SER A 81 -5.57 9.70 2.77
N LEU A 82 -4.28 9.45 3.01
CA LEU A 82 -3.86 8.44 3.97
C LEU A 82 -4.40 8.76 5.36
N GLU A 83 -4.24 10.00 5.79
CA GLU A 83 -4.72 10.43 7.10
C GLU A 83 -6.25 10.53 7.11
N ASP A 84 -6.83 10.70 5.94
CA ASP A 84 -8.28 10.81 5.82
C ASP A 84 -8.94 9.46 6.04
N ILE A 85 -8.27 8.39 5.60
CA ILE A 85 -8.80 7.05 5.76
C ILE A 85 -8.53 6.50 7.16
N GLY A 86 -7.56 7.10 7.85
CA GLY A 86 -7.23 6.68 9.18
C GLY A 86 -5.73 6.49 9.38
N ILE A 87 -4.95 7.27 8.67
CA ILE A 87 -3.50 7.19 8.76
C ILE A 87 -2.89 8.52 9.19
N THR A 88 -3.35 9.03 10.33
CA THR A 88 -2.85 10.29 10.86
C THR A 88 -1.65 10.08 11.77
N VAL A 89 -1.52 8.87 12.29
CA VAL A 89 -0.41 8.53 13.18
C VAL A 89 0.12 7.14 12.88
N ASP A 90 1.32 6.84 13.39
CA ASP A 90 1.94 5.54 13.18
C ASP A 90 0.89 4.44 13.14
N THR A 91 0.87 3.69 12.04
CA THR A 91 -0.09 2.61 11.87
C THR A 91 0.56 1.39 11.23
N VAL A 92 -0.03 0.22 11.45
CA VAL A 92 0.49 -1.02 10.89
C VAL A 92 -0.43 -1.58 9.82
N LEU A 93 0.10 -1.80 8.64
CA LEU A 93 -0.67 -2.33 7.52
C LEU A 93 -0.39 -3.82 7.32
N ASN A 94 -1.41 -4.56 6.89
CA ASN A 94 -1.27 -5.98 6.65
C ASN A 94 -1.60 -6.33 5.20
N VAL A 95 -0.93 -7.36 4.67
CA VAL A 95 -1.16 -7.78 3.30
C VAL A 95 -1.62 -9.24 3.25
N GLU A 96 -2.48 -9.54 2.27
CA GLU A 96 -3.01 -10.89 2.11
C GLU A 96 -3.49 -11.13 0.68
N GLU A 97 -3.23 -12.32 0.16
CA GLU A 97 -3.64 -12.67 -1.19
C GLU A 97 -5.14 -12.56 -1.35
N LYS A 98 -5.58 -11.99 -2.47
CA LYS A 98 -7.00 -11.84 -2.74
C LYS A 98 -7.47 -12.83 -3.81
N GLU A 99 -8.69 -13.33 -3.65
CA GLU A 99 -9.25 -14.29 -4.59
C GLU A 99 -10.77 -14.15 -4.67
N GLN A 100 -11.25 -13.67 -5.81
CA GLN A 100 -12.69 -13.49 -6.01
C GLN A 100 -13.07 -13.76 -7.47
N SER A 101 -14.35 -14.08 -7.68
CA SER A 101 -14.83 -14.36 -9.03
C SER A 101 -15.65 -13.19 -9.57
N SER A 102 -16.12 -13.33 -10.79
CA SER A 102 -16.92 -12.28 -11.43
C SER A 102 -17.65 -12.81 -12.66
N GLN A 103 -18.55 -12.00 -13.20
CA GLN A 103 -19.31 -12.39 -14.38
C GLN A 103 -18.64 -11.90 -15.65
N SER A 104 -17.67 -12.66 -16.14
CA SER A 104 -16.95 -12.30 -17.36
C SER A 104 -17.73 -12.69 -18.59
N GLY A 105 -18.13 -11.69 -19.38
CA GLY A 105 -18.89 -11.95 -20.59
C GLY A 105 -20.21 -11.20 -20.62
N PRO A 106 -20.62 -10.78 -21.82
CA PRO A 106 -21.88 -10.04 -22.02
C PRO A 106 -23.10 -10.91 -21.78
N SER A 107 -23.04 -12.15 -22.24
CA SER A 107 -24.15 -13.09 -22.09
C SER A 107 -24.48 -13.29 -20.61
N SER A 108 -25.66 -12.82 -20.20
CA SER A 108 -26.10 -12.94 -18.81
C SER A 108 -27.61 -12.98 -18.73
N GLY A 109 -28.13 -13.64 -17.69
CA GLY A 109 -29.56 -13.74 -17.51
C GLY A 109 -29.97 -13.74 -16.04
N GLY A 1 18.34 9.63 -28.71
CA GLY A 1 19.20 8.51 -29.05
C GLY A 1 18.80 7.24 -28.32
N SER A 2 17.59 6.76 -28.57
CA SER A 2 17.10 5.56 -27.93
C SER A 2 17.73 4.31 -28.55
N SER A 3 18.17 3.39 -27.70
CA SER A 3 18.79 2.15 -28.16
C SER A 3 18.20 0.94 -27.45
N GLY A 4 17.10 0.43 -27.98
CA GLY A 4 16.45 -0.73 -27.38
C GLY A 4 15.82 -0.41 -26.04
N SER A 5 14.62 0.15 -26.07
CA SER A 5 13.91 0.51 -24.84
C SER A 5 12.47 0.01 -24.88
N SER A 6 12.28 -1.24 -24.47
CA SER A 6 10.95 -1.84 -24.46
C SER A 6 10.46 -2.06 -23.03
N GLY A 7 9.25 -1.60 -22.75
CA GLY A 7 8.68 -1.75 -21.42
C GLY A 7 9.12 -0.64 -20.48
N GLU A 8 8.25 -0.28 -19.55
CA GLU A 8 8.55 0.78 -18.58
C GLU A 8 8.18 0.34 -17.17
N VAL A 9 9.16 0.38 -16.27
CA VAL A 9 8.93 -0.01 -14.88
C VAL A 9 8.81 1.21 -13.98
N PRO A 10 7.69 1.28 -13.24
CA PRO A 10 7.43 2.41 -12.32
C PRO A 10 8.35 2.39 -11.11
N ASP A 11 8.78 3.58 -10.69
CA ASP A 11 9.67 3.71 -9.54
C ASP A 11 8.95 4.37 -8.37
N LEU A 12 9.61 4.39 -7.21
CA LEU A 12 9.04 4.99 -6.02
C LEU A 12 9.74 6.31 -5.68
N PRO A 13 8.98 7.24 -5.08
CA PRO A 13 9.51 8.55 -4.69
C PRO A 13 10.50 8.46 -3.53
N GLU A 14 11.49 9.34 -3.53
CA GLU A 14 12.51 9.35 -2.49
C GLU A 14 11.86 9.43 -1.10
N GLU A 15 11.87 8.31 -0.39
CA GLU A 15 11.28 8.26 0.94
C GLU A 15 11.65 9.51 1.75
N PRO A 16 10.68 9.97 2.57
CA PRO A 16 10.88 11.16 3.41
C PRO A 16 11.87 10.92 4.55
N SER A 17 12.66 11.94 4.86
CA SER A 17 13.65 11.83 5.93
C SER A 17 12.97 11.62 7.28
N GLU A 18 13.76 11.27 8.29
CA GLU A 18 13.24 11.05 9.63
C GLU A 18 12.99 12.38 10.35
N THR A 19 13.40 13.47 9.71
CA THR A 19 13.23 14.80 10.29
C THR A 19 12.08 15.55 9.61
N ALA A 20 11.62 15.01 8.49
CA ALA A 20 10.52 15.62 7.74
C ALA A 20 9.22 15.58 8.54
N GLU A 21 8.55 16.73 8.63
CA GLU A 21 7.29 16.82 9.36
C GLU A 21 6.17 16.11 8.62
N GLU A 22 4.97 16.15 9.20
CA GLU A 22 3.81 15.51 8.58
C GLU A 22 4.21 14.22 7.88
N VAL A 23 4.95 13.37 8.59
CA VAL A 23 5.40 12.10 8.03
C VAL A 23 5.06 10.94 8.97
N VAL A 24 4.39 9.92 8.42
CA VAL A 24 4.00 8.76 9.20
C VAL A 24 4.85 7.55 8.83
N THR A 25 4.75 6.50 9.65
CA THR A 25 5.51 5.28 9.41
C THR A 25 4.58 4.10 9.11
N VAL A 26 4.58 3.66 7.86
CA VAL A 26 3.72 2.55 7.45
C VAL A 26 4.51 1.24 7.45
N ALA A 27 4.03 0.27 8.22
CA ALA A 27 4.68 -1.03 8.31
C ALA A 27 3.88 -2.10 7.58
N LEU A 28 4.39 -2.54 6.43
CA LEU A 28 3.73 -3.56 5.63
C LEU A 28 4.16 -4.96 6.06
N ARG A 29 3.19 -5.78 6.44
CA ARG A 29 3.47 -7.14 6.88
C ARG A 29 3.14 -8.15 5.78
N CYS A 30 4.17 -8.59 5.06
CA CYS A 30 3.99 -9.54 3.97
C CYS A 30 3.53 -10.90 4.51
N PRO A 31 2.87 -11.69 3.65
CA PRO A 31 2.36 -13.01 4.01
C PRO A 31 3.49 -14.02 4.23
N ASN A 32 4.73 -13.57 4.05
CA ASN A 32 5.89 -14.43 4.24
C ASN A 32 6.32 -14.46 5.70
N GLY A 33 5.67 -13.64 6.52
CA GLY A 33 6.01 -13.59 7.93
C GLY A 33 6.91 -12.43 8.27
N ARG A 34 7.32 -11.67 7.25
CA ARG A 34 8.19 -10.53 7.45
C ARG A 34 7.41 -9.22 7.35
N VAL A 35 8.03 -8.13 7.77
CA VAL A 35 7.38 -6.82 7.73
C VAL A 35 8.38 -5.72 7.37
N LEU A 36 8.01 -4.88 6.41
CA LEU A 36 8.87 -3.79 5.97
C LEU A 36 8.35 -2.45 6.47
N ARG A 37 9.24 -1.64 7.03
CA ARG A 37 8.86 -0.33 7.55
C ARG A 37 9.36 0.78 6.62
N ARG A 38 8.54 1.81 6.46
CA ARG A 38 8.89 2.94 5.60
C ARG A 38 8.08 4.18 5.97
N ARG A 39 8.67 5.35 5.73
CA ARG A 39 8.00 6.61 6.05
C ARG A 39 7.17 7.09 4.86
N PHE A 40 6.07 7.78 5.16
CA PHE A 40 5.18 8.29 4.12
C PHE A 40 4.40 9.50 4.62
N PHE A 41 4.49 10.60 3.87
CA PHE A 41 3.80 11.83 4.23
C PHE A 41 2.31 11.57 4.45
N LYS A 42 1.64 12.51 5.11
CA LYS A 42 0.21 12.38 5.38
C LYS A 42 -0.61 13.07 4.28
N SER A 43 0.08 13.61 3.29
CA SER A 43 -0.59 14.29 2.18
C SER A 43 -0.75 13.36 1.00
N TRP A 44 0.14 12.37 0.89
CA TRP A 44 0.09 11.41 -0.20
C TRP A 44 -1.22 10.65 -0.21
N ASN A 45 -1.57 10.08 -1.35
CA ASN A 45 -2.81 9.32 -1.49
C ASN A 45 -2.55 7.83 -1.35
N SER A 46 -3.41 7.15 -0.61
CA SER A 46 -3.27 5.71 -0.40
C SER A 46 -2.78 5.01 -1.67
N GLN A 47 -3.11 5.61 -2.81
CA GLN A 47 -2.70 5.05 -4.10
C GLN A 47 -1.21 4.74 -4.11
N VAL A 48 -0.41 5.72 -3.70
CA VAL A 48 1.05 5.55 -3.66
C VAL A 48 1.43 4.21 -3.06
N LEU A 49 0.64 3.75 -2.11
CA LEU A 49 0.89 2.47 -1.45
C LEU A 49 0.92 1.33 -2.46
N LEU A 50 -0.20 1.14 -3.16
CA LEU A 50 -0.31 0.09 -4.16
C LEU A 50 1.00 -0.04 -4.95
N ASP A 51 1.65 1.09 -5.19
CA ASP A 51 2.90 1.10 -5.94
C ASP A 51 4.02 0.45 -5.14
N TRP A 52 4.09 0.78 -3.85
CA TRP A 52 5.12 0.22 -2.97
C TRP A 52 4.90 -1.28 -2.78
N MET A 53 3.65 -1.70 -2.80
CA MET A 53 3.31 -3.11 -2.63
C MET A 53 3.67 -3.92 -3.87
N MET A 54 3.55 -3.29 -5.04
CA MET A 54 3.86 -3.94 -6.30
C MET A 54 5.37 -3.98 -6.52
N LYS A 55 6.10 -3.19 -5.76
CA LYS A 55 7.56 -3.13 -5.87
C LYS A 55 8.21 -4.22 -5.03
N VAL A 56 7.61 -4.51 -3.88
CA VAL A 56 8.14 -5.53 -2.98
C VAL A 56 7.97 -6.93 -3.57
N GLY A 57 6.93 -7.09 -4.39
CA GLY A 57 6.66 -8.37 -5.00
C GLY A 57 5.25 -8.84 -4.78
N TYR A 58 4.32 -7.90 -4.64
CA TYR A 58 2.92 -8.23 -4.41
C TYR A 58 2.01 -7.27 -5.16
N HIS A 59 1.16 -7.82 -6.04
CA HIS A 59 0.24 -7.01 -6.83
C HIS A 59 -0.95 -6.58 -5.98
N LYS A 60 -1.68 -5.57 -6.47
CA LYS A 60 -2.84 -5.05 -5.76
C LYS A 60 -4.07 -5.93 -6.01
N SER A 61 -4.23 -6.35 -7.26
CA SER A 61 -5.37 -7.19 -7.63
C SER A 61 -5.14 -8.63 -7.18
N LEU A 62 -4.07 -8.85 -6.44
CA LEU A 62 -3.74 -10.18 -5.94
C LEU A 62 -3.60 -10.18 -4.42
N TYR A 63 -3.50 -8.99 -3.84
CA TYR A 63 -3.37 -8.84 -2.40
C TYR A 63 -4.07 -7.58 -1.91
N ARG A 64 -4.63 -7.65 -0.71
CA ARG A 64 -5.34 -6.51 -0.12
C ARG A 64 -4.55 -5.95 1.07
N LEU A 65 -5.00 -4.80 1.56
CA LEU A 65 -4.34 -4.16 2.69
C LEU A 65 -5.29 -4.06 3.89
N SER A 66 -4.85 -4.61 5.03
CA SER A 66 -5.66 -4.59 6.23
C SER A 66 -4.97 -3.80 7.34
N THR A 67 -5.76 -3.27 8.28
CA THR A 67 -5.22 -2.50 9.38
C THR A 67 -4.67 -3.41 10.49
N SER A 68 -3.92 -2.82 11.41
CA SER A 68 -3.33 -3.58 12.51
C SER A 68 -4.41 -4.35 13.27
N PHE A 69 -5.30 -3.62 13.93
CA PHE A 69 -6.38 -4.23 14.70
C PHE A 69 -7.54 -3.25 14.88
N PRO A 70 -8.76 -3.75 14.67
CA PRO A 70 -9.01 -5.14 14.29
C PRO A 70 -8.54 -5.44 12.87
N ARG A 71 -8.90 -6.62 12.37
CA ARG A 71 -8.52 -7.02 11.02
C ARG A 71 -9.64 -6.74 10.03
N ARG A 72 -9.45 -5.70 9.22
CA ARG A 72 -10.45 -5.33 8.22
C ARG A 72 -9.79 -4.96 6.89
N ALA A 73 -10.50 -5.19 5.80
CA ALA A 73 -9.98 -4.89 4.47
C ALA A 73 -10.10 -3.40 4.16
N LEU A 74 -8.96 -2.73 4.07
CA LEU A 74 -8.93 -1.30 3.78
C LEU A 74 -9.05 -1.05 2.28
N GLU A 75 -9.49 0.17 1.92
CA GLU A 75 -9.65 0.53 0.52
C GLU A 75 -8.84 1.78 0.20
N VAL A 76 -8.38 1.87 -1.05
CA VAL A 76 -7.60 3.03 -1.49
C VAL A 76 -8.46 4.00 -2.29
N GLU A 77 -8.69 5.18 -1.72
CA GLU A 77 -9.49 6.20 -2.38
C GLU A 77 -8.60 7.19 -3.13
N GLY A 78 -9.09 7.68 -4.25
CA GLY A 78 -8.33 8.63 -5.04
C GLY A 78 -8.59 10.06 -4.62
N GLY A 79 -9.60 10.26 -3.79
CA GLY A 79 -9.93 11.60 -3.33
C GLY A 79 -9.46 11.85 -1.91
N SER A 80 -9.44 10.81 -1.09
CA SER A 80 -9.01 10.93 0.29
C SER A 80 -7.54 10.57 0.43
N SER A 81 -6.83 11.33 1.28
CA SER A 81 -5.41 11.10 1.50
C SER A 81 -5.19 9.97 2.50
N LEU A 82 -3.93 9.64 2.75
CA LEU A 82 -3.58 8.57 3.68
C LEU A 82 -4.16 8.86 5.07
N GLU A 83 -4.17 10.14 5.45
CA GLU A 83 -4.69 10.54 6.74
C GLU A 83 -6.22 10.57 6.73
N ASP A 84 -6.78 10.72 5.54
CA ASP A 84 -8.23 10.78 5.38
C ASP A 84 -8.85 9.39 5.51
N ILE A 85 -8.04 8.37 5.22
CA ILE A 85 -8.49 6.98 5.30
C ILE A 85 -8.30 6.42 6.71
N GLY A 86 -7.30 6.92 7.41
CA GLY A 86 -7.02 6.46 8.75
C GLY A 86 -5.56 6.20 9.00
N ILE A 87 -4.71 7.11 8.52
CA ILE A 87 -3.27 6.97 8.68
C ILE A 87 -2.66 8.26 9.23
N THR A 88 -3.47 9.04 9.95
CA THR A 88 -3.01 10.28 10.54
C THR A 88 -1.90 10.05 11.55
N VAL A 89 -1.68 8.78 11.90
CA VAL A 89 -0.64 8.41 12.85
C VAL A 89 -0.08 7.04 12.55
N ASP A 90 1.08 6.73 13.13
CA ASP A 90 1.73 5.44 12.92
C ASP A 90 0.69 4.33 12.78
N THR A 91 0.56 3.81 11.57
CA THR A 91 -0.40 2.74 11.29
C THR A 91 0.28 1.57 10.59
N VAL A 92 0.13 0.38 11.15
CA VAL A 92 0.72 -0.83 10.58
C VAL A 92 -0.29 -1.56 9.70
N LEU A 93 0.16 -1.93 8.50
CA LEU A 93 -0.71 -2.65 7.56
C LEU A 93 -0.23 -4.08 7.37
N ASN A 94 -1.14 -4.95 6.91
CA ASN A 94 -0.82 -6.35 6.70
C ASN A 94 -1.25 -6.80 5.30
N VAL A 95 -0.35 -7.46 4.59
CA VAL A 95 -0.65 -7.94 3.24
C VAL A 95 -1.07 -9.41 3.26
N GLU A 96 -2.35 -9.66 3.00
CA GLU A 96 -2.88 -11.02 3.00
C GLU A 96 -3.68 -11.29 1.72
N GLU A 97 -3.47 -12.46 1.14
CA GLU A 97 -4.17 -12.84 -0.08
C GLU A 97 -5.65 -12.49 0.01
N LYS A 98 -6.23 -12.06 -1.11
CA LYS A 98 -7.64 -11.71 -1.16
C LYS A 98 -8.49 -12.76 -0.45
N GLU A 99 -9.73 -12.39 -0.14
CA GLU A 99 -10.66 -13.30 0.53
C GLU A 99 -11.29 -14.26 -0.47
N GLN A 100 -11.92 -15.31 0.05
CA GLN A 100 -12.57 -16.30 -0.80
C GLN A 100 -13.99 -15.87 -1.16
N SER A 101 -14.14 -14.59 -1.48
CA SER A 101 -15.46 -14.05 -1.84
C SER A 101 -15.77 -14.33 -3.31
N SER A 102 -16.98 -14.84 -3.55
CA SER A 102 -17.41 -15.17 -4.91
C SER A 102 -18.78 -14.58 -5.19
N GLN A 103 -18.83 -13.63 -6.13
CA GLN A 103 -20.09 -12.99 -6.50
C GLN A 103 -20.51 -13.38 -7.90
N SER A 104 -21.57 -14.18 -7.98
CA SER A 104 -22.09 -14.65 -9.27
C SER A 104 -23.05 -13.63 -9.87
N GLY A 105 -22.87 -13.32 -11.15
CA GLY A 105 -23.73 -12.37 -11.82
C GLY A 105 -22.95 -11.26 -12.50
N PRO A 106 -23.60 -10.56 -13.43
CA PRO A 106 -22.98 -9.45 -14.18
C PRO A 106 -22.74 -8.24 -13.30
N SER A 107 -21.79 -7.40 -13.71
CA SER A 107 -21.45 -6.20 -12.95
C SER A 107 -22.38 -5.05 -13.32
N SER A 108 -22.49 -4.07 -12.42
CA SER A 108 -23.35 -2.92 -12.65
C SER A 108 -22.54 -1.62 -12.66
N GLY A 109 -23.05 -0.63 -13.38
CA GLY A 109 -22.35 0.64 -13.47
C GLY A 109 -22.67 1.39 -14.75
N GLY A 1 2.26 -6.87 -29.58
CA GLY A 1 3.68 -7.15 -29.49
C GLY A 1 4.51 -5.89 -29.35
N SER A 2 4.39 -5.22 -28.20
CA SER A 2 5.12 -3.99 -27.94
C SER A 2 6.62 -4.26 -27.86
N SER A 3 7.42 -3.25 -28.22
CA SER A 3 8.87 -3.38 -28.19
C SER A 3 9.31 -4.23 -27.00
N GLY A 4 8.93 -3.81 -25.80
CA GLY A 4 9.30 -4.54 -24.60
C GLY A 4 8.26 -4.42 -23.51
N SER A 5 8.44 -5.20 -22.44
CA SER A 5 7.50 -5.19 -21.32
C SER A 5 8.21 -4.74 -20.05
N SER A 6 9.21 -3.89 -20.19
CA SER A 6 9.96 -3.38 -19.05
C SER A 6 10.79 -2.17 -19.43
N GLY A 7 10.56 -1.06 -18.74
CA GLY A 7 11.31 0.16 -19.03
C GLY A 7 10.40 1.38 -19.11
N GLU A 8 9.10 1.16 -18.98
CA GLU A 8 8.13 2.25 -19.05
C GLU A 8 7.44 2.44 -17.70
N VAL A 9 7.82 1.61 -16.72
CA VAL A 9 7.23 1.70 -15.39
C VAL A 9 7.96 2.73 -14.54
N PRO A 10 7.18 3.55 -13.81
CA PRO A 10 7.73 4.59 -12.94
C PRO A 10 8.43 4.01 -11.71
N ASP A 11 9.12 4.88 -10.97
CA ASP A 11 9.83 4.45 -9.77
C ASP A 11 9.27 5.13 -8.53
N LEU A 12 9.61 4.60 -7.37
CA LEU A 12 9.15 5.15 -6.10
C LEU A 12 9.92 6.42 -5.74
N PRO A 13 9.21 7.39 -5.13
CA PRO A 13 9.82 8.66 -4.73
C PRO A 13 10.77 8.50 -3.55
N GLU A 14 11.67 9.46 -3.39
CA GLU A 14 12.64 9.42 -2.30
C GLU A 14 11.95 9.41 -0.94
N GLU A 15 11.99 8.27 -0.27
CA GLU A 15 11.36 8.12 1.04
C GLU A 15 11.81 9.24 1.97
N PRO A 16 10.86 9.78 2.75
CA PRO A 16 11.13 10.85 3.71
C PRO A 16 11.97 10.38 4.90
N SER A 17 12.75 11.29 5.46
CA SER A 17 13.60 10.95 6.60
C SER A 17 12.78 10.86 7.88
N GLU A 18 13.32 10.15 8.87
CA GLU A 18 12.63 9.98 10.15
C GLU A 18 12.48 11.31 10.86
N THR A 19 13.13 12.35 10.33
CA THR A 19 13.07 13.67 10.93
C THR A 19 12.13 14.58 10.14
N ALA A 20 11.49 14.02 9.12
CA ALA A 20 10.56 14.79 8.30
C ALA A 20 9.23 15.02 9.02
N GLU A 21 8.70 16.22 8.87
CA GLU A 21 7.44 16.58 9.52
C GLU A 21 6.25 16.01 8.74
N GLU A 22 5.05 16.20 9.28
CA GLU A 22 3.84 15.72 8.63
C GLU A 22 4.09 14.39 7.91
N VAL A 23 4.85 13.52 8.56
CA VAL A 23 5.18 12.22 7.97
C VAL A 23 4.91 11.09 8.96
N VAL A 24 4.17 10.08 8.50
CA VAL A 24 3.85 8.94 9.34
C VAL A 24 4.57 7.68 8.88
N THR A 25 4.51 6.63 9.69
CA THR A 25 5.16 5.37 9.38
C THR A 25 4.14 4.30 9.00
N VAL A 26 4.50 3.47 8.02
CA VAL A 26 3.62 2.41 7.56
C VAL A 26 4.35 1.07 7.50
N ALA A 27 4.09 0.21 8.47
CA ALA A 27 4.72 -1.10 8.52
C ALA A 27 3.93 -2.13 7.72
N LEU A 28 4.42 -2.46 6.53
CA LEU A 28 3.76 -3.42 5.66
C LEU A 28 4.17 -4.85 6.03
N ARG A 29 3.21 -5.62 6.56
CA ARG A 29 3.47 -7.00 6.94
C ARG A 29 3.27 -7.95 5.77
N CYS A 30 4.19 -8.88 5.60
CA CYS A 30 4.11 -9.84 4.50
C CYS A 30 3.51 -11.17 4.99
N PRO A 31 2.88 -11.90 4.07
CA PRO A 31 2.24 -13.19 4.38
C PRO A 31 3.27 -14.27 4.67
N ASN A 32 4.55 -13.97 4.42
CA ASN A 32 5.62 -14.92 4.66
C ASN A 32 6.24 -14.71 6.04
N GLY A 33 6.03 -13.52 6.61
CA GLY A 33 6.57 -13.22 7.92
C GLY A 33 7.45 -11.99 7.91
N ARG A 34 7.83 -11.54 6.72
CA ARG A 34 8.68 -10.37 6.58
C ARG A 34 7.90 -9.09 6.88
N VAL A 35 8.56 -8.13 7.53
CA VAL A 35 7.93 -6.87 7.87
C VAL A 35 8.70 -5.69 7.30
N LEU A 36 8.17 -5.08 6.25
CA LEU A 36 8.81 -3.95 5.60
C LEU A 36 8.22 -2.63 6.11
N ARG A 37 9.05 -1.85 6.80
CA ARG A 37 8.61 -0.57 7.34
C ARG A 37 9.07 0.58 6.45
N ARG A 38 8.17 1.52 6.16
CA ARG A 38 8.49 2.66 5.32
C ARG A 38 7.63 3.86 5.70
N ARG A 39 8.23 5.05 5.68
CA ARG A 39 7.53 6.27 6.03
C ARG A 39 6.79 6.84 4.82
N PHE A 40 5.78 7.66 5.07
CA PHE A 40 4.99 8.26 4.00
C PHE A 40 4.31 9.54 4.48
N PHE A 41 4.53 10.63 3.76
CA PHE A 41 3.94 11.91 4.11
C PHE A 41 2.43 11.79 4.29
N LYS A 42 1.79 12.86 4.76
CA LYS A 42 0.36 12.87 4.98
C LYS A 42 -0.37 13.45 3.77
N SER A 43 0.39 13.79 2.74
CA SER A 43 -0.19 14.36 1.53
C SER A 43 -0.36 13.29 0.46
N TRP A 44 0.50 12.28 0.50
CA TRP A 44 0.44 11.19 -0.48
C TRP A 44 -0.87 10.41 -0.34
N ASN A 45 -1.46 10.04 -1.47
CA ASN A 45 -2.71 9.29 -1.48
C ASN A 45 -2.44 7.79 -1.30
N SER A 46 -3.28 7.14 -0.50
CA SER A 46 -3.15 5.71 -0.25
C SER A 46 -2.63 4.99 -1.49
N GLN A 47 -3.02 5.48 -2.66
CA GLN A 47 -2.59 4.88 -3.91
C GLN A 47 -1.11 4.52 -3.87
N VAL A 48 -0.26 5.53 -3.66
CA VAL A 48 1.18 5.31 -3.59
C VAL A 48 1.50 3.98 -2.92
N LEU A 49 0.69 3.60 -1.93
CA LEU A 49 0.88 2.35 -1.21
C LEU A 49 0.87 1.16 -2.16
N LEU A 50 -0.24 0.98 -2.86
CA LEU A 50 -0.39 -0.12 -3.80
C LEU A 50 0.83 -0.22 -4.71
N ASP A 51 1.42 0.93 -5.02
CA ASP A 51 2.61 0.97 -5.88
C ASP A 51 3.82 0.39 -5.16
N TRP A 52 4.09 0.91 -3.97
CA TRP A 52 5.23 0.45 -3.18
C TRP A 52 5.14 -1.06 -2.93
N MET A 53 3.92 -1.59 -2.98
CA MET A 53 3.70 -3.01 -2.75
C MET A 53 4.13 -3.83 -3.97
N MET A 54 3.99 -3.23 -5.15
CA MET A 54 4.36 -3.91 -6.38
C MET A 54 5.87 -3.93 -6.57
N LYS A 55 6.56 -3.05 -5.83
CA LYS A 55 8.01 -2.97 -5.91
C LYS A 55 8.67 -4.01 -5.01
N VAL A 56 8.20 -4.09 -3.77
CA VAL A 56 8.73 -5.06 -2.82
C VAL A 56 8.58 -6.49 -3.33
N GLY A 57 7.58 -6.71 -4.17
CA GLY A 57 7.34 -8.03 -4.73
C GLY A 57 5.97 -8.55 -4.39
N TYR A 58 4.97 -7.68 -4.44
CA TYR A 58 3.59 -8.07 -4.14
C TYR A 58 2.61 -7.22 -4.92
N HIS A 59 1.68 -7.89 -5.61
CA HIS A 59 0.67 -7.19 -6.41
C HIS A 59 -0.58 -6.89 -5.57
N LYS A 60 -1.39 -5.95 -6.05
CA LYS A 60 -2.61 -5.57 -5.34
C LYS A 60 -3.77 -6.45 -5.75
N SER A 61 -3.79 -6.86 -7.01
CA SER A 61 -4.86 -7.72 -7.53
C SER A 61 -4.84 -9.08 -6.85
N LEU A 62 -3.68 -9.47 -6.33
CA LEU A 62 -3.53 -10.74 -5.65
C LEU A 62 -3.54 -10.56 -4.14
N TYR A 63 -3.02 -9.42 -3.68
CA TYR A 63 -2.97 -9.13 -2.25
C TYR A 63 -3.63 -7.79 -1.95
N ARG A 64 -4.29 -7.71 -0.81
CA ARG A 64 -4.98 -6.49 -0.40
C ARG A 64 -4.33 -5.90 0.86
N LEU A 65 -4.91 -4.80 1.35
CA LEU A 65 -4.39 -4.15 2.54
C LEU A 65 -5.43 -4.14 3.65
N SER A 66 -4.95 -4.11 4.90
CA SER A 66 -5.84 -4.10 6.05
C SER A 66 -5.14 -3.53 7.28
N THR A 67 -5.92 -3.16 8.29
CA THR A 67 -5.38 -2.59 9.52
C THR A 67 -4.93 -3.69 10.47
N SER A 68 -3.93 -3.39 11.28
CA SER A 68 -3.40 -4.36 12.25
C SER A 68 -4.46 -4.68 13.31
N PHE A 69 -5.03 -3.65 13.90
CA PHE A 69 -6.04 -3.82 14.93
C PHE A 69 -6.96 -2.60 15.02
N PRO A 70 -8.27 -2.83 14.87
CA PRO A 70 -8.82 -4.16 14.64
C PRO A 70 -8.48 -4.71 13.27
N ARG A 71 -9.14 -5.80 12.88
CA ARG A 71 -8.90 -6.41 11.59
C ARG A 71 -10.01 -6.06 10.60
N ARG A 72 -9.78 -5.01 9.82
CA ARG A 72 -10.76 -4.56 8.84
C ARG A 72 -10.11 -4.36 7.47
N ALA A 73 -10.86 -4.63 6.42
CA ALA A 73 -10.36 -4.48 5.05
C ALA A 73 -10.28 -3.01 4.67
N LEU A 74 -9.06 -2.54 4.42
CA LEU A 74 -8.84 -1.15 4.04
C LEU A 74 -9.10 -0.95 2.54
N GLU A 75 -9.36 0.29 2.16
CA GLU A 75 -9.63 0.62 0.76
C GLU A 75 -8.66 1.68 0.26
N VAL A 76 -8.77 2.02 -1.02
CA VAL A 76 -7.90 3.03 -1.63
C VAL A 76 -8.72 4.08 -2.37
N GLU A 77 -8.79 5.28 -1.79
CA GLU A 77 -9.53 6.38 -2.41
C GLU A 77 -8.59 7.39 -3.05
N GLY A 78 -8.42 7.28 -4.35
CA GLY A 78 -7.54 8.19 -5.07
C GLY A 78 -7.78 9.63 -4.70
N GLY A 79 -9.04 9.98 -4.46
CA GLY A 79 -9.39 11.34 -4.09
C GLY A 79 -8.89 11.72 -2.71
N SER A 80 -9.29 10.95 -1.70
CA SER A 80 -8.89 11.19 -0.33
C SER A 80 -7.45 10.74 -0.10
N SER A 81 -6.68 11.57 0.60
CA SER A 81 -5.28 11.26 0.90
C SER A 81 -5.18 10.35 2.11
N LEU A 82 -3.94 10.00 2.48
CA LEU A 82 -3.71 9.14 3.63
C LEU A 82 -4.33 9.74 4.89
N GLU A 83 -4.03 11.00 5.16
CA GLU A 83 -4.57 11.68 6.33
C GLU A 83 -6.09 11.81 6.24
N ASP A 84 -6.60 11.83 5.01
CA ASP A 84 -8.04 11.95 4.78
C ASP A 84 -8.75 10.64 5.12
N ILE A 85 -8.15 9.53 4.71
CA ILE A 85 -8.73 8.22 4.98
C ILE A 85 -8.58 7.82 6.44
N GLY A 86 -7.80 8.61 7.18
CA GLY A 86 -7.58 8.34 8.58
C GLY A 86 -6.19 7.78 8.86
N ILE A 87 -5.18 8.43 8.30
CA ILE A 87 -3.80 8.00 8.48
C ILE A 87 -2.92 9.16 8.91
N THR A 88 -3.14 9.65 10.13
CA THR A 88 -2.37 10.77 10.66
C THR A 88 -1.45 10.31 11.78
N VAL A 89 -1.47 9.02 12.07
CA VAL A 89 -0.63 8.45 13.12
C VAL A 89 -0.06 7.10 12.70
N ASP A 90 1.04 6.71 13.33
CA ASP A 90 1.69 5.44 13.02
C ASP A 90 0.66 4.35 12.78
N THR A 91 0.70 3.75 11.59
CA THR A 91 -0.23 2.69 11.24
C THR A 91 0.50 1.49 10.63
N VAL A 92 0.03 0.29 10.96
CA VAL A 92 0.63 -0.92 10.45
C VAL A 92 -0.30 -1.63 9.48
N LEU A 93 0.19 -1.91 8.27
CA LEU A 93 -0.60 -2.58 7.25
C LEU A 93 -0.28 -4.07 7.21
N ASN A 94 -1.24 -4.87 6.78
CA ASN A 94 -1.05 -6.32 6.69
C ASN A 94 -1.39 -6.82 5.29
N VAL A 95 -0.36 -7.22 4.55
CA VAL A 95 -0.54 -7.72 3.19
C VAL A 95 -1.07 -9.15 3.20
N GLU A 96 -2.37 -9.29 2.95
CA GLU A 96 -3.00 -10.61 2.94
C GLU A 96 -3.57 -10.92 1.55
N GLU A 97 -3.53 -12.19 1.18
CA GLU A 97 -4.04 -12.62 -0.12
C GLU A 97 -5.52 -12.30 -0.25
N LYS A 98 -5.93 -11.91 -1.46
CA LYS A 98 -7.33 -11.57 -1.73
C LYS A 98 -8.14 -12.82 -2.03
N GLU A 99 -7.64 -13.97 -1.60
CA GLU A 99 -8.32 -15.24 -1.84
C GLU A 99 -9.05 -15.22 -3.18
N GLN A 100 -8.44 -14.57 -4.17
CA GLN A 100 -9.03 -14.48 -5.49
C GLN A 100 -8.70 -15.71 -6.32
N SER A 101 -9.43 -15.89 -7.43
CA SER A 101 -9.21 -17.03 -8.30
C SER A 101 -9.23 -16.61 -9.77
N SER A 102 -8.70 -17.46 -10.63
CA SER A 102 -8.65 -17.17 -12.07
C SER A 102 -8.46 -18.45 -12.87
N GLN A 103 -8.95 -18.44 -14.11
CA GLN A 103 -8.84 -19.60 -14.98
C GLN A 103 -7.40 -19.79 -15.45
N SER A 104 -6.76 -20.85 -14.96
CA SER A 104 -5.38 -21.13 -15.33
C SER A 104 -5.24 -22.56 -15.83
N GLY A 105 -4.44 -22.74 -16.88
CA GLY A 105 -4.23 -24.07 -17.44
C GLY A 105 -4.04 -24.04 -18.95
N PRO A 106 -5.14 -24.14 -19.69
CA PRO A 106 -5.11 -24.13 -21.16
C PRO A 106 -4.73 -22.76 -21.73
N SER A 107 -3.69 -22.74 -22.56
CA SER A 107 -3.23 -21.49 -23.16
C SER A 107 -3.91 -21.24 -24.50
N SER A 108 -4.52 -20.07 -24.63
CA SER A 108 -5.22 -19.71 -25.87
C SER A 108 -4.94 -18.26 -26.23
N GLY A 109 -4.32 -18.06 -27.40
CA GLY A 109 -4.01 -16.71 -27.85
C GLY A 109 -5.19 -15.77 -27.69
N GLY A 1 20.44 0.63 -29.63
CA GLY A 1 19.36 -0.11 -30.25
C GLY A 1 18.11 -0.16 -29.39
N SER A 2 17.32 0.91 -29.44
CA SER A 2 16.10 0.99 -28.65
C SER A 2 14.96 0.24 -29.34
N SER A 3 14.73 -1.00 -28.92
CA SER A 3 13.68 -1.82 -29.51
C SER A 3 13.24 -2.92 -28.53
N GLY A 4 12.01 -2.81 -28.05
CA GLY A 4 11.48 -3.79 -27.12
C GLY A 4 11.56 -3.33 -25.68
N SER A 5 10.45 -2.76 -25.19
CA SER A 5 10.38 -2.26 -23.82
C SER A 5 9.54 -3.18 -22.94
N SER A 6 10.17 -4.23 -22.43
CA SER A 6 9.47 -5.19 -21.58
C SER A 6 9.29 -4.63 -20.17
N GLY A 7 8.03 -4.59 -19.72
CA GLY A 7 7.73 -4.08 -18.40
C GLY A 7 8.07 -2.61 -18.26
N GLU A 8 7.07 -1.81 -17.87
CA GLU A 8 7.27 -0.38 -17.71
C GLU A 8 6.69 0.10 -16.39
N VAL A 9 6.95 -0.65 -15.32
CA VAL A 9 6.44 -0.30 -14.00
C VAL A 9 7.10 0.98 -13.48
N PRO A 10 6.28 1.86 -12.88
CA PRO A 10 6.75 3.13 -12.34
C PRO A 10 7.62 2.95 -11.10
N ASP A 11 8.10 4.05 -10.54
CA ASP A 11 8.94 4.02 -9.36
C ASP A 11 8.36 4.88 -8.25
N LEU A 12 8.63 4.49 -7.00
CA LEU A 12 8.14 5.23 -5.85
C LEU A 12 8.95 6.50 -5.61
N PRO A 13 8.29 7.52 -5.04
CA PRO A 13 8.93 8.80 -4.75
C PRO A 13 9.95 8.70 -3.62
N GLU A 14 10.56 9.83 -3.28
CA GLU A 14 11.56 9.87 -2.22
C GLU A 14 10.93 9.54 -0.87
N GLU A 15 11.65 8.78 -0.06
CA GLU A 15 11.16 8.38 1.27
C GLU A 15 11.42 9.49 2.29
N PRO A 16 10.37 9.91 3.00
CA PRO A 16 10.46 10.96 4.02
C PRO A 16 11.24 10.50 5.25
N SER A 17 11.57 11.46 6.11
CA SER A 17 12.33 11.16 7.32
C SER A 17 11.38 11.04 8.52
N GLU A 18 11.74 10.15 9.46
CA GLU A 18 10.92 9.93 10.65
C GLU A 18 10.72 11.24 11.41
N THR A 19 11.71 12.14 11.32
CA THR A 19 11.63 13.43 11.99
C THR A 19 10.70 14.38 11.27
N ALA A 20 10.57 14.19 9.95
CA ALA A 20 9.71 15.04 9.14
C ALA A 20 8.32 15.16 9.77
N GLU A 21 7.76 16.37 9.72
CA GLU A 21 6.44 16.62 10.28
C GLU A 21 5.35 15.98 9.42
N GLU A 22 4.12 15.98 9.95
CA GLU A 22 2.99 15.41 9.23
C GLU A 22 3.41 14.13 8.49
N VAL A 23 4.33 13.38 9.09
CA VAL A 23 4.81 12.15 8.50
C VAL A 23 4.50 10.95 9.39
N VAL A 24 3.95 9.90 8.78
CA VAL A 24 3.60 8.68 9.52
C VAL A 24 4.53 7.54 9.15
N THR A 25 4.48 6.47 9.95
CA THR A 25 5.32 5.30 9.72
C THR A 25 4.48 4.10 9.28
N VAL A 26 4.48 3.83 7.98
CA VAL A 26 3.71 2.72 7.44
C VAL A 26 4.57 1.45 7.37
N ALA A 27 4.14 0.43 8.12
CA ALA A 27 4.86 -0.84 8.15
C ALA A 27 4.05 -1.95 7.50
N LEU A 28 4.56 -2.51 6.41
CA LEU A 28 3.88 -3.58 5.70
C LEU A 28 4.26 -4.94 6.27
N ARG A 29 3.26 -5.70 6.69
CA ARG A 29 3.50 -7.03 7.26
C ARG A 29 3.38 -8.11 6.18
N CYS A 30 4.52 -8.64 5.76
CA CYS A 30 4.54 -9.68 4.74
C CYS A 30 3.96 -10.99 5.27
N PRO A 31 3.26 -11.73 4.39
CA PRO A 31 2.63 -13.00 4.75
C PRO A 31 3.66 -14.10 5.01
N ASN A 32 4.93 -13.79 4.73
CA ASN A 32 6.00 -14.75 4.93
C ASN A 32 6.59 -14.62 6.33
N GLY A 33 6.27 -13.52 7.00
CA GLY A 33 6.78 -13.30 8.34
C GLY A 33 7.70 -12.08 8.41
N ARG A 34 7.97 -11.48 7.26
CA ARG A 34 8.84 -10.31 7.19
C ARG A 34 8.05 -9.03 7.41
N VAL A 35 8.68 -8.04 8.03
CA VAL A 35 8.03 -6.76 8.29
C VAL A 35 8.90 -5.59 7.83
N LEU A 36 8.49 -4.94 6.76
CA LEU A 36 9.22 -3.82 6.21
C LEU A 36 8.59 -2.49 6.63
N ARG A 37 9.40 -1.61 7.21
CA ARG A 37 8.92 -0.31 7.67
C ARG A 37 9.34 0.79 6.69
N ARG A 38 8.51 1.82 6.59
CA ARG A 38 8.79 2.95 5.70
C ARG A 38 7.95 4.16 6.07
N ARG A 39 8.51 5.35 5.89
CA ARG A 39 7.81 6.58 6.21
C ARG A 39 6.98 7.06 5.02
N PHE A 40 5.92 7.82 5.31
CA PHE A 40 5.05 8.33 4.26
C PHE A 40 4.30 9.57 4.74
N PHE A 41 4.40 10.64 3.97
CA PHE A 41 3.74 11.90 4.31
C PHE A 41 2.24 11.69 4.47
N LYS A 42 1.57 12.69 5.05
CA LYS A 42 0.13 12.62 5.27
C LYS A 42 -0.63 13.26 4.10
N SER A 43 0.11 13.85 3.18
CA SER A 43 -0.50 14.49 2.02
C SER A 43 -0.70 13.50 0.88
N TRP A 44 0.16 12.48 0.83
CA TRP A 44 0.07 11.45 -0.20
C TRP A 44 -1.27 10.73 -0.14
N ASN A 45 -1.64 10.09 -1.23
CA ASN A 45 -2.90 9.35 -1.30
C ASN A 45 -2.67 7.85 -1.13
N SER A 46 -3.50 7.21 -0.30
CA SER A 46 -3.39 5.79 -0.06
C SER A 46 -2.91 5.06 -1.31
N GLN A 47 -3.37 5.52 -2.47
CA GLN A 47 -2.99 4.91 -3.74
C GLN A 47 -1.51 4.56 -3.75
N VAL A 48 -0.67 5.56 -3.51
CA VAL A 48 0.77 5.35 -3.50
C VAL A 48 1.14 4.02 -2.87
N LEU A 49 0.38 3.63 -1.85
CA LEU A 49 0.62 2.37 -1.15
C LEU A 49 0.64 1.21 -2.13
N LEU A 50 -0.47 1.02 -2.84
CA LEU A 50 -0.58 -0.06 -3.82
C LEU A 50 0.73 -0.23 -4.59
N ASP A 51 1.31 0.89 -5.01
CA ASP A 51 2.56 0.88 -5.76
C ASP A 51 3.68 0.26 -4.93
N TRP A 52 3.82 0.73 -3.69
CA TRP A 52 4.86 0.23 -2.80
C TRP A 52 4.71 -1.26 -2.58
N MET A 53 3.47 -1.75 -2.61
CA MET A 53 3.19 -3.16 -2.42
C MET A 53 3.66 -3.98 -3.61
N MET A 54 3.53 -3.41 -4.80
CA MET A 54 3.94 -4.09 -6.03
C MET A 54 5.45 -4.00 -6.22
N LYS A 55 6.06 -3.02 -5.57
CA LYS A 55 7.51 -2.82 -5.66
C LYS A 55 8.25 -3.85 -4.81
N VAL A 56 7.59 -4.32 -3.76
CA VAL A 56 8.19 -5.31 -2.87
C VAL A 56 8.09 -6.71 -3.45
N GLY A 57 7.04 -6.94 -4.25
CA GLY A 57 6.86 -8.24 -4.86
C GLY A 57 5.48 -8.81 -4.58
N TYR A 58 4.48 -7.93 -4.49
CA TYR A 58 3.11 -8.36 -4.23
C TYR A 58 2.12 -7.49 -4.99
N HIS A 59 1.36 -8.12 -5.88
CA HIS A 59 0.37 -7.41 -6.68
C HIS A 59 -0.84 -7.01 -5.84
N LYS A 60 -1.70 -6.17 -6.40
CA LYS A 60 -2.89 -5.72 -5.69
C LYS A 60 -4.05 -6.68 -5.91
N SER A 61 -4.30 -7.03 -7.18
CA SER A 61 -5.38 -7.95 -7.52
C SER A 61 -5.17 -9.30 -6.87
N LEU A 62 -3.93 -9.60 -6.48
CA LEU A 62 -3.60 -10.87 -5.85
C LEU A 62 -3.49 -10.70 -4.33
N TYR A 63 -3.29 -9.46 -3.88
CA TYR A 63 -3.16 -9.18 -2.46
C TYR A 63 -3.68 -7.77 -2.15
N ARG A 64 -4.40 -7.65 -1.03
CA ARG A 64 -4.95 -6.37 -0.62
C ARG A 64 -4.32 -5.90 0.69
N LEU A 65 -4.59 -4.66 1.07
CA LEU A 65 -4.05 -4.09 2.30
C LEU A 65 -5.11 -4.06 3.39
N SER A 66 -4.67 -4.05 4.64
CA SER A 66 -5.57 -4.01 5.78
C SER A 66 -4.85 -3.55 7.04
N THR A 67 -5.62 -3.12 8.04
CA THR A 67 -5.05 -2.65 9.29
C THR A 67 -5.08 -3.76 10.34
N SER A 68 -4.31 -3.56 11.42
CA SER A 68 -4.24 -4.54 12.49
C SER A 68 -5.51 -4.51 13.33
N PHE A 69 -5.67 -5.52 14.18
CA PHE A 69 -6.85 -5.63 15.04
C PHE A 69 -7.28 -4.25 15.54
N PRO A 70 -8.53 -3.88 15.24
CA PRO A 70 -9.45 -4.73 14.48
C PRO A 70 -9.03 -4.86 13.02
N ARG A 71 -9.04 -6.10 12.53
CA ARG A 71 -8.66 -6.37 11.14
C ARG A 71 -9.82 -6.04 10.19
N ARG A 72 -9.68 -4.95 9.45
CA ARG A 72 -10.72 -4.53 8.51
C ARG A 72 -10.10 -4.18 7.16
N ALA A 73 -10.74 -4.63 6.08
CA ALA A 73 -10.26 -4.35 4.73
C ALA A 73 -10.29 -2.86 4.44
N LEU A 74 -9.13 -2.28 4.18
CA LEU A 74 -9.02 -0.87 3.87
C LEU A 74 -9.36 -0.59 2.41
N GLU A 75 -10.20 0.42 2.18
CA GLU A 75 -10.60 0.78 0.83
C GLU A 75 -9.66 1.82 0.24
N VAL A 76 -8.68 1.36 -0.53
CA VAL A 76 -7.70 2.24 -1.15
C VAL A 76 -8.39 3.32 -1.98
N GLU A 77 -8.51 4.52 -1.40
CA GLU A 77 -9.16 5.63 -2.08
C GLU A 77 -8.20 6.30 -3.05
N GLY A 78 -8.75 6.93 -4.09
CA GLY A 78 -7.92 7.60 -5.08
C GLY A 78 -7.93 9.10 -4.91
N GLY A 79 -8.88 9.61 -4.13
CA GLY A 79 -8.97 11.05 -3.91
C GLY A 79 -8.72 11.43 -2.46
N SER A 80 -8.98 10.49 -1.56
CA SER A 80 -8.77 10.73 -0.13
C SER A 80 -7.33 10.46 0.27
N SER A 81 -6.68 11.46 0.84
CA SER A 81 -5.30 11.33 1.29
C SER A 81 -5.16 10.27 2.36
N LEU A 82 -3.94 10.06 2.84
CA LEU A 82 -3.68 9.08 3.87
C LEU A 82 -4.32 9.48 5.19
N GLU A 83 -4.38 10.79 5.44
CA GLU A 83 -4.98 11.31 6.66
C GLU A 83 -6.50 11.34 6.56
N ASP A 84 -7.02 11.13 5.35
CA ASP A 84 -8.45 11.13 5.12
C ASP A 84 -9.02 9.73 5.24
N ILE A 85 -8.21 8.73 4.88
CA ILE A 85 -8.64 7.34 4.95
C ILE A 85 -8.64 6.83 6.39
N GLY A 86 -7.72 7.37 7.19
CA GLY A 86 -7.63 6.97 8.58
C GLY A 86 -6.20 6.74 9.04
N ILE A 87 -5.26 7.01 8.14
CA ILE A 87 -3.85 6.83 8.45
C ILE A 87 -3.21 8.15 8.84
N THR A 88 -3.59 8.67 10.00
CA THR A 88 -3.05 9.94 10.49
C THR A 88 -1.83 9.70 11.39
N VAL A 89 -1.40 8.45 11.47
CA VAL A 89 -0.25 8.09 12.30
C VAL A 89 0.33 6.75 11.87
N ASP A 90 1.39 6.34 12.55
CA ASP A 90 2.05 5.06 12.24
C ASP A 90 1.04 3.92 12.22
N THR A 91 0.55 3.60 11.03
CA THR A 91 -0.44 2.52 10.88
C THR A 91 0.20 1.29 10.25
N VAL A 92 0.14 0.17 10.96
CA VAL A 92 0.71 -1.08 10.47
C VAL A 92 -0.27 -1.80 9.53
N LEU A 93 0.14 -1.96 8.28
CA LEU A 93 -0.69 -2.64 7.29
C LEU A 93 -0.26 -4.09 7.11
N ASN A 94 -1.19 -4.92 6.66
CA ASN A 94 -0.90 -6.34 6.44
C ASN A 94 -1.26 -6.75 5.02
N VAL A 95 -0.38 -7.50 4.38
CA VAL A 95 -0.60 -7.97 3.01
C VAL A 95 -1.26 -9.34 3.00
N GLU A 96 -2.56 -9.37 2.73
CA GLU A 96 -3.30 -10.62 2.69
C GLU A 96 -3.62 -11.02 1.26
N GLU A 97 -4.00 -12.28 1.06
CA GLU A 97 -4.34 -12.78 -0.26
C GLU A 97 -5.80 -12.50 -0.60
N LYS A 98 -6.02 -11.83 -1.72
CA LYS A 98 -7.38 -11.49 -2.16
C LYS A 98 -8.10 -12.72 -2.68
N GLU A 99 -9.28 -12.98 -2.14
CA GLU A 99 -10.08 -14.14 -2.56
C GLU A 99 -10.91 -13.80 -3.79
N GLN A 100 -10.23 -13.38 -4.86
CA GLN A 100 -10.91 -13.03 -6.10
C GLN A 100 -12.11 -12.12 -5.83
N SER A 101 -11.92 -11.14 -4.95
CA SER A 101 -12.98 -10.21 -4.60
C SER A 101 -12.99 -9.01 -5.54
N SER A 102 -14.18 -8.55 -5.91
CA SER A 102 -14.31 -7.41 -6.80
C SER A 102 -15.63 -6.67 -6.55
N GLN A 103 -15.63 -5.37 -6.79
CA GLN A 103 -16.81 -4.55 -6.59
C GLN A 103 -17.63 -4.44 -7.87
N SER A 104 -18.54 -5.38 -8.08
CA SER A 104 -19.38 -5.39 -9.27
C SER A 104 -20.81 -5.01 -8.92
N GLY A 105 -21.12 -3.72 -9.06
CA GLY A 105 -22.46 -3.25 -8.76
C GLY A 105 -22.79 -1.95 -9.46
N PRO A 106 -24.07 -1.80 -9.87
CA PRO A 106 -24.53 -0.60 -10.56
C PRO A 106 -24.57 0.63 -9.65
N SER A 107 -25.20 0.47 -8.50
CA SER A 107 -25.31 1.57 -7.53
C SER A 107 -24.02 1.73 -6.75
N SER A 108 -23.37 2.88 -6.91
CA SER A 108 -22.11 3.16 -6.23
C SER A 108 -22.18 2.70 -4.77
N GLY A 109 -23.16 3.22 -4.03
CA GLY A 109 -23.31 2.86 -2.64
C GLY A 109 -23.92 3.97 -1.82
N GLY A 1 10.92 10.84 -21.27
CA GLY A 1 12.31 11.18 -21.57
C GLY A 1 13.23 11.00 -20.38
N SER A 2 13.55 9.75 -20.08
CA SER A 2 14.43 9.45 -18.96
C SER A 2 15.10 8.10 -19.14
N SER A 3 16.43 8.10 -19.22
CA SER A 3 17.20 6.88 -19.40
C SER A 3 16.73 5.80 -18.43
N GLY A 4 16.67 4.56 -18.92
CA GLY A 4 16.24 3.45 -18.09
C GLY A 4 16.57 2.11 -18.70
N SER A 5 15.68 1.13 -18.48
CA SER A 5 15.87 -0.21 -19.01
C SER A 5 14.76 -0.58 -19.99
N SER A 6 14.91 -1.73 -20.65
CA SER A 6 13.92 -2.19 -21.62
C SER A 6 12.53 -2.19 -20.99
N GLY A 7 12.35 -2.98 -19.95
CA GLY A 7 11.06 -3.07 -19.28
C GLY A 7 10.59 -1.73 -18.77
N GLU A 8 9.29 -1.47 -18.87
CA GLU A 8 8.71 -0.22 -18.41
C GLU A 8 8.16 -0.36 -17.00
N VAL A 9 9.05 -0.32 -16.01
CA VAL A 9 8.65 -0.44 -14.62
C VAL A 9 8.64 0.92 -13.93
N PRO A 10 7.61 1.17 -13.10
CA PRO A 10 7.47 2.43 -12.38
C PRO A 10 8.50 2.57 -11.27
N ASP A 11 8.68 3.81 -10.79
CA ASP A 11 9.64 4.09 -9.74
C ASP A 11 8.95 4.67 -8.52
N LEU A 12 9.62 4.60 -7.37
CA LEU A 12 9.07 5.13 -6.12
C LEU A 12 9.63 6.51 -5.82
N PRO A 13 8.78 7.39 -5.27
CA PRO A 13 9.17 8.76 -4.92
C PRO A 13 10.12 8.80 -3.73
N GLU A 14 10.79 9.93 -3.55
CA GLU A 14 11.73 10.10 -2.45
C GLU A 14 11.06 9.83 -1.12
N GLU A 15 11.77 9.15 -0.23
CA GLU A 15 11.24 8.83 1.10
C GLU A 15 11.41 10.00 2.05
N PRO A 16 10.36 10.28 2.84
CA PRO A 16 10.38 11.38 3.81
C PRO A 16 11.32 11.10 4.99
N SER A 17 12.03 12.14 5.42
CA SER A 17 12.96 12.00 6.54
C SER A 17 12.26 11.41 7.75
N GLU A 18 13.06 10.94 8.70
CA GLU A 18 12.52 10.34 9.93
C GLU A 18 11.58 11.32 10.63
N THR A 19 12.01 12.57 10.74
CA THR A 19 11.21 13.60 11.39
C THR A 19 10.66 14.60 10.37
N ALA A 20 10.56 14.17 9.12
CA ALA A 20 10.05 15.03 8.07
C ALA A 20 8.77 15.73 8.49
N GLU A 21 8.27 16.62 7.63
CA GLU A 21 7.05 17.35 7.93
C GLU A 21 5.81 16.56 7.52
N GLU A 22 4.74 16.70 8.29
CA GLU A 22 3.50 15.99 8.00
C GLU A 22 3.79 14.62 7.40
N VAL A 23 4.64 13.84 8.07
CA VAL A 23 5.00 12.51 7.60
C VAL A 23 4.77 11.46 8.69
N VAL A 24 4.24 10.31 8.30
CA VAL A 24 3.98 9.23 9.24
C VAL A 24 4.72 7.96 8.84
N THR A 25 4.71 6.98 9.73
CA THR A 25 5.38 5.71 9.46
C THR A 25 4.38 4.58 9.25
N VAL A 26 4.49 3.91 8.11
CA VAL A 26 3.60 2.80 7.78
C VAL A 26 4.37 1.52 7.49
N ALA A 27 4.08 0.47 8.24
CA ALA A 27 4.75 -0.81 8.06
C ALA A 27 3.85 -1.80 7.33
N LEU A 28 4.46 -2.67 6.52
CA LEU A 28 3.71 -3.66 5.76
C LEU A 28 4.05 -5.07 6.24
N ARG A 29 3.03 -5.82 6.64
CA ARG A 29 3.23 -7.18 7.12
C ARG A 29 3.13 -8.18 5.97
N CYS A 30 4.20 -8.94 5.76
CA CYS A 30 4.24 -9.92 4.69
C CYS A 30 3.73 -11.27 5.18
N PRO A 31 3.11 -12.03 4.25
CA PRO A 31 2.55 -13.35 4.57
C PRO A 31 3.64 -14.39 4.84
N ASN A 32 4.89 -13.98 4.68
CA ASN A 32 6.02 -14.87 4.90
C ASN A 32 6.54 -14.74 6.33
N GLY A 33 6.27 -13.59 6.96
CA GLY A 33 6.71 -13.37 8.31
C GLY A 33 7.52 -12.08 8.45
N ARG A 34 8.10 -11.63 7.34
CA ARG A 34 8.89 -10.41 7.35
C ARG A 34 8.00 -9.18 7.38
N VAL A 35 8.54 -8.08 7.90
CA VAL A 35 7.78 -6.83 7.99
C VAL A 35 8.64 -5.65 7.56
N LEU A 36 8.24 -4.99 6.48
CA LEU A 36 8.98 -3.84 5.96
C LEU A 36 8.42 -2.54 6.53
N ARG A 37 9.29 -1.71 7.08
CA ARG A 37 8.88 -0.43 7.66
C ARG A 37 9.34 0.73 6.78
N ARG A 38 8.38 1.53 6.33
CA ARG A 38 8.67 2.68 5.49
C ARG A 38 7.85 3.89 5.90
N ARG A 39 8.31 5.08 5.52
CA ARG A 39 7.62 6.32 5.86
C ARG A 39 6.75 6.78 4.69
N PHE A 40 5.78 7.64 5.00
CA PHE A 40 4.87 8.17 3.98
C PHE A 40 4.27 9.49 4.42
N PHE A 41 4.37 10.50 3.57
CA PHE A 41 3.83 11.82 3.87
C PHE A 41 2.33 11.74 4.15
N LYS A 42 1.74 12.88 4.52
CA LYS A 42 0.31 12.94 4.80
C LYS A 42 -0.49 13.34 3.56
N SER A 43 0.20 13.93 2.60
CA SER A 43 -0.43 14.36 1.35
C SER A 43 -0.57 13.20 0.38
N TRP A 44 0.27 12.18 0.55
CA TRP A 44 0.24 11.01 -0.32
C TRP A 44 -1.04 10.22 -0.11
N ASN A 45 -1.65 9.78 -1.21
CA ASN A 45 -2.88 9.01 -1.15
C ASN A 45 -2.60 7.51 -1.12
N SER A 46 -3.40 6.77 -0.36
CA SER A 46 -3.23 5.33 -0.25
C SER A 46 -2.73 4.74 -1.56
N GLN A 47 -3.15 5.33 -2.67
CA GLN A 47 -2.76 4.86 -3.99
C GLN A 47 -1.25 4.61 -4.05
N VAL A 48 -0.48 5.63 -3.70
CA VAL A 48 0.98 5.53 -3.72
C VAL A 48 1.44 4.20 -3.11
N LEU A 49 0.66 3.69 -2.17
CA LEU A 49 0.99 2.44 -1.51
C LEU A 49 0.97 1.27 -2.50
N LEU A 50 -0.12 1.17 -3.26
CA LEU A 50 -0.27 0.12 -4.25
C LEU A 50 1.04 -0.08 -5.04
N ASP A 51 1.72 1.03 -5.31
CA ASP A 51 2.98 0.98 -6.05
C ASP A 51 4.08 0.31 -5.21
N TRP A 52 4.26 0.80 -3.99
CA TRP A 52 5.26 0.25 -3.09
C TRP A 52 5.03 -1.24 -2.84
N MET A 53 3.76 -1.62 -2.80
CA MET A 53 3.39 -3.02 -2.57
C MET A 53 3.83 -3.89 -3.74
N MET A 54 3.80 -3.32 -4.94
CA MET A 54 4.19 -4.06 -6.14
C MET A 54 5.71 -4.10 -6.29
N LYS A 55 6.39 -3.18 -5.61
CA LYS A 55 7.84 -3.12 -5.65
C LYS A 55 8.46 -4.11 -4.68
N VAL A 56 7.71 -4.47 -3.65
CA VAL A 56 8.18 -5.42 -2.64
C VAL A 56 8.04 -6.85 -3.14
N GLY A 57 7.05 -7.09 -3.98
CA GLY A 57 6.82 -8.42 -4.51
C GLY A 57 5.39 -8.87 -4.34
N TYR A 58 4.46 -7.92 -4.40
CA TYR A 58 3.04 -8.23 -4.24
C TYR A 58 2.18 -7.24 -5.00
N HIS A 59 1.32 -7.76 -5.89
CA HIS A 59 0.44 -6.91 -6.68
C HIS A 59 -0.66 -6.30 -5.81
N LYS A 60 -1.58 -5.59 -6.45
CA LYS A 60 -2.68 -4.96 -5.74
C LYS A 60 -4.00 -5.66 -6.03
N SER A 61 -4.13 -6.18 -7.24
CA SER A 61 -5.35 -6.89 -7.64
C SER A 61 -5.37 -8.30 -7.07
N LEU A 62 -4.19 -8.80 -6.72
CA LEU A 62 -4.08 -10.14 -6.15
C LEU A 62 -3.99 -10.08 -4.63
N TYR A 63 -3.39 -9.03 -4.11
CA TYR A 63 -3.24 -8.85 -2.67
C TYR A 63 -3.84 -7.53 -2.22
N ARG A 64 -4.53 -7.56 -1.09
CA ARG A 64 -5.16 -6.35 -0.54
C ARG A 64 -4.50 -5.95 0.77
N LEU A 65 -4.86 -4.77 1.26
CA LEU A 65 -4.30 -4.25 2.51
C LEU A 65 -5.32 -4.40 3.65
N SER A 66 -4.81 -4.41 4.88
CA SER A 66 -5.67 -4.54 6.05
C SER A 66 -5.01 -3.91 7.28
N THR A 67 -5.82 -3.62 8.29
CA THR A 67 -5.32 -3.01 9.52
C THR A 67 -4.76 -4.07 10.47
N SER A 68 -4.02 -3.62 11.47
CA SER A 68 -3.42 -4.53 12.44
C SER A 68 -4.49 -5.32 13.17
N PHE A 69 -5.36 -4.61 13.90
CA PHE A 69 -6.43 -5.25 14.65
C PHE A 69 -7.51 -4.23 15.02
N PRO A 70 -8.78 -4.64 14.90
CA PRO A 70 -9.14 -5.99 14.45
C PRO A 70 -8.84 -6.20 12.98
N ARG A 71 -8.65 -7.46 12.58
CA ARG A 71 -8.36 -7.79 11.19
C ARG A 71 -9.54 -7.44 10.29
N ARG A 72 -9.36 -6.44 9.44
CA ARG A 72 -10.41 -6.01 8.52
C ARG A 72 -9.82 -5.61 7.17
N ALA A 73 -10.55 -5.93 6.10
CA ALA A 73 -10.09 -5.60 4.76
C ALA A 73 -10.30 -4.12 4.46
N LEU A 74 -9.19 -3.40 4.30
CA LEU A 74 -9.25 -1.97 4.00
C LEU A 74 -9.47 -1.72 2.52
N GLU A 75 -10.16 -0.63 2.20
CA GLU A 75 -10.43 -0.27 0.81
C GLU A 75 -9.78 1.05 0.44
N VAL A 76 -8.54 0.98 -0.03
CA VAL A 76 -7.79 2.16 -0.43
C VAL A 76 -8.66 3.11 -1.25
N GLU A 77 -8.78 4.35 -0.78
CA GLU A 77 -9.58 5.35 -1.47
C GLU A 77 -8.73 6.18 -2.41
N GLY A 78 -9.13 6.23 -3.68
CA GLY A 78 -8.39 6.99 -4.67
C GLY A 78 -8.49 8.49 -4.45
N GLY A 79 -9.60 8.93 -3.89
CA GLY A 79 -9.80 10.34 -3.63
C GLY A 79 -9.29 10.76 -2.27
N SER A 80 -9.71 10.06 -1.22
CA SER A 80 -9.30 10.37 0.14
C SER A 80 -7.83 10.04 0.34
N SER A 81 -7.05 11.05 0.72
CA SER A 81 -5.62 10.87 0.93
C SER A 81 -5.36 10.00 2.16
N LEU A 82 -4.09 9.78 2.48
CA LEU A 82 -3.72 8.98 3.63
C LEU A 82 -4.25 9.58 4.93
N GLU A 83 -3.96 10.86 5.13
CA GLU A 83 -4.42 11.56 6.33
C GLU A 83 -5.94 11.67 6.34
N ASP A 84 -6.56 11.43 5.19
CA ASP A 84 -8.01 11.51 5.07
C ASP A 84 -8.66 10.20 5.48
N ILE A 85 -8.07 9.09 5.03
CA ILE A 85 -8.61 7.77 5.37
C ILE A 85 -8.37 7.43 6.83
N GLY A 86 -7.38 8.09 7.44
CA GLY A 86 -7.08 7.85 8.83
C GLY A 86 -5.64 7.44 9.05
N ILE A 87 -4.72 8.18 8.45
CA ILE A 87 -3.30 7.90 8.58
C ILE A 87 -2.51 9.16 8.91
N THR A 88 -2.65 9.62 10.15
CA THR A 88 -1.94 10.82 10.60
C THR A 88 -0.89 10.48 11.65
N VAL A 89 -0.91 9.24 12.12
CA VAL A 89 0.04 8.78 13.13
C VAL A 89 0.51 7.36 12.85
N ASP A 90 1.62 6.97 13.48
CA ASP A 90 2.17 5.63 13.30
C ASP A 90 1.05 4.60 13.11
N THR A 91 1.13 3.84 12.03
CA THR A 91 0.13 2.83 11.74
C THR A 91 0.75 1.63 11.01
N VAL A 92 0.17 0.46 11.20
CA VAL A 92 0.67 -0.75 10.56
C VAL A 92 -0.40 -1.36 9.64
N LEU A 93 0.05 -1.88 8.50
CA LEU A 93 -0.87 -2.50 7.54
C LEU A 93 -0.59 -3.99 7.40
N ASN A 94 -1.52 -4.70 6.77
CA ASN A 94 -1.36 -6.14 6.56
C ASN A 94 -1.64 -6.52 5.11
N VAL A 95 -0.81 -7.39 4.56
CA VAL A 95 -0.96 -7.84 3.18
C VAL A 95 -1.60 -9.22 3.12
N GLU A 96 -2.78 -9.29 2.51
CA GLU A 96 -3.49 -10.55 2.38
C GLU A 96 -3.91 -10.79 0.93
N GLU A 97 -4.32 -12.02 0.64
CA GLU A 97 -4.74 -12.39 -0.71
C GLU A 97 -6.25 -12.19 -0.88
N LYS A 98 -6.65 -11.63 -2.01
CA LYS A 98 -8.06 -11.39 -2.30
C LYS A 98 -8.74 -12.67 -2.77
N GLU A 99 -10.01 -12.82 -2.42
CA GLU A 99 -10.79 -13.99 -2.81
C GLU A 99 -11.72 -13.68 -3.98
N GLN A 100 -11.83 -14.62 -4.90
CA GLN A 100 -12.69 -14.44 -6.07
C GLN A 100 -12.23 -13.24 -6.90
N SER A 101 -10.93 -13.11 -7.08
CA SER A 101 -10.37 -12.01 -7.84
C SER A 101 -10.61 -12.21 -9.33
N SER A 102 -11.74 -11.70 -9.81
CA SER A 102 -12.10 -11.82 -11.22
C SER A 102 -12.24 -10.45 -11.87
N GLN A 103 -12.02 -10.39 -13.17
CA GLN A 103 -12.12 -9.13 -13.91
C GLN A 103 -13.52 -8.95 -14.48
N SER A 104 -14.20 -7.90 -14.03
CA SER A 104 -15.55 -7.61 -14.50
C SER A 104 -15.54 -6.50 -15.54
N GLY A 105 -14.88 -5.39 -15.21
CA GLY A 105 -14.81 -4.26 -16.12
C GLY A 105 -14.81 -2.93 -15.42
N PRO A 106 -13.80 -2.10 -15.70
CA PRO A 106 -13.66 -0.78 -15.10
C PRO A 106 -14.74 0.20 -15.58
N SER A 107 -15.30 -0.07 -16.74
CA SER A 107 -16.33 0.78 -17.31
C SER A 107 -17.71 0.41 -16.77
N SER A 108 -18.74 1.15 -17.18
CA SER A 108 -20.09 0.90 -16.73
C SER A 108 -21.10 1.72 -17.52
N GLY A 109 -22.03 1.04 -18.18
CA GLY A 109 -23.03 1.73 -18.98
C GLY A 109 -22.43 2.45 -20.17
N GLY A 1 18.19 -2.30 -20.59
CA GLY A 1 17.04 -1.82 -19.85
C GLY A 1 16.40 -0.60 -20.49
N SER A 2 15.36 -0.84 -21.29
CA SER A 2 14.66 0.24 -21.97
C SER A 2 13.89 1.10 -20.97
N SER A 3 12.99 0.45 -20.24
CA SER A 3 12.17 1.16 -19.25
C SER A 3 13.03 1.64 -18.08
N GLY A 4 13.86 0.75 -17.55
CA GLY A 4 14.73 1.11 -16.44
C GLY A 4 15.67 -0.02 -16.06
N SER A 5 16.16 0.03 -14.83
CA SER A 5 17.08 -0.99 -14.34
C SER A 5 16.34 -2.18 -13.75
N SER A 6 15.34 -1.88 -12.93
CA SER A 6 14.53 -2.92 -12.29
C SER A 6 13.94 -3.85 -13.34
N GLY A 7 13.32 -3.27 -14.36
CA GLY A 7 12.71 -4.07 -15.41
C GLY A 7 11.23 -3.82 -15.54
N GLU A 8 10.83 -3.17 -16.63
CA GLU A 8 9.43 -2.86 -16.86
C GLU A 8 8.72 -2.51 -15.56
N VAL A 9 9.46 -1.90 -14.64
CA VAL A 9 8.90 -1.51 -13.36
C VAL A 9 9.37 -0.11 -12.95
N PRO A 10 8.42 0.74 -12.55
CA PRO A 10 8.72 2.11 -12.13
C PRO A 10 9.47 2.16 -10.80
N ASP A 11 9.71 3.37 -10.30
CA ASP A 11 10.40 3.56 -9.04
C ASP A 11 9.56 4.37 -8.06
N LEU A 12 9.87 4.24 -6.78
CA LEU A 12 9.14 4.97 -5.73
C LEU A 12 9.76 6.33 -5.49
N PRO A 13 8.93 7.29 -5.04
CA PRO A 13 9.37 8.66 -4.75
C PRO A 13 10.27 8.72 -3.52
N GLU A 14 11.12 9.75 -3.47
CA GLU A 14 12.03 9.93 -2.35
C GLU A 14 11.35 9.58 -1.03
N GLU A 15 12.02 8.79 -0.20
CA GLU A 15 11.48 8.37 1.08
C GLU A 15 11.80 9.41 2.16
N PRO A 16 10.76 9.94 2.82
CA PRO A 16 10.91 10.94 3.88
C PRO A 16 11.54 10.35 5.14
N SER A 17 12.35 11.16 5.82
CA SER A 17 13.01 10.72 7.04
C SER A 17 12.06 10.79 8.23
N GLU A 18 12.32 9.97 9.25
CA GLU A 18 11.49 9.94 10.44
C GLU A 18 11.28 11.34 10.99
N THR A 19 12.28 12.20 10.82
CA THR A 19 12.21 13.57 11.29
C THR A 19 11.28 14.41 10.44
N ALA A 20 11.19 14.07 9.16
CA ALA A 20 10.33 14.79 8.23
C ALA A 20 8.94 15.03 8.83
N GLU A 21 8.54 16.29 8.88
CA GLU A 21 7.24 16.65 9.44
C GLU A 21 6.10 16.18 8.52
N GLU A 22 4.92 15.99 9.11
CA GLU A 22 3.76 15.55 8.34
C GLU A 22 4.03 14.21 7.67
N VAL A 23 4.81 13.36 8.35
CA VAL A 23 5.15 12.04 7.82
C VAL A 23 4.82 10.95 8.82
N VAL A 24 4.31 9.82 8.33
CA VAL A 24 3.96 8.70 9.18
C VAL A 24 4.83 7.48 8.87
N THR A 25 4.79 6.50 9.76
CA THR A 25 5.58 5.28 9.59
C THR A 25 4.68 4.10 9.22
N VAL A 26 4.67 3.73 7.95
CA VAL A 26 3.86 2.63 7.48
C VAL A 26 4.68 1.33 7.42
N ALA A 27 4.26 0.35 8.21
CA ALA A 27 4.95 -0.94 8.24
C ALA A 27 4.15 -2.02 7.52
N LEU A 28 4.65 -2.44 6.37
CA LEU A 28 3.97 -3.47 5.58
C LEU A 28 4.38 -4.86 6.05
N ARG A 29 3.42 -5.60 6.60
CA ARG A 29 3.67 -6.95 7.08
C ARG A 29 3.56 -7.97 5.95
N CYS A 30 4.59 -8.79 5.81
CA CYS A 30 4.61 -9.81 4.76
C CYS A 30 4.17 -11.16 5.31
N PRO A 31 3.65 -12.02 4.41
CA PRO A 31 3.18 -13.35 4.78
C PRO A 31 4.33 -14.29 5.16
N ASN A 32 5.55 -13.83 4.93
CA ASN A 32 6.74 -14.64 5.26
C ASN A 32 7.03 -14.59 6.75
N GLY A 33 6.56 -13.53 7.41
CA GLY A 33 6.79 -13.38 8.83
C GLY A 33 7.52 -12.10 9.17
N ARG A 34 8.15 -11.49 8.17
CA ARG A 34 8.89 -10.25 8.37
C ARG A 34 8.06 -9.04 7.91
N VAL A 35 8.33 -7.89 8.52
CA VAL A 35 7.61 -6.67 8.18
C VAL A 35 8.57 -5.58 7.70
N LEU A 36 8.12 -4.77 6.75
CA LEU A 36 8.94 -3.70 6.21
C LEU A 36 8.42 -2.33 6.66
N ARG A 37 9.28 -1.53 7.26
CA ARG A 37 8.91 -0.21 7.73
C ARG A 37 9.33 0.87 6.72
N ARG A 38 8.44 1.83 6.50
CA ARG A 38 8.72 2.92 5.56
C ARG A 38 7.99 4.20 5.97
N ARG A 39 8.48 5.33 5.48
CA ARG A 39 7.87 6.62 5.80
C ARG A 39 7.09 7.16 4.61
N PHE A 40 6.02 7.90 4.89
CA PHE A 40 5.19 8.47 3.84
C PHE A 40 4.42 9.69 4.36
N PHE A 41 4.57 10.81 3.65
CA PHE A 41 3.90 12.05 4.04
C PHE A 41 2.41 11.81 4.26
N LYS A 42 1.74 12.80 4.85
CA LYS A 42 0.31 12.70 5.11
C LYS A 42 -0.49 13.33 3.99
N SER A 43 0.20 13.90 3.01
CA SER A 43 -0.46 14.54 1.87
C SER A 43 -0.63 13.56 0.73
N TRP A 44 0.27 12.58 0.63
CA TRP A 44 0.21 11.58 -0.42
C TRP A 44 -1.10 10.81 -0.35
N ASN A 45 -1.49 10.22 -1.48
CA ASN A 45 -2.73 9.45 -1.56
C ASN A 45 -2.44 7.95 -1.46
N SER A 46 -3.23 7.26 -0.65
CA SER A 46 -3.07 5.82 -0.46
C SER A 46 -2.61 5.15 -1.76
N GLN A 47 -3.10 5.67 -2.89
CA GLN A 47 -2.74 5.13 -4.19
C GLN A 47 -1.25 4.79 -4.25
N VAL A 48 -0.42 5.74 -3.86
CA VAL A 48 1.03 5.54 -3.87
C VAL A 48 1.40 4.20 -3.25
N LEU A 49 0.68 3.82 -2.20
CA LEU A 49 0.93 2.54 -1.52
C LEU A 49 0.93 1.39 -2.52
N LEU A 50 -0.18 1.24 -3.25
CA LEU A 50 -0.30 0.17 -4.23
C LEU A 50 1.02 -0.07 -4.95
N ASP A 51 1.61 1.01 -5.47
CA ASP A 51 2.88 0.92 -6.18
C ASP A 51 3.96 0.30 -5.30
N TRP A 52 4.00 0.73 -4.04
CA TRP A 52 4.97 0.21 -3.09
C TRP A 52 4.83 -1.30 -2.92
N MET A 53 3.59 -1.77 -2.87
CA MET A 53 3.33 -3.20 -2.72
C MET A 53 3.93 -4.00 -3.87
N MET A 54 3.81 -3.47 -5.08
CA MET A 54 4.35 -4.13 -6.26
C MET A 54 5.87 -4.23 -6.18
N LYS A 55 6.46 -3.39 -5.34
CA LYS A 55 7.91 -3.37 -5.17
C LYS A 55 8.37 -4.51 -4.26
N VAL A 56 7.72 -4.64 -3.11
CA VAL A 56 8.05 -5.69 -2.16
C VAL A 56 7.88 -7.08 -2.78
N GLY A 57 6.96 -7.18 -3.73
CA GLY A 57 6.73 -8.45 -4.39
C GLY A 57 5.29 -8.93 -4.22
N TYR A 58 4.34 -8.05 -4.52
CA TYR A 58 2.93 -8.39 -4.40
C TYR A 58 2.07 -7.46 -5.24
N HIS A 59 1.06 -8.02 -5.90
CA HIS A 59 0.17 -7.24 -6.74
C HIS A 59 -1.08 -6.83 -5.97
N LYS A 60 -1.54 -5.61 -6.21
CA LYS A 60 -2.74 -5.09 -5.55
C LYS A 60 -3.95 -5.95 -5.87
N SER A 61 -4.12 -6.28 -7.14
CA SER A 61 -5.24 -7.09 -7.59
C SER A 61 -5.13 -8.52 -7.04
N LEU A 62 -4.01 -8.80 -6.38
CA LEU A 62 -3.78 -10.12 -5.81
C LEU A 62 -3.63 -10.05 -4.29
N TYR A 63 -3.57 -8.82 -3.77
CA TYR A 63 -3.42 -8.61 -2.34
C TYR A 63 -4.03 -7.28 -1.91
N ARG A 64 -4.70 -7.27 -0.77
CA ARG A 64 -5.32 -6.06 -0.26
C ARG A 64 -4.60 -5.55 0.99
N LEU A 65 -5.10 -4.45 1.54
CA LEU A 65 -4.50 -3.87 2.74
C LEU A 65 -5.50 -3.85 3.90
N SER A 66 -5.02 -4.20 5.09
CA SER A 66 -5.87 -4.24 6.27
C SER A 66 -5.15 -3.63 7.47
N THR A 67 -5.92 -3.13 8.43
CA THR A 67 -5.36 -2.52 9.63
C THR A 67 -5.10 -3.56 10.71
N SER A 68 -4.04 -3.35 11.49
CA SER A 68 -3.68 -4.28 12.55
C SER A 68 -4.88 -4.57 13.45
N PHE A 69 -5.39 -3.52 14.09
CA PHE A 69 -6.54 -3.67 14.98
C PHE A 69 -7.44 -2.44 14.91
N PRO A 70 -8.71 -2.66 14.59
CA PRO A 70 -9.24 -4.00 14.32
C PRO A 70 -8.71 -4.59 13.01
N ARG A 71 -9.04 -5.85 12.76
CA ARG A 71 -8.58 -6.52 11.54
C ARG A 71 -9.70 -6.54 10.49
N ARG A 72 -9.62 -5.62 9.54
CA ARG A 72 -10.61 -5.54 8.48
C ARG A 72 -9.98 -5.10 7.16
N ALA A 73 -10.63 -5.42 6.05
CA ALA A 73 -10.13 -5.06 4.73
C ALA A 73 -10.35 -3.58 4.45
N LEU A 74 -9.26 -2.85 4.25
CA LEU A 74 -9.34 -1.42 3.97
C LEU A 74 -9.62 -1.17 2.49
N GLU A 75 -10.05 0.05 2.17
CA GLU A 75 -10.35 0.42 0.80
C GLU A 75 -9.64 1.71 0.41
N VAL A 76 -8.90 1.66 -0.70
CA VAL A 76 -8.17 2.83 -1.18
C VAL A 76 -9.12 3.88 -1.76
N GLU A 77 -9.63 4.74 -0.89
CA GLU A 77 -10.55 5.79 -1.31
C GLU A 77 -10.19 6.30 -2.70
N GLY A 78 -8.89 6.49 -2.94
CA GLY A 78 -8.44 6.97 -4.23
C GLY A 78 -8.32 8.48 -4.27
N GLY A 79 -9.33 9.17 -3.76
CA GLY A 79 -9.32 10.62 -3.76
C GLY A 79 -8.84 11.19 -2.44
N SER A 80 -9.18 10.51 -1.34
CA SER A 80 -8.78 10.96 -0.01
C SER A 80 -7.30 10.71 0.23
N SER A 81 -6.68 11.58 1.02
CA SER A 81 -5.26 11.45 1.32
C SER A 81 -5.02 10.41 2.42
N LEU A 82 -3.76 10.06 2.63
CA LEU A 82 -3.41 9.07 3.65
C LEU A 82 -3.96 9.47 5.01
N GLU A 83 -4.02 10.77 5.27
CA GLU A 83 -4.53 11.28 6.53
C GLU A 83 -6.06 11.33 6.52
N ASP A 84 -6.64 11.27 5.32
CA ASP A 84 -8.09 11.32 5.16
C ASP A 84 -8.70 9.95 5.40
N ILE A 85 -7.96 8.90 5.04
CA ILE A 85 -8.45 7.54 5.22
C ILE A 85 -8.20 7.04 6.64
N GLY A 86 -7.19 7.61 7.29
CA GLY A 86 -6.87 7.22 8.66
C GLY A 86 -5.47 6.67 8.78
N ILE A 87 -4.48 7.43 8.31
CA ILE A 87 -3.09 7.01 8.39
C ILE A 87 -2.20 8.12 8.93
N THR A 88 -2.84 9.20 9.39
CA THR A 88 -2.11 10.35 9.94
C THR A 88 -1.22 9.91 11.11
N VAL A 89 -1.52 8.74 11.66
CA VAL A 89 -0.75 8.21 12.78
C VAL A 89 -0.17 6.83 12.45
N ASP A 90 0.96 6.51 13.08
CA ASP A 90 1.62 5.22 12.85
C ASP A 90 0.59 4.10 12.74
N THR A 91 0.70 3.29 11.69
CA THR A 91 -0.21 2.19 11.47
C THR A 91 0.48 1.02 10.78
N VAL A 92 0.17 -0.19 11.20
CA VAL A 92 0.77 -1.39 10.63
C VAL A 92 -0.18 -2.06 9.64
N LEU A 93 0.29 -2.26 8.41
CA LEU A 93 -0.52 -2.89 7.37
C LEU A 93 -0.20 -4.38 7.26
N ASN A 94 -1.18 -5.15 6.82
CA ASN A 94 -1.00 -6.59 6.66
C ASN A 94 -1.39 -7.04 5.26
N VAL A 95 -0.42 -7.58 4.52
CA VAL A 95 -0.66 -8.05 3.17
C VAL A 95 -1.38 -9.39 3.16
N GLU A 96 -2.70 -9.35 2.90
CA GLU A 96 -3.50 -10.56 2.87
C GLU A 96 -3.83 -10.97 1.44
N GLU A 97 -4.41 -12.14 1.28
CA GLU A 97 -4.79 -12.64 -0.04
C GLU A 97 -6.27 -12.39 -0.32
N LYS A 98 -6.55 -11.81 -1.49
CA LYS A 98 -7.92 -11.52 -1.87
C LYS A 98 -8.88 -12.60 -1.37
N GLU A 99 -10.08 -12.19 -0.99
CA GLU A 99 -11.08 -13.12 -0.49
C GLU A 99 -11.74 -13.88 -1.65
N GLN A 100 -12.48 -14.93 -1.31
CA GLN A 100 -13.17 -15.74 -2.31
C GLN A 100 -14.34 -14.98 -2.92
N SER A 101 -15.18 -14.41 -2.07
CA SER A 101 -16.35 -13.66 -2.53
C SER A 101 -16.62 -12.47 -1.60
N SER A 102 -16.99 -11.35 -2.19
CA SER A 102 -17.28 -10.14 -1.43
C SER A 102 -18.71 -10.16 -0.91
N GLN A 103 -18.87 -9.88 0.39
CA GLN A 103 -20.19 -9.87 1.00
C GLN A 103 -20.76 -8.45 1.06
N SER A 104 -22.09 -8.36 1.03
CA SER A 104 -22.75 -7.06 1.07
C SER A 104 -23.87 -7.06 2.10
N GLY A 105 -23.81 -6.11 3.04
CA GLY A 105 -24.83 -6.02 4.06
C GLY A 105 -24.58 -4.87 5.02
N PRO A 106 -23.94 -5.18 6.16
CA PRO A 106 -23.62 -4.18 7.19
C PRO A 106 -22.55 -3.20 6.73
N SER A 107 -21.90 -3.51 5.61
CA SER A 107 -20.85 -2.65 5.06
C SER A 107 -21.20 -1.18 5.25
N SER A 108 -20.17 -0.35 5.38
CA SER A 108 -20.37 1.08 5.58
C SER A 108 -19.94 1.85 4.33
N GLY A 109 -20.34 3.12 4.27
CA GLY A 109 -19.99 3.95 3.13
C GLY A 109 -18.89 4.95 3.46
N GLY A 1 11.71 15.92 -17.32
CA GLY A 1 12.64 15.55 -16.26
C GLY A 1 13.87 14.85 -16.79
N SER A 2 14.29 13.81 -16.09
CA SER A 2 15.47 13.04 -16.49
C SER A 2 15.21 12.27 -17.78
N SER A 3 16.23 12.21 -18.64
CA SER A 3 16.11 11.50 -19.91
C SER A 3 16.78 10.14 -19.85
N GLY A 4 16.23 9.17 -20.55
CA GLY A 4 16.79 7.83 -20.56
C GLY A 4 15.86 6.80 -19.97
N SER A 5 15.43 5.85 -20.80
CA SER A 5 14.51 4.81 -20.35
C SER A 5 15.28 3.63 -19.76
N SER A 6 15.04 3.36 -18.49
CA SER A 6 15.72 2.26 -17.79
C SER A 6 14.82 1.04 -17.71
N GLY A 7 13.93 0.90 -18.70
CA GLY A 7 13.02 -0.24 -18.72
C GLY A 7 11.57 0.18 -18.66
N GLU A 8 10.73 -0.67 -18.08
CA GLU A 8 9.30 -0.39 -17.96
C GLU A 8 8.84 -0.52 -16.52
N VAL A 9 9.71 -0.16 -15.58
CA VAL A 9 9.40 -0.25 -14.16
C VAL A 9 9.54 1.11 -13.49
N PRO A 10 8.46 1.55 -12.82
CA PRO A 10 8.43 2.84 -12.12
C PRO A 10 9.32 2.85 -10.88
N ASP A 11 9.38 3.99 -10.21
CA ASP A 11 10.19 4.13 -9.01
C ASP A 11 9.41 4.84 -7.90
N LEU A 12 9.86 4.67 -6.66
CA LEU A 12 9.21 5.30 -5.52
C LEU A 12 9.91 6.59 -5.14
N PRO A 13 9.13 7.58 -4.66
CA PRO A 13 9.65 8.88 -4.24
C PRO A 13 10.48 8.79 -2.97
N GLU A 14 11.27 9.83 -2.71
CA GLU A 14 12.12 9.86 -1.53
C GLU A 14 11.33 9.49 -0.28
N GLU A 15 11.99 8.82 0.66
CA GLU A 15 11.35 8.40 1.89
C GLU A 15 11.57 9.44 2.99
N PRO A 16 10.46 9.89 3.61
CA PRO A 16 10.49 10.88 4.69
C PRO A 16 11.11 10.33 5.97
N SER A 17 12.05 11.06 6.53
CA SER A 17 12.72 10.64 7.77
C SER A 17 11.75 10.70 8.95
N GLU A 18 12.27 10.45 10.14
CA GLU A 18 11.47 10.47 11.36
C GLU A 18 11.32 11.90 11.88
N THR A 19 12.28 12.75 11.54
CA THR A 19 12.26 14.14 11.98
C THR A 19 11.51 15.01 10.99
N ALA A 20 11.02 14.40 9.91
CA ALA A 20 10.28 15.12 8.89
C ALA A 20 8.91 15.58 9.42
N GLU A 21 8.25 16.44 8.66
CA GLU A 21 6.93 16.95 9.05
C GLU A 21 5.82 16.27 8.26
N GLU A 22 4.68 16.08 8.90
CA GLU A 22 3.54 15.43 8.26
C GLU A 22 3.94 14.07 7.69
N VAL A 23 4.72 13.32 8.46
CA VAL A 23 5.17 11.99 8.04
C VAL A 23 4.81 10.94 9.07
N VAL A 24 4.24 9.83 8.60
CA VAL A 24 3.85 8.74 9.49
C VAL A 24 4.63 7.47 9.18
N THR A 25 4.54 6.49 10.07
CA THR A 25 5.24 5.21 9.88
C THR A 25 4.30 4.14 9.35
N VAL A 26 4.41 3.85 8.06
CA VAL A 26 3.57 2.84 7.43
C VAL A 26 4.34 1.55 7.17
N ALA A 27 4.16 0.57 8.05
CA ALA A 27 4.85 -0.70 7.91
C ALA A 27 3.98 -1.73 7.20
N LEU A 28 4.58 -2.53 6.33
CA LEU A 28 3.86 -3.54 5.58
C LEU A 28 4.27 -4.94 6.02
N ARG A 29 3.29 -5.76 6.38
CA ARG A 29 3.56 -7.12 6.82
C ARG A 29 3.45 -8.10 5.66
N CYS A 30 4.44 -8.98 5.52
CA CYS A 30 4.45 -9.96 4.45
C CYS A 30 3.88 -11.30 4.93
N PRO A 31 3.24 -12.04 4.01
CA PRO A 31 2.64 -13.33 4.32
C PRO A 31 3.70 -14.41 4.60
N ASN A 32 4.95 -14.10 4.30
CA ASN A 32 6.04 -15.03 4.52
C ASN A 32 6.57 -14.94 5.94
N GLY A 33 6.34 -13.79 6.57
CA GLY A 33 6.79 -13.59 7.94
C GLY A 33 7.55 -12.30 8.12
N ARG A 34 8.18 -11.83 7.05
CA ARG A 34 8.96 -10.60 7.10
C ARG A 34 8.05 -9.38 6.96
N VAL A 35 8.48 -8.26 7.54
CA VAL A 35 7.70 -7.02 7.48
C VAL A 35 8.61 -5.81 7.32
N LEU A 36 8.41 -5.07 6.23
CA LEU A 36 9.21 -3.89 5.96
C LEU A 36 8.55 -2.64 6.54
N ARG A 37 9.38 -1.73 7.06
CA ARG A 37 8.88 -0.50 7.65
C ARG A 37 9.36 0.72 6.87
N ARG A 38 8.44 1.60 6.52
CA ARG A 38 8.77 2.81 5.77
C ARG A 38 7.80 3.94 6.10
N ARG A 39 8.32 5.16 6.15
CA ARG A 39 7.51 6.33 6.45
C ARG A 39 6.83 6.86 5.20
N PHE A 40 5.75 7.62 5.39
CA PHE A 40 5.01 8.19 4.27
C PHE A 40 4.28 9.46 4.69
N PHE A 41 4.52 10.54 3.96
CA PHE A 41 3.89 11.83 4.26
C PHE A 41 2.38 11.67 4.38
N LYS A 42 1.72 12.70 4.91
CA LYS A 42 0.27 12.68 5.08
C LYS A 42 -0.42 13.32 3.89
N SER A 43 0.35 13.89 2.98
CA SER A 43 -0.20 14.54 1.80
C SER A 43 -0.37 13.54 0.67
N TRP A 44 0.47 12.51 0.65
CA TRP A 44 0.40 11.48 -0.38
C TRP A 44 -0.96 10.79 -0.37
N ASN A 45 -1.25 10.05 -1.43
CA ASN A 45 -2.52 9.34 -1.55
C ASN A 45 -2.31 7.84 -1.46
N SER A 46 -3.20 7.16 -0.74
CA SER A 46 -3.11 5.71 -0.57
C SER A 46 -2.56 5.05 -1.82
N GLN A 47 -2.92 5.61 -2.98
CA GLN A 47 -2.45 5.08 -4.26
C GLN A 47 -0.98 4.67 -4.18
N VAL A 48 -0.14 5.59 -3.73
CA VAL A 48 1.28 5.33 -3.60
C VAL A 48 1.55 3.98 -2.96
N LEU A 49 0.70 3.62 -1.99
CA LEU A 49 0.84 2.34 -1.29
C LEU A 49 0.85 1.18 -2.28
N LEU A 50 -0.21 1.08 -3.08
CA LEU A 50 -0.32 0.01 -4.07
C LEU A 50 0.95 -0.09 -4.91
N ASP A 51 1.51 1.06 -5.26
CA ASP A 51 2.73 1.12 -6.06
C ASP A 51 3.89 0.49 -5.31
N TRP A 52 4.01 0.81 -4.03
CA TRP A 52 5.08 0.27 -3.19
C TRP A 52 4.92 -1.23 -2.99
N MET A 53 3.69 -1.66 -2.72
CA MET A 53 3.39 -3.07 -2.51
C MET A 53 3.82 -3.90 -3.71
N MET A 54 3.73 -3.31 -4.90
CA MET A 54 4.10 -3.99 -6.13
C MET A 54 5.63 -4.01 -6.31
N LYS A 55 6.30 -3.08 -5.65
CA LYS A 55 7.75 -2.99 -5.73
C LYS A 55 8.41 -4.03 -4.83
N VAL A 56 7.61 -4.67 -3.99
CA VAL A 56 8.12 -5.69 -3.09
C VAL A 56 7.90 -7.09 -3.65
N GLY A 57 6.92 -7.21 -4.55
CA GLY A 57 6.63 -8.50 -5.15
C GLY A 57 5.20 -8.93 -4.92
N TYR A 58 4.35 -8.00 -4.53
CA TYR A 58 2.95 -8.29 -4.27
C TYR A 58 2.04 -7.31 -5.01
N HIS A 59 1.10 -7.83 -5.79
CA HIS A 59 0.17 -7.01 -6.54
C HIS A 59 -1.06 -6.66 -5.70
N LYS A 60 -1.81 -5.66 -6.14
CA LYS A 60 -3.00 -5.23 -5.44
C LYS A 60 -4.22 -6.03 -5.87
N SER A 61 -4.22 -6.48 -7.12
CA SER A 61 -5.32 -7.27 -7.66
C SER A 61 -5.31 -8.68 -7.09
N LEU A 62 -4.15 -9.11 -6.58
CA LEU A 62 -4.00 -10.43 -6.00
C LEU A 62 -3.99 -10.36 -4.48
N TYR A 63 -3.36 -9.32 -3.95
CA TYR A 63 -3.27 -9.14 -2.50
C TYR A 63 -3.94 -7.84 -2.08
N ARG A 64 -4.37 -7.79 -0.82
CA ARG A 64 -5.03 -6.61 -0.28
C ARG A 64 -4.34 -6.12 0.99
N LEU A 65 -4.86 -5.06 1.57
CA LEU A 65 -4.30 -4.49 2.79
C LEU A 65 -5.33 -4.46 3.91
N SER A 66 -4.85 -4.50 5.16
CA SER A 66 -5.75 -4.47 6.32
C SER A 66 -5.06 -3.83 7.51
N THR A 67 -5.85 -3.47 8.52
CA THR A 67 -5.31 -2.85 9.73
C THR A 67 -4.77 -3.90 10.69
N SER A 68 -3.95 -3.45 11.64
CA SER A 68 -3.36 -4.35 12.62
C SER A 68 -4.43 -4.99 13.48
N PHE A 69 -5.31 -4.16 14.04
CA PHE A 69 -6.40 -4.66 14.89
C PHE A 69 -7.37 -3.53 15.22
N PRO A 70 -8.68 -3.86 15.14
CA PRO A 70 -9.14 -5.19 14.77
C PRO A 70 -8.88 -5.51 13.30
N ARG A 71 -9.33 -6.68 12.85
CA ARG A 71 -9.15 -7.10 11.48
C ARG A 71 -10.23 -6.53 10.58
N ARG A 72 -9.88 -5.49 9.83
CA ARG A 72 -10.84 -4.85 8.92
C ARG A 72 -10.22 -4.65 7.54
N ALA A 73 -11.02 -4.89 6.50
CA ALA A 73 -10.56 -4.73 5.13
C ALA A 73 -10.53 -3.26 4.73
N LEU A 74 -9.33 -2.73 4.53
CA LEU A 74 -9.16 -1.33 4.15
C LEU A 74 -9.16 -1.19 2.62
N GLU A 75 -9.89 -0.19 2.13
CA GLU A 75 -9.97 0.06 0.70
C GLU A 75 -9.36 1.42 0.35
N VAL A 76 -8.55 1.44 -0.71
CA VAL A 76 -7.90 2.67 -1.15
C VAL A 76 -8.89 3.57 -1.88
N GLU A 77 -9.06 4.78 -1.36
CA GLU A 77 -9.98 5.75 -1.95
C GLU A 77 -9.25 6.63 -2.97
N GLY A 78 -9.40 6.29 -4.24
CA GLY A 78 -8.75 7.05 -5.29
C GLY A 78 -9.03 8.54 -5.17
N GLY A 79 -8.03 9.29 -4.74
CA GLY A 79 -8.18 10.73 -4.59
C GLY A 79 -8.00 11.19 -3.15
N SER A 80 -8.48 10.37 -2.22
CA SER A 80 -8.37 10.70 -0.80
C SER A 80 -6.95 10.50 -0.29
N SER A 81 -6.43 11.50 0.41
CA SER A 81 -5.08 11.44 0.95
C SER A 81 -5.00 10.47 2.12
N LEU A 82 -3.78 10.07 2.48
CA LEU A 82 -3.57 9.15 3.59
C LEU A 82 -4.24 9.66 4.86
N GLU A 83 -4.23 10.98 5.03
CA GLU A 83 -4.84 11.60 6.21
C GLU A 83 -6.37 11.63 6.07
N ASP A 84 -6.84 11.62 4.84
CA ASP A 84 -8.28 11.65 4.57
C ASP A 84 -8.90 10.29 4.82
N ILE A 85 -8.20 9.23 4.41
CA ILE A 85 -8.68 7.87 4.59
C ILE A 85 -8.66 7.46 6.06
N GLY A 86 -7.71 8.04 6.80
CA GLY A 86 -7.59 7.71 8.22
C GLY A 86 -6.17 7.31 8.60
N ILE A 87 -5.19 8.06 8.11
CA ILE A 87 -3.79 7.76 8.40
C ILE A 87 -3.04 9.01 8.83
N THR A 88 -3.41 9.55 9.99
CA THR A 88 -2.78 10.75 10.51
C THR A 88 -1.71 10.41 11.54
N VAL A 89 -1.58 9.12 11.85
CA VAL A 89 -0.60 8.66 12.82
C VAL A 89 -0.01 7.31 12.40
N ASP A 90 1.13 6.97 12.97
CA ASP A 90 1.80 5.71 12.67
C ASP A 90 0.79 4.57 12.59
N THR A 91 0.78 3.88 11.46
CA THR A 91 -0.14 2.76 11.25
C THR A 91 0.58 1.56 10.64
N VAL A 92 0.12 0.36 11.00
CA VAL A 92 0.71 -0.86 10.49
C VAL A 92 -0.24 -1.59 9.56
N LEU A 93 0.17 -1.77 8.30
CA LEU A 93 -0.64 -2.45 7.31
C LEU A 93 -0.21 -3.90 7.15
N ASN A 94 -1.13 -4.74 6.68
CA ASN A 94 -0.84 -6.15 6.49
C ASN A 94 -1.33 -6.62 5.11
N VAL A 95 -0.49 -7.40 4.44
CA VAL A 95 -0.83 -7.92 3.12
C VAL A 95 -1.50 -9.29 3.22
N GLU A 96 -2.60 -9.45 2.50
CA GLU A 96 -3.34 -10.72 2.50
C GLU A 96 -3.75 -11.11 1.09
N GLU A 97 -4.12 -12.37 0.92
CA GLU A 97 -4.55 -12.88 -0.39
C GLU A 97 -6.07 -12.84 -0.52
N LYS A 98 -6.54 -12.23 -1.61
CA LYS A 98 -7.97 -12.12 -1.87
C LYS A 98 -8.57 -13.48 -2.19
N GLU A 99 -9.69 -13.81 -1.56
CA GLU A 99 -10.36 -15.08 -1.79
C GLU A 99 -10.48 -15.37 -3.28
N GLN A 100 -10.92 -14.37 -4.03
CA GLN A 100 -11.08 -14.52 -5.48
C GLN A 100 -11.27 -13.17 -6.15
N SER A 101 -10.36 -12.82 -7.05
CA SER A 101 -10.43 -11.54 -7.75
C SER A 101 -9.64 -11.60 -9.05
N SER A 102 -10.23 -11.08 -10.12
CA SER A 102 -9.58 -11.06 -11.43
C SER A 102 -8.86 -9.74 -11.67
N GLN A 103 -7.88 -9.77 -12.56
CA GLN A 103 -7.10 -8.58 -12.88
C GLN A 103 -7.95 -7.58 -13.66
N SER A 104 -8.42 -7.99 -14.83
CA SER A 104 -9.24 -7.12 -15.67
C SER A 104 -10.71 -7.20 -15.25
N GLY A 105 -11.45 -6.13 -15.55
CA GLY A 105 -12.85 -6.09 -15.19
C GLY A 105 -13.69 -5.36 -16.24
N PRO A 106 -13.92 -4.06 -16.01
CA PRO A 106 -14.71 -3.22 -16.92
C PRO A 106 -13.99 -2.98 -18.25
N SER A 107 -14.77 -2.86 -19.31
CA SER A 107 -14.21 -2.61 -20.64
C SER A 107 -14.96 -1.50 -21.36
N SER A 108 -14.71 -0.26 -20.94
CA SER A 108 -15.37 0.90 -21.53
C SER A 108 -14.33 1.89 -22.06
N GLY A 109 -14.69 2.58 -23.15
CA GLY A 109 -13.79 3.55 -23.74
C GLY A 109 -14.47 4.86 -24.05
N GLY A 1 24.51 -8.74 -25.19
CA GLY A 1 24.41 -7.54 -24.38
C GLY A 1 23.04 -7.35 -23.77
N SER A 2 22.95 -6.51 -22.76
CA SER A 2 21.69 -6.24 -22.09
C SER A 2 21.22 -4.81 -22.34
N SER A 3 22.09 -3.86 -22.01
CA SER A 3 21.78 -2.44 -22.19
C SER A 3 20.50 -2.08 -21.44
N GLY A 4 20.34 -2.64 -20.24
CA GLY A 4 19.16 -2.36 -19.45
C GLY A 4 18.09 -3.44 -19.58
N SER A 5 17.76 -4.07 -18.46
CA SER A 5 16.75 -5.13 -18.47
C SER A 5 15.34 -4.54 -18.57
N SER A 6 14.39 -5.37 -18.99
CA SER A 6 13.01 -4.93 -19.13
C SER A 6 12.52 -4.24 -17.85
N GLY A 7 12.77 -4.88 -16.72
CA GLY A 7 12.34 -4.32 -15.44
C GLY A 7 11.01 -3.60 -15.54
N GLU A 8 9.93 -4.37 -15.60
CA GLU A 8 8.59 -3.79 -15.70
C GLU A 8 8.03 -3.48 -14.32
N VAL A 9 8.88 -2.93 -13.45
CA VAL A 9 8.48 -2.57 -12.10
C VAL A 9 8.54 -1.07 -11.89
N PRO A 10 7.48 -0.51 -11.29
CA PRO A 10 7.38 0.92 -11.00
C PRO A 10 8.35 1.37 -9.91
N ASP A 11 8.56 2.68 -9.80
CA ASP A 11 9.46 3.23 -8.79
C ASP A 11 8.69 4.04 -7.75
N LEU A 12 9.31 4.24 -6.60
CA LEU A 12 8.68 4.99 -5.52
C LEU A 12 9.35 6.35 -5.34
N PRO A 13 8.58 7.35 -4.90
CA PRO A 13 9.08 8.71 -4.68
C PRO A 13 10.01 8.79 -3.48
N GLU A 14 11.07 9.59 -3.61
CA GLU A 14 12.04 9.75 -2.54
C GLU A 14 11.37 9.72 -1.18
N GLU A 15 11.70 8.71 -0.38
CA GLU A 15 11.13 8.57 0.96
C GLU A 15 11.43 9.80 1.82
N PRO A 16 10.44 10.22 2.62
CA PRO A 16 10.57 11.38 3.50
C PRO A 16 11.53 11.11 4.66
N SER A 17 12.18 12.17 5.13
CA SER A 17 13.13 12.06 6.23
C SER A 17 12.40 11.96 7.57
N GLU A 18 13.08 11.41 8.56
CA GLU A 18 12.49 11.26 9.89
C GLU A 18 12.01 12.60 10.43
N THR A 19 12.63 13.68 9.95
CA THR A 19 12.27 15.02 10.39
C THR A 19 11.12 15.58 9.53
N ALA A 20 11.11 15.21 8.26
CA ALA A 20 10.07 15.68 7.34
C ALA A 20 8.72 15.76 8.05
N GLU A 21 8.20 16.98 8.18
CA GLU A 21 6.92 17.20 8.83
C GLU A 21 5.79 16.54 8.03
N GLU A 22 4.65 16.32 8.70
CA GLU A 22 3.50 15.70 8.06
C GLU A 22 3.88 14.36 7.45
N VAL A 23 4.64 13.57 8.20
CA VAL A 23 5.07 12.26 7.73
C VAL A 23 4.87 11.20 8.79
N VAL A 24 4.41 10.02 8.37
CA VAL A 24 4.17 8.92 9.30
C VAL A 24 5.01 7.69 8.93
N THR A 25 4.98 6.69 9.79
CA THR A 25 5.74 5.46 9.55
C THR A 25 4.81 4.30 9.24
N VAL A 26 4.67 3.97 7.96
CA VAL A 26 3.82 2.87 7.53
C VAL A 26 4.61 1.57 7.41
N ALA A 27 4.21 0.57 8.17
CA ALA A 27 4.88 -0.73 8.14
C ALA A 27 3.99 -1.79 7.51
N LEU A 28 4.40 -2.27 6.32
CA LEU A 28 3.64 -3.28 5.61
C LEU A 28 4.03 -4.69 6.08
N ARG A 29 3.05 -5.43 6.55
CA ARG A 29 3.29 -6.80 7.02
C ARG A 29 3.19 -7.80 5.88
N CYS A 30 4.22 -8.61 5.71
CA CYS A 30 4.24 -9.61 4.65
C CYS A 30 3.65 -10.94 5.14
N PRO A 31 3.10 -11.72 4.20
CA PRO A 31 2.49 -13.02 4.51
C PRO A 31 3.53 -14.06 4.93
N ASN A 32 4.79 -13.64 5.00
CA ASN A 32 5.87 -14.54 5.38
C ASN A 32 6.20 -14.38 6.86
N GLY A 33 5.93 -13.20 7.41
CA GLY A 33 6.21 -12.95 8.81
C GLY A 33 6.98 -11.66 9.03
N ARG A 34 7.74 -11.25 8.01
CA ARG A 34 8.53 -10.04 8.10
C ARG A 34 7.70 -8.82 7.69
N VAL A 35 7.95 -7.69 8.34
CA VAL A 35 7.24 -6.45 8.04
C VAL A 35 8.18 -5.37 7.55
N LEU A 36 7.83 -4.74 6.44
CA LEU A 36 8.65 -3.68 5.86
C LEU A 36 8.25 -2.31 6.42
N ARG A 37 9.22 -1.60 6.97
CA ARG A 37 8.95 -0.28 7.55
C ARG A 37 9.41 0.82 6.59
N ARG A 38 8.61 1.87 6.47
CA ARG A 38 8.93 2.99 5.59
C ARG A 38 8.06 4.20 5.92
N ARG A 39 8.64 5.39 5.78
CA ARG A 39 7.93 6.63 6.06
C ARG A 39 7.13 7.08 4.84
N PHE A 40 6.06 7.84 5.09
CA PHE A 40 5.22 8.34 4.01
C PHE A 40 4.45 9.58 4.46
N PHE A 41 4.57 10.65 3.69
CA PHE A 41 3.89 11.90 4.00
C PHE A 41 2.41 11.65 4.29
N LYS A 42 1.75 12.65 4.86
CA LYS A 42 0.33 12.55 5.19
C LYS A 42 -0.53 13.13 4.07
N SER A 43 0.11 13.85 3.15
CA SER A 43 -0.59 14.47 2.04
C SER A 43 -0.80 13.46 0.91
N TRP A 44 0.11 12.52 0.80
CA TRP A 44 0.02 11.49 -0.24
C TRP A 44 -1.31 10.76 -0.18
N ASN A 45 -1.64 10.04 -1.24
CA ASN A 45 -2.89 9.29 -1.31
C ASN A 45 -2.64 7.79 -1.18
N SER A 46 -3.42 7.14 -0.33
CA SER A 46 -3.29 5.70 -0.11
C SER A 46 -2.82 5.00 -1.39
N GLN A 47 -3.30 5.48 -2.53
CA GLN A 47 -2.95 4.90 -3.81
C GLN A 47 -1.46 4.57 -3.87
N VAL A 48 -0.62 5.59 -3.65
CA VAL A 48 0.82 5.41 -3.67
C VAL A 48 1.22 4.07 -3.05
N LEU A 49 0.51 3.69 -2.00
CA LEU A 49 0.79 2.44 -1.31
C LEU A 49 0.71 1.25 -2.27
N LEU A 50 -0.42 1.12 -2.95
CA LEU A 50 -0.61 0.04 -3.91
C LEU A 50 0.64 -0.18 -4.75
N ASP A 51 1.33 0.90 -5.07
CA ASP A 51 2.55 0.83 -5.87
C ASP A 51 3.68 0.20 -5.07
N TRP A 52 3.96 0.77 -3.90
CA TRP A 52 5.03 0.26 -3.04
C TRP A 52 4.82 -1.22 -2.73
N MET A 53 3.56 -1.66 -2.76
CA MET A 53 3.23 -3.05 -2.49
C MET A 53 3.64 -3.94 -3.66
N MET A 54 3.51 -3.41 -4.88
CA MET A 54 3.87 -4.17 -6.07
C MET A 54 5.38 -4.24 -6.24
N LYS A 55 6.08 -3.26 -5.68
CA LYS A 55 7.54 -3.22 -5.77
C LYS A 55 8.16 -4.26 -4.84
N VAL A 56 7.62 -4.39 -3.64
CA VAL A 56 8.12 -5.35 -2.66
C VAL A 56 7.99 -6.77 -3.18
N GLY A 57 6.99 -7.01 -4.01
CA GLY A 57 6.77 -8.33 -4.57
C GLY A 57 5.36 -8.84 -4.31
N TYR A 58 4.39 -7.94 -4.31
CA TYR A 58 3.01 -8.31 -4.06
C TYR A 58 2.06 -7.45 -4.89
N HIS A 59 1.32 -8.09 -5.79
CA HIS A 59 0.38 -7.38 -6.65
C HIS A 59 -0.91 -7.07 -5.89
N LYS A 60 -1.67 -6.11 -6.40
CA LYS A 60 -2.93 -5.71 -5.79
C LYS A 60 -3.97 -6.82 -5.91
N SER A 61 -4.20 -7.28 -7.14
CA SER A 61 -5.17 -8.33 -7.40
C SER A 61 -4.76 -9.63 -6.70
N LEU A 62 -3.45 -9.85 -6.60
CA LEU A 62 -2.93 -11.04 -5.96
C LEU A 62 -2.94 -10.89 -4.43
N TYR A 63 -2.66 -9.68 -3.97
CA TYR A 63 -2.63 -9.40 -2.53
C TYR A 63 -3.27 -8.05 -2.23
N ARG A 64 -4.05 -7.99 -1.16
CA ARG A 64 -4.71 -6.76 -0.75
C ARG A 64 -4.12 -6.22 0.55
N LEU A 65 -4.61 -5.07 0.98
CA LEU A 65 -4.14 -4.45 2.22
C LEU A 65 -5.25 -4.37 3.26
N SER A 66 -4.86 -4.32 4.53
CA SER A 66 -5.82 -4.24 5.61
C SER A 66 -5.19 -3.65 6.87
N THR A 67 -6.02 -3.25 7.82
CA THR A 67 -5.54 -2.67 9.07
C THR A 67 -5.42 -3.73 10.16
N SER A 68 -4.74 -3.38 11.25
CA SER A 68 -4.55 -4.30 12.36
C SER A 68 -5.80 -4.37 13.23
N PHE A 69 -5.87 -5.39 14.08
CA PHE A 69 -7.02 -5.56 14.97
C PHE A 69 -7.57 -4.21 15.43
N PRO A 70 -8.85 -3.97 15.16
CA PRO A 70 -9.71 -4.94 14.47
C PRO A 70 -9.34 -5.10 13.00
N ARG A 71 -9.22 -6.35 12.55
CA ARG A 71 -8.87 -6.63 11.17
C ARG A 71 -9.98 -6.21 10.23
N ARG A 72 -9.66 -5.30 9.30
CA ARG A 72 -10.64 -4.82 8.34
C ARG A 72 -9.96 -4.43 7.03
N ALA A 73 -10.61 -4.76 5.91
CA ALA A 73 -10.08 -4.44 4.60
C ALA A 73 -10.19 -2.94 4.30
N LEU A 74 -9.06 -2.30 4.04
CA LEU A 74 -9.04 -0.87 3.74
C LEU A 74 -9.39 -0.62 2.28
N GLU A 75 -10.27 0.37 2.05
CA GLU A 75 -10.68 0.71 0.70
C GLU A 75 -9.92 1.92 0.18
N VAL A 76 -8.77 1.67 -0.44
CA VAL A 76 -7.94 2.74 -0.98
C VAL A 76 -8.77 3.73 -1.77
N GLU A 77 -9.01 4.91 -1.19
CA GLU A 77 -9.80 5.95 -1.85
C GLU A 77 -8.96 6.68 -2.89
N GLY A 78 -9.63 7.19 -3.92
CA GLY A 78 -8.93 7.92 -4.97
C GLY A 78 -8.85 9.40 -4.69
N GLY A 79 -9.72 9.89 -3.81
CA GLY A 79 -9.73 11.31 -3.48
C GLY A 79 -9.18 11.57 -2.09
N SER A 80 -9.57 10.74 -1.13
CA SER A 80 -9.13 10.90 0.24
C SER A 80 -7.67 10.51 0.39
N SER A 81 -6.86 11.41 0.95
CA SER A 81 -5.44 11.15 1.15
C SER A 81 -5.21 10.22 2.34
N LEU A 82 -3.94 9.93 2.61
CA LEU A 82 -3.59 9.05 3.72
C LEU A 82 -4.17 9.56 5.03
N GLU A 83 -4.09 10.88 5.24
CA GLU A 83 -4.61 11.49 6.45
C GLU A 83 -6.14 11.50 6.44
N ASP A 84 -6.71 11.66 5.26
CA ASP A 84 -8.16 11.69 5.11
C ASP A 84 -8.78 10.33 5.46
N ILE A 85 -8.08 9.26 5.10
CA ILE A 85 -8.55 7.91 5.39
C ILE A 85 -8.36 7.56 6.86
N GLY A 86 -7.36 8.19 7.49
CA GLY A 86 -7.10 7.94 8.89
C GLY A 86 -5.68 7.46 9.13
N ILE A 87 -4.72 8.16 8.53
CA ILE A 87 -3.31 7.80 8.68
C ILE A 87 -2.48 9.01 9.10
N THR A 88 -2.72 9.50 10.32
CA THR A 88 -1.99 10.64 10.83
C THR A 88 -0.90 10.22 11.81
N VAL A 89 -0.98 8.97 12.27
CA VAL A 89 -0.01 8.44 13.21
C VAL A 89 0.41 7.03 12.82
N ASP A 90 1.56 6.61 13.35
CA ASP A 90 2.08 5.28 13.06
C ASP A 90 0.95 4.27 12.90
N THR A 91 0.99 3.50 11.81
CA THR A 91 -0.03 2.50 11.54
C THR A 91 0.57 1.26 10.87
N VAL A 92 0.10 0.08 11.26
CA VAL A 92 0.59 -1.16 10.69
C VAL A 92 -0.46 -1.80 9.81
N LEU A 93 -0.07 -2.16 8.59
CA LEU A 93 -0.98 -2.79 7.64
C LEU A 93 -0.71 -4.29 7.53
N ASN A 94 -1.54 -4.98 6.75
CA ASN A 94 -1.38 -6.42 6.56
C ASN A 94 -1.62 -6.79 5.10
N VAL A 95 -0.78 -7.68 4.58
CA VAL A 95 -0.90 -8.13 3.20
C VAL A 95 -1.24 -9.61 3.13
N GLU A 96 -2.45 -9.91 2.66
CA GLU A 96 -2.90 -11.29 2.55
C GLU A 96 -3.59 -11.53 1.22
N GLU A 97 -3.32 -12.68 0.61
CA GLU A 97 -3.92 -13.02 -0.68
C GLU A 97 -5.36 -12.51 -0.76
N LYS A 98 -5.82 -12.26 -1.98
CA LYS A 98 -7.17 -11.77 -2.20
C LYS A 98 -8.17 -12.92 -2.29
N GLU A 99 -7.80 -14.06 -1.72
CA GLU A 99 -8.66 -15.24 -1.74
C GLU A 99 -9.07 -15.63 -0.32
N GLN A 100 -8.12 -15.54 0.61
CA GLN A 100 -8.38 -15.89 2.00
C GLN A 100 -8.84 -17.33 2.12
N SER A 101 -8.19 -18.23 1.39
CA SER A 101 -8.54 -19.64 1.41
C SER A 101 -7.33 -20.51 1.10
N SER A 102 -7.37 -21.77 1.53
CA SER A 102 -6.28 -22.70 1.29
C SER A 102 -6.28 -23.19 -0.16
N GLN A 103 -5.10 -23.53 -0.66
CA GLN A 103 -4.97 -24.01 -2.03
C GLN A 103 -4.00 -25.18 -2.10
N SER A 104 -4.40 -26.23 -2.82
CA SER A 104 -3.57 -27.42 -2.96
C SER A 104 -4.06 -28.29 -4.12
N GLY A 105 -3.14 -28.60 -5.04
CA GLY A 105 -3.49 -29.42 -6.18
C GLY A 105 -2.30 -29.73 -7.07
N PRO A 106 -1.44 -30.65 -6.62
CA PRO A 106 -0.24 -31.03 -7.36
C PRO A 106 -0.57 -31.82 -8.62
N SER A 107 -1.86 -31.99 -8.89
CA SER A 107 -2.32 -32.74 -10.05
C SER A 107 -1.48 -32.37 -11.28
N SER A 108 -1.02 -33.39 -11.99
CA SER A 108 -0.20 -33.18 -13.19
C SER A 108 -0.87 -33.81 -14.42
N GLY A 109 -1.39 -35.01 -14.24
CA GLY A 109 -2.06 -35.70 -15.35
C GLY A 109 -1.09 -36.05 -16.46
#